data_1PZV
# 
_entry.id   1PZV 
# 
_audit_conform.dict_name       mmcif_pdbx.dic 
_audit_conform.dict_version    5.376 
_audit_conform.dict_location   http://mmcif.pdb.org/dictionaries/ascii/mmcif_pdbx.dic 
# 
loop_
_database_2.database_id 
_database_2.database_code 
_database_2.pdbx_database_accession 
_database_2.pdbx_DOI 
PDB   1PZV         pdb_00001pzv 10.2210/pdb1pzv/pdb 
RCSB  RCSB019739   ?            ?                   
WWPDB D_1000019739 ?            ?                   
# 
_pdbx_database_related.db_name        TargetDB 
_pdbx_database_related.db_id          F58A4.10 
_pdbx_database_related.details        . 
_pdbx_database_related.content_type   unspecified 
# 
_pdbx_database_status.status_code                     REL 
_pdbx_database_status.entry_id                        1PZV 
_pdbx_database_status.recvd_initial_deposition_date   2003-07-14 
_pdbx_database_status.deposit_site                    RCSB 
_pdbx_database_status.process_site                    RCSB 
_pdbx_database_status.SG_entry                        Y 
_pdbx_database_status.status_code_sf                  REL 
_pdbx_database_status.pdb_format_compatible           Y 
_pdbx_database_status.status_code_mr                  ? 
_pdbx_database_status.status_code_cs                  ? 
_pdbx_database_status.status_code_nmr_data            ? 
_pdbx_database_status.methods_development_category    ? 
# 
loop_
_audit_author.name 
_audit_author.pdbx_ordinal 
'Schormann, N.'                                           1  
'Lin, G.'                                                 2  
'Li, S.'                                                  3  
'Symersky, J.'                                            4  
'Qiu, S.'                                                 5  
'Finley, J.'                                              6  
'Luo, D.'                                                 7  
'Stanton, A.'                                             8  
'Carson, M.'                                              9  
'Luo, M.'                                                 10 
'Southeast Collaboratory for Structural Genomics (SECSG)' 11 
# 
_citation.id                        primary 
_citation.title                     
'Crystal structures of two UBC (E2) enzymes of the ubiquitin-conjugating system in Caenorhabditis elegans' 
_citation.journal_abbrev            'To be Published' 
_citation.journal_volume            ? 
_citation.page_first                ? 
_citation.page_last                 ? 
_citation.year                      ? 
_citation.journal_id_ASTM           ? 
_citation.country                   ? 
_citation.journal_id_ISSN           ? 
_citation.journal_id_CSD            0353 
_citation.book_publisher            ? 
_citation.pdbx_database_id_PubMed   ? 
_citation.pdbx_database_id_DOI      ? 
# 
loop_
_citation_author.citation_id 
_citation_author.name 
_citation_author.ordinal 
_citation_author.identifier_ORCID 
primary 'Schormann, N.' 1  ? 
primary 'Lin, G.'       2  ? 
primary 'Li, S.'        3  ? 
primary 'Symersky, J.'  4  ? 
primary 'Qiu, S.'       5  ? 
primary 'Finley, J.'    6  ? 
primary 'Luo, D.'       7  ? 
primary 'Stanton, A.'   8  ? 
primary 'Carson, M.'    9  ? 
primary 'Luo, M.'       10 ? 
primary 'DeLucas, L.'   11 ? 
primary 'Pruett, P.'    12 ? 
primary 'Nagy, L.'      13 ? 
primary 'Arabashi, A.'  14 ? 
primary 'Gray, R.'      15 ? 
primary 'Johnson, D.'   16 ? 
primary 'Tsao, J.'      17 ? 
primary 'Bunzel, B.'    18 ? 
primary 'Huang, W.'     19 ? 
primary 'Shang, Q.'     20 ? 
primary 'Luan, C.-H.'   21 ? 
primary 'Lu, S.'        22 ? 
primary 'Zhang, J.'     23 ? 
primary 'McKinstry, A.' 24 ? 
primary 'Chen, H.'      25 ? 
# 
_cell.entry_id           1PZV 
_cell.length_a           48.474 
_cell.length_b           52.184 
_cell.length_c           68.882 
_cell.angle_alpha        90.00 
_cell.angle_beta         90.00 
_cell.angle_gamma        90.00 
_cell.Z_PDB              4 
_cell.pdbx_unique_axis   ? 
# 
_symmetry.entry_id                         1PZV 
_symmetry.space_group_name_H-M             'P 21 21 21' 
_symmetry.pdbx_full_space_group_name_H-M   ? 
_symmetry.cell_setting                     ? 
_symmetry.Int_Tables_number                19 
# 
loop_
_entity.id 
_entity.type 
_entity.src_method 
_entity.pdbx_description 
_entity.formula_weight 
_entity.pdbx_number_of_molecules 
_entity.pdbx_ec 
_entity.pdbx_mutation 
_entity.pdbx_fragment 
_entity.details 
1 polymer man 'Probable ubiquitin-conjugating enzyme E2-19 kDa' 18962.598 1  6.3.2.19 ? ? ? 
2 water   nat water                                             18.015    41 ?        ? ? ? 
# 
_entity_name_com.entity_id   1 
_entity_name_com.name        'Ubiquitin-protein ligase, Ubiquitin carrier protein' 
# 
_entity_poly.entity_id                      1 
_entity_poly.type                           'polypeptide(L)' 
_entity_poly.nstd_linkage                   no 
_entity_poly.nstd_monomer                   no 
_entity_poly.pdbx_seq_one_letter_code       
;MEQSSLLLKKQLADMRRVPVDGFSAGLVDDNDIYKWEVLVIGPPDTLYEGGFFKAILDFPRDYPQKPPKMKFISEIWHPN
IDKEGNVCISILHDPGDDKWGYERPEERWLPVHTVETILLSVISMLTDPNFESPANVDAAKMQRENYAEFKKKVAQCVRR
SQEE
;
_entity_poly.pdbx_seq_one_letter_code_can   
;MEQSSLLLKKQLADMRRVPVDGFSAGLVDDNDIYKWEVLVIGPPDTLYEGGFFKAILDFPRDYPQKPPKMKFISEIWHPN
IDKEGNVCISILHDPGDDKWGYERPEERWLPVHTVETILLSVISMLTDPNFESPANVDAAKMQRENYAEFKKKVAQCVRR
SQEE
;
_entity_poly.pdbx_strand_id                 A 
_entity_poly.pdbx_target_identifier         F58A4.10 
# 
loop_
_entity_poly_seq.entity_id 
_entity_poly_seq.num 
_entity_poly_seq.mon_id 
_entity_poly_seq.hetero 
1 1   MET n 
1 2   GLU n 
1 3   GLN n 
1 4   SER n 
1 5   SER n 
1 6   LEU n 
1 7   LEU n 
1 8   LEU n 
1 9   LYS n 
1 10  LYS n 
1 11  GLN n 
1 12  LEU n 
1 13  ALA n 
1 14  ASP n 
1 15  MET n 
1 16  ARG n 
1 17  ARG n 
1 18  VAL n 
1 19  PRO n 
1 20  VAL n 
1 21  ASP n 
1 22  GLY n 
1 23  PHE n 
1 24  SER n 
1 25  ALA n 
1 26  GLY n 
1 27  LEU n 
1 28  VAL n 
1 29  ASP n 
1 30  ASP n 
1 31  ASN n 
1 32  ASP n 
1 33  ILE n 
1 34  TYR n 
1 35  LYS n 
1 36  TRP n 
1 37  GLU n 
1 38  VAL n 
1 39  LEU n 
1 40  VAL n 
1 41  ILE n 
1 42  GLY n 
1 43  PRO n 
1 44  PRO n 
1 45  ASP n 
1 46  THR n 
1 47  LEU n 
1 48  TYR n 
1 49  GLU n 
1 50  GLY n 
1 51  GLY n 
1 52  PHE n 
1 53  PHE n 
1 54  LYS n 
1 55  ALA n 
1 56  ILE n 
1 57  LEU n 
1 58  ASP n 
1 59  PHE n 
1 60  PRO n 
1 61  ARG n 
1 62  ASP n 
1 63  TYR n 
1 64  PRO n 
1 65  GLN n 
1 66  LYS n 
1 67  PRO n 
1 68  PRO n 
1 69  LYS n 
1 70  MET n 
1 71  LYS n 
1 72  PHE n 
1 73  ILE n 
1 74  SER n 
1 75  GLU n 
1 76  ILE n 
1 77  TRP n 
1 78  HIS n 
1 79  PRO n 
1 80  ASN n 
1 81  ILE n 
1 82  ASP n 
1 83  LYS n 
1 84  GLU n 
1 85  GLY n 
1 86  ASN n 
1 87  VAL n 
1 88  CYS n 
1 89  ILE n 
1 90  SER n 
1 91  ILE n 
1 92  LEU n 
1 93  HIS n 
1 94  ASP n 
1 95  PRO n 
1 96  GLY n 
1 97  ASP n 
1 98  ASP n 
1 99  LYS n 
1 100 TRP n 
1 101 GLY n 
1 102 TYR n 
1 103 GLU n 
1 104 ARG n 
1 105 PRO n 
1 106 GLU n 
1 107 GLU n 
1 108 ARG n 
1 109 TRP n 
1 110 LEU n 
1 111 PRO n 
1 112 VAL n 
1 113 HIS n 
1 114 THR n 
1 115 VAL n 
1 116 GLU n 
1 117 THR n 
1 118 ILE n 
1 119 LEU n 
1 120 LEU n 
1 121 SER n 
1 122 VAL n 
1 123 ILE n 
1 124 SER n 
1 125 MET n 
1 126 LEU n 
1 127 THR n 
1 128 ASP n 
1 129 PRO n 
1 130 ASN n 
1 131 PHE n 
1 132 GLU n 
1 133 SER n 
1 134 PRO n 
1 135 ALA n 
1 136 ASN n 
1 137 VAL n 
1 138 ASP n 
1 139 ALA n 
1 140 ALA n 
1 141 LYS n 
1 142 MET n 
1 143 GLN n 
1 144 ARG n 
1 145 GLU n 
1 146 ASN n 
1 147 TYR n 
1 148 ALA n 
1 149 GLU n 
1 150 PHE n 
1 151 LYS n 
1 152 LYS n 
1 153 LYS n 
1 154 VAL n 
1 155 ALA n 
1 156 GLN n 
1 157 CYS n 
1 158 VAL n 
1 159 ARG n 
1 160 ARG n 
1 161 SER n 
1 162 GLN n 
1 163 GLU n 
1 164 GLU n 
# 
_entity_src_gen.entity_id                          1 
_entity_src_gen.pdbx_src_id                        1 
_entity_src_gen.pdbx_alt_source_flag               sample 
_entity_src_gen.pdbx_seq_type                      ? 
_entity_src_gen.pdbx_beg_seq_num                   ? 
_entity_src_gen.pdbx_end_seq_num                   ? 
_entity_src_gen.gene_src_common_name               ? 
_entity_src_gen.gene_src_genus                     Caenorhabditis 
_entity_src_gen.pdbx_gene_src_gene                 F58A4.10 
_entity_src_gen.gene_src_species                   ? 
_entity_src_gen.gene_src_strain                    ? 
_entity_src_gen.gene_src_tissue                    ? 
_entity_src_gen.gene_src_tissue_fraction           ? 
_entity_src_gen.gene_src_details                   ? 
_entity_src_gen.pdbx_gene_src_fragment             ? 
_entity_src_gen.pdbx_gene_src_scientific_name      'Caenorhabditis elegans' 
_entity_src_gen.pdbx_gene_src_ncbi_taxonomy_id     6239 
_entity_src_gen.pdbx_gene_src_variant              ? 
_entity_src_gen.pdbx_gene_src_cell_line            ? 
_entity_src_gen.pdbx_gene_src_atcc                 ? 
_entity_src_gen.pdbx_gene_src_organ                ? 
_entity_src_gen.pdbx_gene_src_organelle            ? 
_entity_src_gen.pdbx_gene_src_cell                 ? 
_entity_src_gen.pdbx_gene_src_cellular_location    ? 
_entity_src_gen.host_org_common_name               ? 
_entity_src_gen.pdbx_host_org_scientific_name      'Escherichia coli BL21(DE3)' 
_entity_src_gen.pdbx_host_org_ncbi_taxonomy_id     469008 
_entity_src_gen.host_org_genus                     Escherichia 
_entity_src_gen.pdbx_host_org_gene                 ? 
_entity_src_gen.pdbx_host_org_organ                ? 
_entity_src_gen.host_org_species                   'Escherichia coli' 
_entity_src_gen.pdbx_host_org_tissue               ? 
_entity_src_gen.pdbx_host_org_tissue_fraction      ? 
_entity_src_gen.pdbx_host_org_strain               'BL21(DE3)' 
_entity_src_gen.pdbx_host_org_variant              ? 
_entity_src_gen.pdbx_host_org_cell_line            ? 
_entity_src_gen.pdbx_host_org_atcc                 ? 
_entity_src_gen.pdbx_host_org_culture_collection   ? 
_entity_src_gen.pdbx_host_org_cell                 ? 
_entity_src_gen.pdbx_host_org_organelle            ? 
_entity_src_gen.pdbx_host_org_cellular_location    ? 
_entity_src_gen.pdbx_host_org_vector_type          Plasmid 
_entity_src_gen.pdbx_host_org_vector               ? 
_entity_src_gen.host_org_details                   ? 
_entity_src_gen.expression_system_id               ? 
_entity_src_gen.plasmid_name                       pET28b 
_entity_src_gen.plasmid_details                    ? 
_entity_src_gen.pdbx_description                   ? 
# 
_struct_ref.id                         1 
_struct_ref.db_name                    UNP 
_struct_ref.db_code                    UBC7_CAEEL 
_struct_ref.pdbx_db_accession          P34477 
_struct_ref.entity_id                  1 
_struct_ref.pdbx_seq_one_letter_code   
;MEQSSLLLKKQLADMRRVPVDGFSAGLVDDNDIYKWEVLVIGPPDTLYEGGFFKAILDFPRDYPQKPPKMKFISEIWHPN
IDKEGNVCISILHDPGDDKWGYERPEERWLPVHTVETILLSVISMLTDPNFESPANVDAAKMQRENYAEFKKKVAQCVRR
SQEE
;
_struct_ref.pdbx_align_begin           1 
_struct_ref.pdbx_db_isoform            ? 
# 
_struct_ref_seq.align_id                      1 
_struct_ref_seq.ref_id                        1 
_struct_ref_seq.pdbx_PDB_id_code              1PZV 
_struct_ref_seq.pdbx_strand_id                A 
_struct_ref_seq.seq_align_beg                 1 
_struct_ref_seq.pdbx_seq_align_beg_ins_code   ? 
_struct_ref_seq.seq_align_end                 164 
_struct_ref_seq.pdbx_seq_align_end_ins_code   ? 
_struct_ref_seq.pdbx_db_accession             P34477 
_struct_ref_seq.db_align_beg                  1 
_struct_ref_seq.pdbx_db_align_beg_ins_code    ? 
_struct_ref_seq.db_align_end                  164 
_struct_ref_seq.pdbx_db_align_end_ins_code    ? 
_struct_ref_seq.pdbx_auth_seq_align_beg       1 
_struct_ref_seq.pdbx_auth_seq_align_end       164 
# 
loop_
_chem_comp.id 
_chem_comp.type 
_chem_comp.mon_nstd_flag 
_chem_comp.name 
_chem_comp.pdbx_synonyms 
_chem_comp.formula 
_chem_comp.formula_weight 
ALA 'L-peptide linking' y ALANINE         ? 'C3 H7 N O2'     89.093  
ARG 'L-peptide linking' y ARGININE        ? 'C6 H15 N4 O2 1' 175.209 
ASN 'L-peptide linking' y ASPARAGINE      ? 'C4 H8 N2 O3'    132.118 
ASP 'L-peptide linking' y 'ASPARTIC ACID' ? 'C4 H7 N O4'     133.103 
CYS 'L-peptide linking' y CYSTEINE        ? 'C3 H7 N O2 S'   121.158 
GLN 'L-peptide linking' y GLUTAMINE       ? 'C5 H10 N2 O3'   146.144 
GLU 'L-peptide linking' y 'GLUTAMIC ACID' ? 'C5 H9 N O4'     147.129 
GLY 'peptide linking'   y GLYCINE         ? 'C2 H5 N O2'     75.067  
HIS 'L-peptide linking' y HISTIDINE       ? 'C6 H10 N3 O2 1' 156.162 
HOH non-polymer         . WATER           ? 'H2 O'           18.015  
ILE 'L-peptide linking' y ISOLEUCINE      ? 'C6 H13 N O2'    131.173 
LEU 'L-peptide linking' y LEUCINE         ? 'C6 H13 N O2'    131.173 
LYS 'L-peptide linking' y LYSINE          ? 'C6 H15 N2 O2 1' 147.195 
MET 'L-peptide linking' y METHIONINE      ? 'C5 H11 N O2 S'  149.211 
PHE 'L-peptide linking' y PHENYLALANINE   ? 'C9 H11 N O2'    165.189 
PRO 'L-peptide linking' y PROLINE         ? 'C5 H9 N O2'     115.130 
SER 'L-peptide linking' y SERINE          ? 'C3 H7 N O3'     105.093 
THR 'L-peptide linking' y THREONINE       ? 'C4 H9 N O3'     119.119 
TRP 'L-peptide linking' y TRYPTOPHAN      ? 'C11 H12 N2 O2'  204.225 
TYR 'L-peptide linking' y TYROSINE        ? 'C9 H11 N O3'    181.189 
VAL 'L-peptide linking' y VALINE          ? 'C5 H11 N O2'    117.146 
# 
_exptl.entry_id          1PZV 
_exptl.method            'X-RAY DIFFRACTION' 
_exptl.crystals_number   1 
# 
_exptl_crystal.id                    1 
_exptl_crystal.density_meas          ? 
_exptl_crystal.density_Matthews      2.30 
_exptl_crystal.density_percent_sol   46.42 
_exptl_crystal.description           ? 
# 
_exptl_crystal_grow.crystal_id      1 
_exptl_crystal_grow.method          'VAPOR DIFFUSION, HANGING DROP' 
_exptl_crystal_grow.temp            295 
_exptl_crystal_grow.temp_details    ? 
_exptl_crystal_grow.pH              9.4 
_exptl_crystal_grow.pdbx_details    
'PEG 5000 MME, CAPSO, glycerol, potassium thiocyanate, pH 9.4, VAPOR DIFFUSION, HANGING DROP, temperature 295K' 
_exptl_crystal_grow.pdbx_pH_range   . 
# 
_diffrn.id                     1 
_diffrn.ambient_temp           100 
_diffrn.ambient_temp_details   ? 
_diffrn.crystal_id             1 
# 
_diffrn_detector.diffrn_id              1 
_diffrn_detector.detector               CCD 
_diffrn_detector.type                   MARRESEARCH 
_diffrn_detector.pdbx_collection_date   2002-10-10 
_diffrn_detector.details                Mirrors 
# 
_diffrn_radiation.diffrn_id                        1 
_diffrn_radiation.wavelength_id                    1 
_diffrn_radiation.pdbx_monochromatic_or_laue_m_l   M 
_diffrn_radiation.monochromator                    'Double Crystal Monochromator Si-220' 
_diffrn_radiation.pdbx_diffrn_protocol             'SINGLE WAVELENGTH' 
_diffrn_radiation.pdbx_scattering_type             x-ray 
# 
_diffrn_radiation_wavelength.id           1 
_diffrn_radiation_wavelength.wavelength   1.105 
_diffrn_radiation_wavelength.wt           1.0 
# 
_diffrn_source.diffrn_id                   1 
_diffrn_source.source                      SYNCHROTRON 
_diffrn_source.type                        'APS BEAMLINE 22-ID' 
_diffrn_source.pdbx_synchrotron_site       APS 
_diffrn_source.pdbx_synchrotron_beamline   22-ID 
_diffrn_source.pdbx_wavelength             ? 
_diffrn_source.pdbx_wavelength_list        1.105 
# 
_reflns.entry_id                     1PZV 
_reflns.observed_criterion_sigma_I   0.0 
_reflns.observed_criterion_sigma_F   0.0 
_reflns.d_resolution_low             50.0 
_reflns.d_resolution_high            2.52 
_reflns.number_obs                   6215 
_reflns.number_all                   6215 
_reflns.percent_possible_obs         99.6 
_reflns.pdbx_Rmerge_I_obs            0.054 
_reflns.pdbx_Rsym_value              ? 
_reflns.pdbx_netI_over_sigmaI        16.0 
_reflns.B_iso_Wilson_estimate        55.8 
_reflns.pdbx_redundancy              7.1 
_reflns.R_free_details               ? 
_reflns.limit_h_max                  ? 
_reflns.limit_h_min                  ? 
_reflns.limit_k_max                  ? 
_reflns.limit_k_min                  ? 
_reflns.limit_l_max                  ? 
_reflns.limit_l_min                  ? 
_reflns.observed_criterion_F_max     ? 
_reflns.observed_criterion_F_min     ? 
_reflns.pdbx_diffrn_id               1 
_reflns.pdbx_ordinal                 1 
# 
_reflns_shell.d_res_high             2.52 
_reflns_shell.d_res_low              2.59 
_reflns_shell.percent_possible_all   99.6 
_reflns_shell.Rmerge_I_obs           0.336 
_reflns_shell.pdbx_Rsym_value        ? 
_reflns_shell.meanI_over_sigI_obs    ? 
_reflns_shell.pdbx_redundancy        ? 
_reflns_shell.percent_possible_obs   ? 
_reflns_shell.number_unique_all      601 
_reflns_shell.pdbx_diffrn_id         ? 
_reflns_shell.pdbx_ordinal           1 
# 
_refine.entry_id                                 1PZV 
_refine.ls_number_reflns_obs                     5401 
_refine.ls_number_reflns_all                     5401 
_refine.pdbx_ls_sigma_I                          ? 
_refine.pdbx_ls_sigma_F                          1.0 
_refine.pdbx_data_cutoff_high_absF               500016.78 
_refine.pdbx_data_cutoff_low_absF                0.000000 
_refine.pdbx_data_cutoff_high_rms_absF           500016.78 
_refine.ls_d_res_low                             19.82 
_refine.ls_d_res_high                            2.52 
_refine.ls_percent_reflns_obs                    85.9 
_refine.ls_R_factor_obs                          0.241 
_refine.ls_R_factor_all                          0.252 
_refine.ls_R_factor_R_work                       0.241 
_refine.ls_R_factor_R_free                       0.289 
_refine.ls_R_factor_R_free_error                 0.016 
_refine.ls_R_factor_R_free_error_details         ? 
_refine.ls_percent_reflns_R_free                 5.8 
_refine.ls_number_reflns_R_free                  311 
_refine.ls_number_parameters                     ? 
_refine.ls_number_restraints                     ? 
_refine.occupancy_min                            ? 
_refine.occupancy_max                            ? 
_refine.correlation_coeff_Fo_to_Fc               ? 
_refine.correlation_coeff_Fo_to_Fc_free          ? 
_refine.B_iso_mean                               68.9 
_refine.aniso_B[1][1]                            -28.85 
_refine.aniso_B[2][2]                            -23.61 
_refine.aniso_B[3][3]                            52.46 
_refine.aniso_B[1][2]                            0.00 
_refine.aniso_B[1][3]                            0.00 
_refine.aniso_B[2][3]                            0.00 
_refine.solvent_model_details                    'FLAT MODEL' 
_refine.solvent_model_param_ksol                 0.337704 
_refine.solvent_model_param_bsol                 52.2738 
_refine.pdbx_solvent_vdw_probe_radii             ? 
_refine.pdbx_solvent_ion_probe_radii             ? 
_refine.pdbx_solvent_shrinkage_radii             ? 
_refine.pdbx_ls_cross_valid_method               THROUGHOUT 
_refine.details                                  ? 
_refine.pdbx_starting_model                      'PDB ENTRY 2UCZ' 
_refine.pdbx_method_to_determine_struct          'MOLECULAR REPLACEMENT' 
_refine.pdbx_isotropic_thermal_model             RESTRAINED 
_refine.pdbx_stereochemistry_target_values       'Engh & Huber' 
_refine.pdbx_stereochem_target_val_spec_case     ? 
_refine.pdbx_R_Free_selection_details            RANDOM 
_refine.pdbx_overall_ESU_R                       ? 
_refine.pdbx_overall_ESU_R_Free                  ? 
_refine.overall_SU_ML                            ? 
_refine.overall_SU_B                             ? 
_refine.ls_redundancy_reflns_obs                 ? 
_refine.B_iso_min                                ? 
_refine.B_iso_max                                ? 
_refine.overall_SU_R_Cruickshank_DPI             ? 
_refine.overall_SU_R_free                        ? 
_refine.pdbx_refine_id                           'X-RAY DIFFRACTION' 
_refine.pdbx_diffrn_id                           1 
_refine.pdbx_TLS_residual_ADP_flag               ? 
_refine.pdbx_overall_phase_error                 ? 
_refine.pdbx_overall_SU_R_free_Cruickshank_DPI   ? 
_refine.pdbx_overall_SU_R_Blow_DPI               ? 
_refine.pdbx_overall_SU_R_free_Blow_DPI          ? 
# 
_refine_analyze.entry_id                        1PZV 
_refine_analyze.Luzzati_coordinate_error_obs    0.42 
_refine_analyze.Luzzati_sigma_a_obs             0.80 
_refine_analyze.Luzzati_d_res_low_obs           5.0 
_refine_analyze.Luzzati_coordinate_error_free   0.52 
_refine_analyze.Luzzati_sigma_a_free            0.71 
_refine_analyze.Luzzati_d_res_low_free          ? 
_refine_analyze.number_disordered_residues      ? 
_refine_analyze.occupancy_sum_hydrogen          ? 
_refine_analyze.occupancy_sum_non_hydrogen      ? 
_refine_analyze.pdbx_Luzzati_d_res_high_obs     ? 
_refine_analyze.pdbx_refine_id                  'X-RAY DIFFRACTION' 
# 
_refine_hist.pdbx_refine_id                   'X-RAY DIFFRACTION' 
_refine_hist.cycle_id                         LAST 
_refine_hist.pdbx_number_atoms_protein        1229 
_refine_hist.pdbx_number_atoms_nucleic_acid   0 
_refine_hist.pdbx_number_atoms_ligand         0 
_refine_hist.number_atoms_solvent             41 
_refine_hist.number_atoms_total               1270 
_refine_hist.d_res_high                       2.52 
_refine_hist.d_res_low                        19.82 
# 
loop_
_refine_ls_restr.type 
_refine_ls_restr.dev_ideal 
_refine_ls_restr.dev_ideal_target 
_refine_ls_restr.weight 
_refine_ls_restr.number 
_refine_ls_restr.pdbx_refine_id 
_refine_ls_restr.pdbx_restraint_function 
c_bond_d           0.008 ?    ? ? 'X-RAY DIFFRACTION' ? 
c_angle_deg        1.5   ?    ? ? 'X-RAY DIFFRACTION' ? 
c_dihedral_angle_d 23.5  ?    ? ? 'X-RAY DIFFRACTION' ? 
c_improper_angle_d 1.54  ?    ? ? 'X-RAY DIFFRACTION' ? 
c_mcbond_it        1.51  1.50 ? ? 'X-RAY DIFFRACTION' ? 
c_mcangle_it       2.62  2.00 ? ? 'X-RAY DIFFRACTION' ? 
c_scbond_it        2.02  2.00 ? ? 'X-RAY DIFFRACTION' ? 
c_scangle_it       3.21  2.50 ? ? 'X-RAY DIFFRACTION' ? 
# 
_refine_ls_shell.pdbx_total_number_of_bins_used   6 
_refine_ls_shell.d_res_high                       2.52 
_refine_ls_shell.d_res_low                        2.66 
_refine_ls_shell.number_reflns_R_work             562 
_refine_ls_shell.R_factor_R_work                  0.448 
_refine_ls_shell.percent_reflns_obs               56.8 
_refine_ls_shell.R_factor_R_free                  0.45 
_refine_ls_shell.R_factor_R_free_error            0.082 
_refine_ls_shell.percent_reflns_R_free            5.1 
_refine_ls_shell.number_reflns_R_free             30 
_refine_ls_shell.number_reflns_obs                592 
_refine_ls_shell.redundancy_reflns_obs            ? 
_refine_ls_shell.number_reflns_all                ? 
_refine_ls_shell.pdbx_refine_id                   'X-RAY DIFFRACTION' 
_refine_ls_shell.R_factor_all                     ? 
# 
loop_
_pdbx_xplor_file.serial_no 
_pdbx_xplor_file.param_file 
_pdbx_xplor_file.topol_file 
_pdbx_xplor_file.pdbx_refine_id 
1 PROTEIN_REP.PARAM PROTEIN.TOP 'X-RAY DIFFRACTION' 
2 WATER_REP.PARAM   WATER.TOP   'X-RAY DIFFRACTION' 
# 
_struct.entry_id                  1PZV 
_struct.title                     
'Crystal structures of two UBC (E2) enzymes of the ubiquitin-conjugating system in Caenorhabditis elegans' 
_struct.pdbx_model_details        ? 
_struct.pdbx_CASP_flag            ? 
_struct.pdbx_model_type_details   ? 
# 
_struct_keywords.entry_id        1PZV 
_struct_keywords.pdbx_keywords   LIGASE 
_struct_keywords.text            
;alpha-beta(4)-alpha(3), core, meander beta-sheet plus one helix 2, Structural Genomics, PSI, Protein Structure Initiative, Southeast Collaboratory for Structural Genomics, SECSG, ligase
;
# 
loop_
_struct_asym.id 
_struct_asym.pdbx_blank_PDB_chainid_flag 
_struct_asym.pdbx_modified 
_struct_asym.entity_id 
_struct_asym.details 
A N N 1 ? 
B N N 2 ? 
# 
loop_
_struct_conf.conf_type_id 
_struct_conf.id 
_struct_conf.pdbx_PDB_helix_id 
_struct_conf.beg_label_comp_id 
_struct_conf.beg_label_asym_id 
_struct_conf.beg_label_seq_id 
_struct_conf.pdbx_beg_PDB_ins_code 
_struct_conf.end_label_comp_id 
_struct_conf.end_label_asym_id 
_struct_conf.end_label_seq_id 
_struct_conf.pdbx_end_PDB_ins_code 
_struct_conf.beg_auth_comp_id 
_struct_conf.beg_auth_asym_id 
_struct_conf.beg_auth_seq_id 
_struct_conf.end_auth_comp_id 
_struct_conf.end_auth_asym_id 
_struct_conf.end_auth_seq_id 
_struct_conf.pdbx_PDB_helix_class 
_struct_conf.details 
_struct_conf.pdbx_PDB_helix_length 
HELX_P HELX_P1 1 SER A 4   ? VAL A 18  ? SER A 4   VAL A 18  1 ? 15 
HELX_P HELX_P2 2 ASP A 62  ? LYS A 66  ? ASP A 62  LYS A 66  5 ? 5  
HELX_P HELX_P3 3 ILE A 89  ? HIS A 93  ? ILE A 89  HIS A 93  5 ? 5  
HELX_P HELX_P4 4 THR A 114 ? ASP A 128 ? THR A 114 ASP A 128 1 ? 15 
HELX_P HELX_P5 5 ASN A 136 ? GLU A 145 ? ASN A 136 GLU A 145 1 ? 10 
HELX_P HELX_P6 6 ASN A 146 ? GLN A 162 ? ASN A 146 GLN A 162 1 ? 17 
# 
_struct_conf_type.id          HELX_P 
_struct_conf_type.criteria    ? 
_struct_conf_type.reference   ? 
# 
_struct_sheet.id               A 
_struct_sheet.type             ? 
_struct_sheet.number_strands   4 
_struct_sheet.details          ? 
# 
loop_
_struct_sheet_order.sheet_id 
_struct_sheet_order.range_id_1 
_struct_sheet_order.range_id_2 
_struct_sheet_order.offset 
_struct_sheet_order.sense 
A 1 2 ? anti-parallel 
A 2 3 ? anti-parallel 
A 3 4 ? anti-parallel 
# 
loop_
_struct_sheet_range.sheet_id 
_struct_sheet_range.id 
_struct_sheet_range.beg_label_comp_id 
_struct_sheet_range.beg_label_asym_id 
_struct_sheet_range.beg_label_seq_id 
_struct_sheet_range.pdbx_beg_PDB_ins_code 
_struct_sheet_range.end_label_comp_id 
_struct_sheet_range.end_label_asym_id 
_struct_sheet_range.end_label_seq_id 
_struct_sheet_range.pdbx_end_PDB_ins_code 
_struct_sheet_range.beg_auth_comp_id 
_struct_sheet_range.beg_auth_asym_id 
_struct_sheet_range.beg_auth_seq_id 
_struct_sheet_range.end_auth_comp_id 
_struct_sheet_range.end_auth_asym_id 
_struct_sheet_range.end_auth_seq_id 
A 1 PHE A 23 ? LEU A 27 ? PHE A 23 LEU A 27 
A 2 LYS A 35 ? ILE A 41 ? LYS A 35 ILE A 41 
A 3 PHE A 52 ? ASP A 58 ? PHE A 52 ASP A 58 
A 4 LYS A 69 ? PHE A 72 ? LYS A 69 PHE A 72 
# 
loop_
_pdbx_struct_sheet_hbond.sheet_id 
_pdbx_struct_sheet_hbond.range_id_1 
_pdbx_struct_sheet_hbond.range_id_2 
_pdbx_struct_sheet_hbond.range_1_label_atom_id 
_pdbx_struct_sheet_hbond.range_1_label_comp_id 
_pdbx_struct_sheet_hbond.range_1_label_asym_id 
_pdbx_struct_sheet_hbond.range_1_label_seq_id 
_pdbx_struct_sheet_hbond.range_1_PDB_ins_code 
_pdbx_struct_sheet_hbond.range_1_auth_atom_id 
_pdbx_struct_sheet_hbond.range_1_auth_comp_id 
_pdbx_struct_sheet_hbond.range_1_auth_asym_id 
_pdbx_struct_sheet_hbond.range_1_auth_seq_id 
_pdbx_struct_sheet_hbond.range_2_label_atom_id 
_pdbx_struct_sheet_hbond.range_2_label_comp_id 
_pdbx_struct_sheet_hbond.range_2_label_asym_id 
_pdbx_struct_sheet_hbond.range_2_label_seq_id 
_pdbx_struct_sheet_hbond.range_2_PDB_ins_code 
_pdbx_struct_sheet_hbond.range_2_auth_atom_id 
_pdbx_struct_sheet_hbond.range_2_auth_comp_id 
_pdbx_struct_sheet_hbond.range_2_auth_asym_id 
_pdbx_struct_sheet_hbond.range_2_auth_seq_id 
A 1 2 N SER A 24 ? N SER A 24 O LEU A 39 ? O LEU A 39 
A 2 3 N VAL A 38 ? N VAL A 38 O ALA A 55 ? O ALA A 55 
A 3 4 N ASP A 58 ? N ASP A 58 O LYS A 69 ? O LYS A 69 
# 
_atom_sites.entry_id                    1PZV 
_atom_sites.fract_transf_matrix[1][1]   0.01003587 
_atom_sites.fract_transf_matrix[1][2]   -0.00960708 
_atom_sites.fract_transf_matrix[1][3]   -0.01525065 
_atom_sites.fract_transf_matrix[2][1]   -0.00491897 
_atom_sites.fract_transf_matrix[2][2]   -0.01695830 
_atom_sites.fract_transf_matrix[2][3]   0.00744582 
_atom_sites.fract_transf_matrix[3][1]   -0.01212455 
_atom_sites.fract_transf_matrix[3][2]   0.00001073 
_atom_sites.fract_transf_matrix[3][3]   -0.00798546 
_atom_sites.fract_transf_vector[1]      0.248473 
_atom_sites.fract_transf_vector[2]      0.037490 
_atom_sites.fract_transf_vector[3]      0.083692 
# 
loop_
_atom_type.symbol 
C 
N 
O 
S 
# 
loop_
_atom_site.group_PDB 
_atom_site.id 
_atom_site.type_symbol 
_atom_site.label_atom_id 
_atom_site.label_alt_id 
_atom_site.label_comp_id 
_atom_site.label_asym_id 
_atom_site.label_entity_id 
_atom_site.label_seq_id 
_atom_site.pdbx_PDB_ins_code 
_atom_site.Cartn_x 
_atom_site.Cartn_y 
_atom_site.Cartn_z 
_atom_site.occupancy 
_atom_site.B_iso_or_equiv 
_atom_site.pdbx_formal_charge 
_atom_site.auth_seq_id 
_atom_site.auth_comp_id 
_atom_site.auth_asym_id 
_atom_site.auth_atom_id 
_atom_site.pdbx_PDB_model_num 
ATOM   1    N N   . SER A 1 4   ? -2.408  -22.270 -3.077  1.00 56.08  ? 4   SER A N   1 
ATOM   2    C CA  . SER A 1 4   ? -2.985  -20.891 -3.156  1.00 59.99  ? 4   SER A CA  1 
ATOM   3    C C   . SER A 1 4   ? -3.518  -20.445 -1.804  1.00 60.44  ? 4   SER A C   1 
ATOM   4    O O   . SER A 1 4   ? -3.014  -19.493 -1.199  1.00 59.25  ? 4   SER A O   1 
ATOM   5    C CB  . SER A 1 4   ? -4.131  -20.843 -4.169  1.00 61.51  ? 4   SER A CB  1 
ATOM   6    O OG  . SER A 1 4   ? -4.805  -19.594 -4.103  1.00 62.69  ? 4   SER A OG  1 
ATOM   7    N N   . SER A 1 5   ? -4.562  -21.136 -1.349  1.00 61.35  ? 5   SER A N   1 
ATOM   8    C CA  . SER A 1 5   ? -5.171  -20.855 -0.062  1.00 61.38  ? 5   SER A CA  1 
ATOM   9    C C   . SER A 1 5   ? -4.186  -21.298 1.020   1.00 61.43  ? 5   SER A C   1 
ATOM   10   O O   . SER A 1 5   ? -4.212  -20.814 2.149   1.00 61.70  ? 5   SER A O   1 
ATOM   11   C CB  . SER A 1 5   ? -6.489  -21.625 0.067   1.00 62.17  ? 5   SER A CB  1 
ATOM   12   O OG  . SER A 1 5   ? -7.146  -21.346 1.299   1.00 63.18  ? 5   SER A OG  1 
ATOM   13   N N   . LEU A 1 6   ? -3.312  -22.225 0.656   1.00 61.54  ? 6   LEU A N   1 
ATOM   14   C CA  . LEU A 1 6   ? -2.314  -22.732 1.578   1.00 61.39  ? 6   LEU A CA  1 
ATOM   15   C C   . LEU A 1 6   ? -1.186  -21.706 1.721   1.00 60.41  ? 6   LEU A C   1 
ATOM   16   O O   . LEU A 1 6   ? -0.729  -21.424 2.833   1.00 59.14  ? 6   LEU A O   1 
ATOM   17   C CB  . LEU A 1 6   ? -1.783  -24.077 1.056   1.00 64.12  ? 6   LEU A CB  1 
ATOM   18   C CG  . LEU A 1 6   ? -0.678  -24.913 1.732   1.00 66.16  ? 6   LEU A CG  1 
ATOM   19   C CD1 . LEU A 1 6   ? 0.589   -24.832 0.883   1.00 66.33  ? 6   LEU A CD1 1 
ATOM   20   C CD2 . LEU A 1 6   ? -0.415  -24.455 3.167   1.00 66.48  ? 6   LEU A CD2 1 
ATOM   21   N N   . LEU A 1 7   ? -0.759  -21.136 0.599   1.00 58.22  ? 7   LEU A N   1 
ATOM   22   C CA  . LEU A 1 7   ? 0.318   -20.154 0.596   1.00 59.10  ? 7   LEU A CA  1 
ATOM   23   C C   . LEU A 1 7   ? -0.082  -18.883 1.346   1.00 59.77  ? 7   LEU A C   1 
ATOM   24   O O   . LEU A 1 7   ? 0.709   -18.338 2.125   1.00 58.51  ? 7   LEU A O   1 
ATOM   25   C CB  . LEU A 1 7   ? 0.716   -19.825 -0.850  1.00 60.20  ? 7   LEU A CB  1 
ATOM   26   C CG  . LEU A 1 7   ? 1.888   -18.876 -1.158  1.00 61.42  ? 7   LEU A CG  1 
ATOM   27   C CD1 . LEU A 1 7   ? 3.224   -19.425 -0.635  1.00 56.91  ? 7   LEU A CD1 1 
ATOM   28   C CD2 . LEU A 1 7   ? 1.944   -18.678 -2.669  1.00 60.38  ? 7   LEU A CD2 1 
ATOM   29   N N   . LEU A 1 8   ? -1.308  -18.413 1.115   1.00 60.32  ? 8   LEU A N   1 
ATOM   30   C CA  . LEU A 1 8   ? -1.799  -17.213 1.787   1.00 59.58  ? 8   LEU A CA  1 
ATOM   31   C C   . LEU A 1 8   ? -1.924  -17.425 3.283   1.00 59.32  ? 8   LEU A C   1 
ATOM   32   O O   . LEU A 1 8   ? -1.610  -16.528 4.063   1.00 60.62  ? 8   LEU A O   1 
ATOM   33   C CB  . LEU A 1 8   ? -3.154  -16.775 1.221   1.00 58.31  ? 8   LEU A CB  1 
ATOM   34   C CG  . LEU A 1 8   ? -3.093  -16.023 -0.113  1.00 59.43  ? 8   LEU A CG  1 
ATOM   35   C CD1 . LEU A 1 8   ? -4.495  -15.577 -0.543  1.00 58.13  ? 8   LEU A CD1 1 
ATOM   36   C CD2 . LEU A 1 8   ? -2.179  -14.813 0.037   1.00 59.02  ? 8   LEU A CD2 1 
ATOM   37   N N   . LYS A 1 9   ? -2.381  -18.602 3.694   1.00 58.41  ? 9   LYS A N   1 
ATOM   38   C CA  . LYS A 1 9   ? -2.516  -18.868 5.124   1.00 59.60  ? 9   LYS A CA  1 
ATOM   39   C C   . LYS A 1 9   ? -1.132  -18.818 5.763   1.00 58.72  ? 9   LYS A C   1 
ATOM   40   O O   . LYS A 1 9   ? -0.951  -18.294 6.866   1.00 58.19  ? 9   LYS A O   1 
ATOM   41   C CB  . LYS A 1 9   ? -3.171  -20.237 5.370   1.00 59.99  ? 9   LYS A CB  1 
ATOM   42   C CG  . LYS A 1 9   ? -4.663  -20.290 5.012   1.00 63.40  ? 9   LYS A CG  1 
ATOM   43   C CD  . LYS A 1 9   ? -5.242  -21.702 5.145   1.00 66.38  ? 9   LYS A CD  1 
ATOM   44   C CE  . LYS A 1 9   ? -6.670  -21.810 4.575   1.00 67.83  ? 9   LYS A CE  1 
ATOM   45   N NZ  . LYS A 1 9   ? -7.195  -23.225 4.568   1.00 67.34  ? 9   LYS A NZ  1 
ATOM   46   N N   . LYS A 1 10  ? -0.153  -19.356 5.049   1.00 58.42  ? 10  LYS A N   1 
ATOM   47   C CA  . LYS A 1 10  ? 1.220   -19.379 5.530   1.00 56.33  ? 10  LYS A CA  1 
ATOM   48   C C   . LYS A 1 10  ? 1.773   -17.959 5.579   1.00 55.13  ? 10  LYS A C   1 
ATOM   49   O O   . LYS A 1 10  ? 2.323   -17.550 6.597   1.00 53.78  ? 10  LYS A O   1 
ATOM   50   C CB  . LYS A 1 10  ? 2.087   -20.266 4.615   1.00 55.79  ? 10  LYS A CB  1 
ATOM   51   C CG  . LYS A 1 10  ? 3.587   -20.207 4.877   1.00 54.12  ? 10  LYS A CG  1 
ATOM   52   C CD  . LYS A 1 10  ? 3.933   -20.707 6.259   1.00 54.19  ? 10  LYS A CD  1 
ATOM   53   C CE  . LYS A 1 10  ? 5.338   -20.263 6.656   1.00 55.26  ? 10  LYS A CE  1 
ATOM   54   N NZ  . LYS A 1 10  ? 5.677   -20.619 8.071   1.00 54.67  ? 10  LYS A NZ  1 
ATOM   55   N N   . GLN A 1 11  ? 1.620   -17.212 4.485   1.00 54.07  ? 11  GLN A N   1 
ATOM   56   C CA  . GLN A 1 11  ? 2.125   -15.844 4.424   1.00 54.68  ? 11  GLN A CA  1 
ATOM   57   C C   . GLN A 1 11  ? 1.470   -14.918 5.456   1.00 55.06  ? 11  GLN A C   1 
ATOM   58   O O   . GLN A 1 11  ? 2.166   -14.138 6.133   1.00 54.78  ? 11  GLN A O   1 
ATOM   59   C CB  . GLN A 1 11  ? 1.960   -15.273 3.008   1.00 54.21  ? 11  GLN A CB  1 
ATOM   60   C CG  . GLN A 1 11  ? 2.821   -15.995 1.972   1.00 54.57  ? 11  GLN A CG  1 
ATOM   61   C CD  . GLN A 1 11  ? 2.840   -15.311 0.619   1.00 52.34  ? 11  GLN A CD  1 
ATOM   62   O OE1 . GLN A 1 11  ? 3.510   -15.757 -0.305  1.00 52.75  ? 11  GLN A OE1 1 
ATOM   63   N NE2 . GLN A 1 11  ? 2.107   -14.222 0.501   1.00 53.89  ? 11  GLN A NE2 1 
ATOM   64   N N   . LEU A 1 12  ? 0.145   -15.007 5.583   1.00 52.99  ? 12  LEU A N   1 
ATOM   65   C CA  . LEU A 1 12  ? -0.582  -14.192 6.550   1.00 51.77  ? 12  LEU A CA  1 
ATOM   66   C C   . LEU A 1 12  ? -0.069  -14.468 7.959   1.00 51.51  ? 12  LEU A C   1 
ATOM   67   O O   . LEU A 1 12  ? 0.119   -13.544 8.760   1.00 51.48  ? 12  LEU A O   1 
ATOM   68   C CB  . LEU A 1 12  ? -2.079  -14.501 6.495   1.00 51.08  ? 12  LEU A CB  1 
ATOM   69   C CG  . LEU A 1 12  ? -2.944  -13.843 7.585   1.00 51.10  ? 12  LEU A CG  1 
ATOM   70   C CD1 . LEU A 1 12  ? -2.779  -12.342 7.531   1.00 50.18  ? 12  LEU A CD1 1 
ATOM   71   C CD2 . LEU A 1 12  ? -4.413  -14.229 7.409   1.00 49.66  ? 12  LEU A CD2 1 
ATOM   72   N N   . ALA A 1 13  ? 0.153   -15.747 8.249   1.00 49.69  ? 13  ALA A N   1 
ATOM   73   C CA  . ALA A 1 13  ? 0.638   -16.182 9.551   1.00 49.51  ? 13  ALA A CA  1 
ATOM   74   C C   . ALA A 1 13  ? 2.020   -15.636 9.877   1.00 49.20  ? 13  ALA A C   1 
ATOM   75   O O   . ALA A 1 13  ? 2.252   -15.188 10.992  1.00 49.23  ? 13  ALA A O   1 
ATOM   76   C CB  . ALA A 1 13  ? 0.644   -17.709 9.625   1.00 48.53  ? 13  ALA A CB  1 
ATOM   77   N N   . ASP A 1 14  ? 2.942   -15.671 8.922   1.00 50.26  ? 14  ASP A N   1 
ATOM   78   C CA  . ASP A 1 14  ? 4.273   -15.152 9.197   1.00 53.54  ? 14  ASP A CA  1 
ATOM   79   C C   . ASP A 1 14  ? 4.119   -13.672 9.476   1.00 54.45  ? 14  ASP A C   1 
ATOM   80   O O   . ASP A 1 14  ? 4.662   -13.134 10.442  1.00 55.17  ? 14  ASP A O   1 
ATOM   81   C CB  . ASP A 1 14  ? 5.215   -15.350 8.006   1.00 55.79  ? 14  ASP A CB  1 
ATOM   82   C CG  . ASP A 1 14  ? 5.403   -16.814 7.639   1.00 60.68  ? 14  ASP A CG  1 
ATOM   83   O OD1 . ASP A 1 14  ? 5.484   -17.675 8.555   1.00 60.70  ? 14  ASP A OD1 1 
ATOM   84   O OD2 . ASP A 1 14  ? 5.486   -17.097 6.421   1.00 63.17  ? 14  ASP A OD2 1 
ATOM   85   N N   . MET A 1 15  ? 3.346   -13.033 8.609   1.00 55.11  ? 15  MET A N   1 
ATOM   86   C CA  . MET A 1 15  ? 3.054   -11.612 8.676   1.00 54.44  ? 15  MET A CA  1 
ATOM   87   C C   . MET A 1 15  ? 2.634   -11.204 10.094  1.00 53.65  ? 15  MET A C   1 
ATOM   88   O O   . MET A 1 15  ? 3.105   -10.192 10.639  1.00 52.29  ? 15  MET A O   1 
ATOM   89   C CB  . MET A 1 15  ? 1.920   -11.316 7.685   1.00 58.30  ? 15  MET A CB  1 
ATOM   90   C CG  . MET A 1 15  ? 1.934   -9.942  7.047   1.00 60.45  ? 15  MET A CG  1 
ATOM   91   S SD  . MET A 1 15  ? 3.464   -9.614  6.137   1.00 66.30  ? 15  MET A SD  1 
ATOM   92   C CE  . MET A 1 15  ? 4.119   -8.242  7.159   1.00 64.40  ? 15  MET A CE  1 
ATOM   93   N N   . ARG A 1 16  ? 1.738   -11.992 10.683  1.00 51.79  ? 16  ARG A N   1 
ATOM   94   C CA  . ARG A 1 16  ? 1.230   -11.696 12.012  1.00 52.34  ? 16  ARG A CA  1 
ATOM   95   C C   . ARG A 1 16  ? 2.215   -11.998 13.137  1.00 53.94  ? 16  ARG A C   1 
ATOM   96   O O   . ARG A 1 16  ? 2.179   -11.339 14.182  1.00 54.95  ? 16  ARG A O   1 
ATOM   97   C CB  . ARG A 1 16  ? -0.084  -12.444 12.251  1.00 50.76  ? 16  ARG A CB  1 
ATOM   98   C CG  . ARG A 1 16  ? -1.202  -12.038 11.302  1.00 53.38  ? 16  ARG A CG  1 
ATOM   99   C CD  . ARG A 1 16  ? -2.472  -12.886 11.493  1.00 55.11  ? 16  ARG A CD  1 
ATOM   100  N NE  . ARG A 1 16  ? -3.133  -12.664 12.785  1.00 59.43  ? 16  ARG A NE  1 
ATOM   101  C CZ  . ARG A 1 16  ? -3.952  -11.643 13.063  1.00 61.33  ? 16  ARG A CZ  1 
ATOM   102  N NH1 . ARG A 1 16  ? -4.233  -10.725 12.140  1.00 61.93  ? 16  ARG A NH1 1 
ATOM   103  N NH2 . ARG A 1 16  ? -4.498  -11.539 14.269  1.00 60.30  ? 16  ARG A NH2 1 
ATOM   104  N N   . ARG A 1 17  ? 3.099   -12.974 12.929  1.00 54.16  ? 17  ARG A N   1 
ATOM   105  C CA  . ARG A 1 17  ? 4.078   -13.339 13.955  1.00 55.47  ? 17  ARG A CA  1 
ATOM   106  C C   . ARG A 1 17  ? 5.292   -12.422 13.880  1.00 54.62  ? 17  ARG A C   1 
ATOM   107  O O   . ARG A 1 17  ? 5.816   -11.979 14.903  1.00 52.06  ? 17  ARG A O   1 
ATOM   108  C CB  . ARG A 1 17  ? 4.513   -14.802 13.787  1.00 60.90  ? 17  ARG A CB  1 
ATOM   109  C CG  . ARG A 1 17  ? 5.462   -15.287 14.872  1.00 65.43  ? 17  ARG A CG  1 
ATOM   110  C CD  . ARG A 1 17  ? 5.715   -16.795 14.816  1.00 70.43  ? 17  ARG A CD  1 
ATOM   111  N NE  . ARG A 1 17  ? 6.546   -17.213 15.950  1.00 74.72  ? 17  ARG A NE  1 
ATOM   112  C CZ  . ARG A 1 17  ? 6.851   -18.473 16.253  1.00 74.79  ? 17  ARG A CZ  1 
ATOM   113  N NH1 . ARG A 1 17  ? 7.616   -18.733 17.313  1.00 73.82  ? 17  ARG A NH1 1 
ATOM   114  N NH2 . ARG A 1 17  ? 6.390   -19.473 15.505  1.00 74.54  ? 17  ARG A NH2 1 
ATOM   115  N N   . VAL A 1 18  ? 5.734   -12.152 12.657  1.00 54.60  ? 18  VAL A N   1 
ATOM   116  C CA  . VAL A 1 18  ? 6.867   -11.269 12.407  1.00 55.39  ? 18  VAL A CA  1 
ATOM   117  C C   . VAL A 1 18  ? 6.429   -10.340 11.282  1.00 56.43  ? 18  VAL A C   1 
ATOM   118  O O   . VAL A 1 18  ? 6.621   -10.630 10.095  1.00 56.86  ? 18  VAL A O   1 
ATOM   119  C CB  . VAL A 1 18  ? 8.110   -12.045 11.943  1.00 55.21  ? 18  VAL A CB  1 
ATOM   120  C CG1 . VAL A 1 18  ? 9.312   -11.115 11.936  1.00 53.01  ? 18  VAL A CG1 1 
ATOM   121  C CG2 . VAL A 1 18  ? 8.342   -13.240 12.838  1.00 54.28  ? 18  VAL A CG2 1 
ATOM   122  N N   . PRO A 1 19  ? 5.828   -9.204  11.639  1.00 56.98  ? 19  PRO A N   1 
ATOM   123  C CA  . PRO A 1 19  ? 5.375   -8.274  10.608  1.00 56.21  ? 19  PRO A CA  1 
ATOM   124  C C   . PRO A 1 19  ? 6.495   -7.437  10.029  1.00 56.17  ? 19  PRO A C   1 
ATOM   125  O O   . PRO A 1 19  ? 7.596   -7.372  10.577  1.00 54.67  ? 19  PRO A O   1 
ATOM   126  C CB  . PRO A 1 19  ? 4.357   -7.399  11.349  1.00 57.12  ? 19  PRO A CB  1 
ATOM   127  C CG  . PRO A 1 19  ? 4.062   -8.158  12.644  1.00 58.17  ? 19  PRO A CG  1 
ATOM   128  C CD  . PRO A 1 19  ? 5.388   -8.765  12.970  1.00 57.13  ? 19  PRO A CD  1 
ATOM   129  N N   . VAL A 1 20  ? 6.200   -6.812  8.895   1.00 56.98  ? 20  VAL A N   1 
ATOM   130  C CA  . VAL A 1 20  ? 7.133   -5.906  8.255   1.00 56.55  ? 20  VAL A CA  1 
ATOM   131  C C   . VAL A 1 20  ? 6.901   -4.645  9.091   1.00 57.78  ? 20  VAL A C   1 
ATOM   132  O O   . VAL A 1 20  ? 5.843   -4.029  9.001   1.00 56.46  ? 20  VAL A O   1 
ATOM   133  C CB  . VAL A 1 20  ? 6.728   -5.629  6.788   1.00 56.51  ? 20  VAL A CB  1 
ATOM   134  C CG1 . VAL A 1 20  ? 7.641   -4.566  6.178   1.00 53.60  ? 20  VAL A CG1 1 
ATOM   135  C CG2 . VAL A 1 20  ? 6.768   -6.920  5.985   1.00 54.71  ? 20  VAL A CG2 1 
ATOM   136  N N   . ASP A 1 21  ? 7.879   -4.297  9.924   1.00 59.86  ? 21  ASP A N   1 
ATOM   137  C CA  . ASP A 1 21  ? 7.792   -3.136  10.810  1.00 62.25  ? 21  ASP A CA  1 
ATOM   138  C C   . ASP A 1 21  ? 6.864   -2.018  10.312  1.00 61.62  ? 21  ASP A C   1 
ATOM   139  O O   . ASP A 1 21  ? 7.109   -1.412  9.266   1.00 61.74  ? 21  ASP A O   1 
ATOM   140  C CB  . ASP A 1 21  ? 9.196   -2.573  11.060  1.00 65.72  ? 21  ASP A CB  1 
ATOM   141  C CG  . ASP A 1 21  ? 9.184   -1.381  12.006  1.00 71.41  ? 21  ASP A CG  1 
ATOM   142  O OD1 . ASP A 1 21  ? 8.710   -1.550  13.156  1.00 74.54  ? 21  ASP A OD1 1 
ATOM   143  O OD2 . ASP A 1 21  ? 9.640   -0.278  11.607  1.00 72.28  ? 21  ASP A OD2 1 
ATOM   144  N N   . GLY A 1 22  ? 5.795   -1.754  11.062  1.00 59.69  ? 22  GLY A N   1 
ATOM   145  C CA  . GLY A 1 22  ? 4.865   -0.711  10.669  1.00 57.63  ? 22  GLY A CA  1 
ATOM   146  C C   . GLY A 1 22  ? 3.695   -1.182  9.817   1.00 57.92  ? 22  GLY A C   1 
ATOM   147  O O   . GLY A 1 22  ? 3.031   -0.375  9.151   1.00 58.86  ? 22  GLY A O   1 
ATOM   148  N N   . PHE A 1 23  ? 3.436   -2.486  9.834   1.00 56.19  ? 23  PHE A N   1 
ATOM   149  C CA  . PHE A 1 23  ? 2.340   -3.064  9.064   1.00 54.38  ? 23  PHE A CA  1 
ATOM   150  C C   . PHE A 1 23  ? 1.629   -4.118  9.909   1.00 55.16  ? 23  PHE A C   1 
ATOM   151  O O   . PHE A 1 23  ? 2.266   -5.000  10.499  1.00 56.56  ? 23  PHE A O   1 
ATOM   152  C CB  . PHE A 1 23  ? 2.870   -3.716  7.782   1.00 53.99  ? 23  PHE A CB  1 
ATOM   153  C CG  . PHE A 1 23  ? 3.247   -2.740  6.694   1.00 51.70  ? 23  PHE A CG  1 
ATOM   154  C CD1 . PHE A 1 23  ? 2.276   -2.213  5.845   1.00 51.26  ? 23  PHE A CD1 1 
ATOM   155  C CD2 . PHE A 1 23  ? 4.574   -2.358  6.513   1.00 52.22  ? 23  PHE A CD2 1 
ATOM   156  C CE1 . PHE A 1 23  ? 2.624   -1.321  4.821   1.00 52.80  ? 23  PHE A CE1 1 
ATOM   157  C CE2 . PHE A 1 23  ? 4.937   -1.459  5.484   1.00 53.14  ? 23  PHE A CE2 1 
ATOM   158  C CZ  . PHE A 1 23  ? 3.963   -0.941  4.643   1.00 52.07  ? 23  PHE A CZ  1 
ATOM   159  N N   . SER A 1 24  ? 0.306   -4.019  9.971   1.00 53.28  ? 24  SER A N   1 
ATOM   160  C CA  . SER A 1 24  ? -0.515  -4.962  10.733  1.00 51.19  ? 24  SER A CA  1 
ATOM   161  C C   . SER A 1 24  ? -1.505  -5.626  9.766   1.00 50.05  ? 24  SER A C   1 
ATOM   162  O O   . SER A 1 24  ? -2.313  -4.943  9.135   1.00 48.40  ? 24  SER A O   1 
ATOM   163  C CB  . SER A 1 24  ? -1.260  -4.207  11.837  1.00 49.72  ? 24  SER A CB  1 
ATOM   164  O OG  . SER A 1 24  ? -2.217  -5.029  12.477  1.00 51.10  ? 24  SER A OG  1 
ATOM   165  N N   . ALA A 1 25  ? -1.450  -6.949  9.642   1.00 49.52  ? 25  ALA A N   1 
ATOM   166  C CA  . ALA A 1 25  ? -2.341  -7.639  8.706   1.00 50.42  ? 25  ALA A CA  1 
ATOM   167  C C   . ALA A 1 25  ? -3.362  -8.562  9.364   1.00 50.45  ? 25  ALA A C   1 
ATOM   168  O O   . ALA A 1 25  ? -3.065  -9.245  10.341  1.00 52.10  ? 25  ALA A O   1 
ATOM   169  C CB  . ALA A 1 25  ? -1.509  -8.424  7.668   1.00 48.40  ? 25  ALA A CB  1 
ATOM   170  N N   . GLY A 1 26  ? -4.569  -8.576  8.814   1.00 49.90  ? 26  GLY A N   1 
ATOM   171  C CA  . GLY A 1 26  ? -5.620  -9.415  9.345   1.00 51.64  ? 26  GLY A CA  1 
ATOM   172  C C   . GLY A 1 26  ? -6.600  -9.696  8.233   1.00 54.05  ? 26  GLY A C   1 
ATOM   173  O O   . GLY A 1 26  ? -6.386  -9.271  7.106   1.00 56.56  ? 26  GLY A O   1 
ATOM   174  N N   . LEU A 1 27  ? -7.678  -10.404 8.536   1.00 57.52  ? 27  LEU A N   1 
ATOM   175  C CA  . LEU A 1 27  ? -8.684  -10.736 7.532   1.00 61.21  ? 27  LEU A CA  1 
ATOM   176  C C   . LEU A 1 27  ? -9.982  -9.990  7.754   1.00 63.42  ? 27  LEU A C   1 
ATOM   177  O O   . LEU A 1 27  ? -10.442 -9.887  8.887   1.00 65.34  ? 27  LEU A O   1 
ATOM   178  C CB  . LEU A 1 27  ? -8.990  -12.227 7.573   1.00 62.08  ? 27  LEU A CB  1 
ATOM   179  C CG  . LEU A 1 27  ? -7.903  -13.180 7.098   1.00 65.41  ? 27  LEU A CG  1 
ATOM   180  C CD1 . LEU A 1 27  ? -8.356  -14.609 7.395   1.00 66.41  ? 27  LEU A CD1 1 
ATOM   181  C CD2 . LEU A 1 27  ? -7.640  -12.977 5.590   1.00 65.73  ? 27  LEU A CD2 1 
ATOM   182  N N   . VAL A 1 28  ? -10.581 -9.480  6.682   1.00 65.30  ? 28  VAL A N   1 
ATOM   183  C CA  . VAL A 1 28  ? -11.859 -8.787  6.809   1.00 68.48  ? 28  VAL A CA  1 
ATOM   184  C C   . VAL A 1 28  ? -12.875 -9.816  7.303   1.00 69.86  ? 28  VAL A C   1 
ATOM   185  O O   . VAL A 1 28  ? -13.620 -9.568  8.254   1.00 69.22  ? 28  VAL A O   1 
ATOM   186  C CB  . VAL A 1 28  ? -12.342 -8.227  5.454   1.00 69.85  ? 28  VAL A CB  1 
ATOM   187  C CG1 . VAL A 1 28  ? -13.730 -7.606  5.615   1.00 69.09  ? 28  VAL A CG1 1 
ATOM   188  C CG2 . VAL A 1 28  ? -11.339 -7.200  4.921   1.00 69.41  ? 28  VAL A CG2 1 
ATOM   189  N N   . ASP A 1 29  ? -12.893 -10.971 6.642   1.00 72.62  ? 29  ASP A N   1 
ATOM   190  C CA  . ASP A 1 29  ? -13.783 -12.071 7.005   1.00 76.20  ? 29  ASP A CA  1 
ATOM   191  C C   . ASP A 1 29  ? -12.903 -13.281 7.339   1.00 76.64  ? 29  ASP A C   1 
ATOM   192  O O   . ASP A 1 29  ? -12.169 -13.786 6.488   1.00 75.79  ? 29  ASP A O   1 
ATOM   193  C CB  . ASP A 1 29  ? -14.722 -12.400 5.835   1.00 79.86  ? 29  ASP A CB  1 
ATOM   194  C CG  . ASP A 1 29  ? -15.778 -13.446 6.199   1.00 83.13  ? 29  ASP A CG  1 
ATOM   195  O OD1 . ASP A 1 29  ? -15.403 -14.556 6.640   1.00 84.00  ? 29  ASP A OD1 1 
ATOM   196  O OD2 . ASP A 1 29  ? -16.987 -13.159 6.039   1.00 85.15  ? 29  ASP A OD2 1 
ATOM   197  N N   . ASP A 1 30  ? -12.975 -13.736 8.583   1.00 77.52  ? 30  ASP A N   1 
ATOM   198  C CA  . ASP A 1 30  ? -12.166 -14.865 9.028   1.00 78.90  ? 30  ASP A CA  1 
ATOM   199  C C   . ASP A 1 30  ? -12.265 -16.156 8.221   1.00 78.82  ? 30  ASP A C   1 
ATOM   200  O O   . ASP A 1 30  ? -11.423 -17.042 8.367   1.00 79.13  ? 30  ASP A O   1 
ATOM   201  C CB  . ASP A 1 30  ? -12.458 -15.166 10.495  1.00 80.73  ? 30  ASP A CB  1 
ATOM   202  C CG  . ASP A 1 30  ? -11.625 -14.319 11.428  1.00 83.46  ? 30  ASP A CG  1 
ATOM   203  O OD1 . ASP A 1 30  ? -10.382 -14.388 11.316  1.00 86.01  ? 30  ASP A OD1 1 
ATOM   204  O OD2 . ASP A 1 30  ? -12.203 -13.588 12.263  1.00 84.84  ? 30  ASP A OD2 1 
ATOM   205  N N   . ASN A 1 31  ? -13.280 -16.278 7.374   1.00 78.50  ? 31  ASN A N   1 
ATOM   206  C CA  . ASN A 1 31  ? -13.420 -17.488 6.571   1.00 77.42  ? 31  ASN A CA  1 
ATOM   207  C C   . ASN A 1 31  ? -13.129 -17.229 5.094   1.00 76.15  ? 31  ASN A C   1 
ATOM   208  O O   . ASN A 1 31  ? -13.545 -17.999 4.227   1.00 76.11  ? 31  ASN A O   1 
ATOM   209  C CB  . ASN A 1 31  ? -14.826 -18.077 6.734   1.00 79.06  ? 31  ASN A CB  1 
ATOM   210  C CG  . ASN A 1 31  ? -15.120 -18.498 8.167   1.00 80.95  ? 31  ASN A CG  1 
ATOM   211  O OD1 . ASN A 1 31  ? -14.252 -19.034 8.858   1.00 82.53  ? 31  ASN A OD1 1 
ATOM   212  N ND2 . ASN A 1 31  ? -16.349 -18.269 8.614   1.00 81.85  ? 31  ASN A ND2 1 
ATOM   213  N N   . ASP A 1 32  ? -12.411 -16.144 4.815   1.00 74.56  ? 32  ASP A N   1 
ATOM   214  C CA  . ASP A 1 32  ? -12.057 -15.776 3.445   1.00 72.81  ? 32  ASP A CA  1 
ATOM   215  C C   . ASP A 1 32  ? -10.650 -15.182 3.361   1.00 71.70  ? 32  ASP A C   1 
ATOM   216  O O   . ASP A 1 32  ? -10.462 -13.960 3.411   1.00 72.56  ? 32  ASP A O   1 
ATOM   217  C CB  . ASP A 1 32  ? -13.071 -14.784 2.884   1.00 71.59  ? 32  ASP A CB  1 
ATOM   218  C CG  . ASP A 1 32  ? -12.691 -14.297 1.513   1.00 71.72  ? 32  ASP A CG  1 
ATOM   219  O OD1 . ASP A 1 32  ? -12.113 -15.104 0.763   1.00 72.72  ? 32  ASP A OD1 1 
ATOM   220  O OD2 . ASP A 1 32  ? -12.971 -13.124 1.178   1.00 72.97  ? 32  ASP A OD2 1 
ATOM   221  N N   . ILE A 1 33  ? -9.669  -16.066 3.216   1.00 69.72  ? 33  ILE A N   1 
ATOM   222  C CA  . ILE A 1 33  ? -8.266  -15.682 3.149   1.00 68.05  ? 33  ILE A CA  1 
ATOM   223  C C   . ILE A 1 33  ? -7.875  -14.823 1.943   1.00 66.87  ? 33  ILE A C   1 
ATOM   224  O O   . ILE A 1 33  ? -6.703  -14.495 1.777   1.00 65.92  ? 33  ILE A O   1 
ATOM   225  C CB  . ILE A 1 33  ? -7.376  -16.941 3.163   1.00 67.00  ? 33  ILE A CB  1 
ATOM   226  C CG1 . ILE A 1 33  ? -5.955  -16.575 3.591   1.00 66.08  ? 33  ILE A CG1 1 
ATOM   227  C CG2 . ILE A 1 33  ? -7.381  -17.590 1.788   1.00 66.11  ? 33  ILE A CG2 1 
ATOM   228  C CD1 . ILE A 1 33  ? -5.865  -16.075 5.004   1.00 66.35  ? 33  ILE A CD1 1 
ATOM   229  N N   . TYR A 1 34  ? -8.844  -14.440 1.115   1.00 66.08  ? 34  TYR A N   1 
ATOM   230  C CA  . TYR A 1 34  ? -8.546  -13.637 -0.069  1.00 65.66  ? 34  TYR A CA  1 
ATOM   231  C C   . TYR A 1 34  ? -8.763  -12.124 0.062   1.00 66.14  ? 34  TYR A C   1 
ATOM   232  O O   . TYR A 1 34  ? -8.529  -11.382 -0.898  1.00 67.65  ? 34  TYR A O   1 
ATOM   233  C CB  . TYR A 1 34  ? -9.329  -14.179 -1.268  1.00 64.53  ? 34  TYR A CB  1 
ATOM   234  C CG  . TYR A 1 34  ? -8.847  -15.543 -1.730  1.00 66.26  ? 34  TYR A CG  1 
ATOM   235  C CD1 . TYR A 1 34  ? -7.781  -15.666 -2.636  1.00 66.96  ? 34  TYR A CD1 1 
ATOM   236  C CD2 . TYR A 1 34  ? -9.412  -16.716 -1.221  1.00 65.60  ? 34  TYR A CD2 1 
ATOM   237  C CE1 . TYR A 1 34  ? -7.287  -16.929 -3.021  1.00 65.51  ? 34  TYR A CE1 1 
ATOM   238  C CE2 . TYR A 1 34  ? -8.925  -17.980 -1.595  1.00 65.85  ? 34  TYR A CE2 1 
ATOM   239  C CZ  . TYR A 1 34  ? -7.863  -18.079 -2.491  1.00 66.37  ? 34  TYR A CZ  1 
ATOM   240  O OH  . TYR A 1 34  ? -7.370  -19.324 -2.836  1.00 65.80  ? 34  TYR A OH  1 
ATOM   241  N N   . LYS A 1 35  ? -9.213  -11.669 1.234   1.00 65.74  ? 35  LYS A N   1 
ATOM   242  C CA  . LYS A 1 35  ? -9.429  -10.235 1.493   1.00 64.84  ? 35  LYS A CA  1 
ATOM   243  C C   . LYS A 1 35  ? -8.736  -9.836  2.788   1.00 63.40  ? 35  LYS A C   1 
ATOM   244  O O   . LYS A 1 35  ? -9.196  -10.189 3.879   1.00 64.47  ? 35  LYS A O   1 
ATOM   245  C CB  . LYS A 1 35  ? -10.912 -9.909  1.632   1.00 66.32  ? 35  LYS A CB  1 
ATOM   246  C CG  . LYS A 1 35  ? -11.720 -10.035 0.358   1.00 70.26  ? 35  LYS A CG  1 
ATOM   247  C CD  . LYS A 1 35  ? -13.173 -9.576  0.576   1.00 72.48  ? 35  LYS A CD  1 
ATOM   248  C CE  . LYS A 1 35  ? -13.260 -8.069  0.821   1.00 70.96  ? 35  LYS A CE  1 
ATOM   249  N NZ  . LYS A 1 35  ? -12.752 -7.294  -0.343  1.00 70.76  ? 35  LYS A NZ  1 
ATOM   250  N N   . TRP A 1 36  ? -7.639  -9.094  2.674   1.00 61.08  ? 36  TRP A N   1 
ATOM   251  C CA  . TRP A 1 36  ? -6.882  -8.667  3.849   1.00 58.48  ? 36  TRP A CA  1 
ATOM   252  C C   . TRP A 1 36  ? -7.088  -7.207  4.210   1.00 58.18  ? 36  TRP A C   1 
ATOM   253  O O   . TRP A 1 36  ? -7.197  -6.346  3.333   1.00 57.23  ? 36  TRP A O   1 
ATOM   254  C CB  . TRP A 1 36  ? -5.385  -8.865  3.619   1.00 56.33  ? 36  TRP A CB  1 
ATOM   255  C CG  . TRP A 1 36  ? -4.952  -10.278 3.450   1.00 55.21  ? 36  TRP A CG  1 
ATOM   256  C CD1 . TRP A 1 36  ? -5.704  -11.318 2.990   1.00 54.48  ? 36  TRP A CD1 1 
ATOM   257  C CD2 . TRP A 1 36  ? -3.641  -10.803 3.688   1.00 53.28  ? 36  TRP A CD2 1 
ATOM   258  N NE1 . TRP A 1 36  ? -4.946  -12.461 2.934   1.00 55.15  ? 36  TRP A NE1 1 
ATOM   259  C CE2 . TRP A 1 36  ? -3.678  -12.175 3.367   1.00 53.43  ? 36  TRP A CE2 1 
ATOM   260  C CE3 . TRP A 1 36  ? -2.447  -10.252 4.170   1.00 50.61  ? 36  TRP A CE3 1 
ATOM   261  C CZ2 . TRP A 1 36  ? -2.554  -13.000 3.477   1.00 52.92  ? 36  TRP A CZ2 1 
ATOM   262  C CZ3 . TRP A 1 36  ? -1.334  -11.070 4.286   1.00 48.93  ? 36  TRP A CZ3 1 
ATOM   263  C CH2 . TRP A 1 36  ? -1.399  -12.431 3.953   1.00 51.94  ? 36  TRP A CH2 1 
ATOM   264  N N   . GLU A 1 37  ? -7.137  -6.935  5.510   1.00 57.78  ? 37  GLU A N   1 
ATOM   265  C CA  . GLU A 1 37  ? -7.250  -5.565  5.993   1.00 58.60  ? 37  GLU A CA  1 
ATOM   266  C C   . GLU A 1 37  ? -5.882  -5.266  6.594   1.00 55.54  ? 37  GLU A C   1 
ATOM   267  O O   . GLU A 1 37  ? -5.485  -5.902  7.568   1.00 55.85  ? 37  GLU A O   1 
ATOM   268  C CB  . GLU A 1 37  ? -8.338  -5.435  7.071   1.00 62.41  ? 37  GLU A CB  1 
ATOM   269  C CG  . GLU A 1 37  ? -8.288  -6.493  8.176   1.00 70.26  ? 37  GLU A CG  1 
ATOM   270  C CD  . GLU A 1 37  ? -9.270  -6.220  9.330   1.00 75.07  ? 37  GLU A CD  1 
ATOM   271  O OE1 . GLU A 1 37  ? -10.387 -5.694  9.071   1.00 76.12  ? 37  GLU A OE1 1 
ATOM   272  O OE2 . GLU A 1 37  ? -8.922  -6.553  10.496  1.00 76.03  ? 37  GLU A OE2 1 
ATOM   273  N N   . VAL A 1 38  ? -5.146  -4.326  6.012   1.00 52.47  ? 38  VAL A N   1 
ATOM   274  C CA  . VAL A 1 38  ? -3.823  -4.017  6.549   1.00 51.57  ? 38  VAL A CA  1 
ATOM   275  C C   . VAL A 1 38  ? -3.630  -2.586  7.049   1.00 49.96  ? 38  VAL A C   1 
ATOM   276  O O   . VAL A 1 38  ? -3.939  -1.625  6.353   1.00 50.16  ? 38  VAL A O   1 
ATOM   277  C CB  . VAL A 1 38  ? -2.703  -4.334  5.509   1.00 51.65  ? 38  VAL A CB  1 
ATOM   278  C CG1 . VAL A 1 38  ? -3.015  -5.652  4.799   1.00 48.89  ? 38  VAL A CG1 1 
ATOM   279  C CG2 . VAL A 1 38  ? -2.551  -3.189  4.512   1.00 50.91  ? 38  VAL A CG2 1 
ATOM   280  N N   . LEU A 1 39  ? -3.119  -2.457  8.268   1.00 48.73  ? 39  LEU A N   1 
ATOM   281  C CA  . LEU A 1 39  ? -2.851  -1.151  8.851   1.00 48.80  ? 39  LEU A CA  1 
ATOM   282  C C   . LEU A 1 39  ? -1.480  -0.714  8.369   1.00 49.16  ? 39  LEU A C   1 
ATOM   283  O O   . LEU A 1 39  ? -0.487  -1.409  8.581   1.00 50.23  ? 39  LEU A O   1 
ATOM   284  C CB  . LEU A 1 39  ? -2.825  -1.222  10.382  1.00 50.00  ? 39  LEU A CB  1 
ATOM   285  C CG  . LEU A 1 39  ? -2.458  0.093   11.087  1.00 51.23  ? 39  LEU A CG  1 
ATOM   286  C CD1 . LEU A 1 39  ? -3.584  1.109   10.856  1.00 51.93  ? 39  LEU A CD1 1 
ATOM   287  C CD2 . LEU A 1 39  ? -2.232  -0.132  12.582  1.00 49.65  ? 39  LEU A CD2 1 
ATOM   288  N N   . VAL A 1 40  ? -1.415  0.435   7.717   1.00 49.78  ? 40  VAL A N   1 
ATOM   289  C CA  . VAL A 1 40  ? -0.136  0.920   7.226   1.00 49.71  ? 40  VAL A CA  1 
ATOM   290  C C   . VAL A 1 40  ? 0.273   2.164   7.993   1.00 50.02  ? 40  VAL A C   1 
ATOM   291  O O   . VAL A 1 40  ? -0.293  3.230   7.794   1.00 51.22  ? 40  VAL A O   1 
ATOM   292  C CB  . VAL A 1 40  ? -0.212  1.260   5.737   1.00 47.20  ? 40  VAL A CB  1 
ATOM   293  C CG1 . VAL A 1 40  ? 1.125   1.714   5.250   1.00 45.92  ? 40  VAL A CG1 1 
ATOM   294  C CG2 . VAL A 1 40  ? -0.680  0.058   4.963   1.00 45.52  ? 40  VAL A CG2 1 
ATOM   295  N N   . ILE A 1 41  ? 1.252   2.022   8.876   1.00 50.70  ? 41  ILE A N   1 
ATOM   296  C CA  . ILE A 1 41  ? 1.715   3.157   9.653   1.00 53.07  ? 41  ILE A CA  1 
ATOM   297  C C   . ILE A 1 41  ? 2.734   3.950   8.837   1.00 53.99  ? 41  ILE A C   1 
ATOM   298  O O   . ILE A 1 41  ? 3.691   3.378   8.315   1.00 55.28  ? 41  ILE A O   1 
ATOM   299  C CB  . ILE A 1 41  ? 2.366   2.698   10.990  1.00 54.16  ? 41  ILE A CB  1 
ATOM   300  C CG1 . ILE A 1 41  ? 1.342   1.910   11.814  1.00 55.06  ? 41  ILE A CG1 1 
ATOM   301  C CG2 . ILE A 1 41  ? 2.862   3.916   11.790  1.00 52.27  ? 41  ILE A CG2 1 
ATOM   302  C CD1 . ILE A 1 41  ? 1.779   1.620   13.236  1.00 56.96  ? 41  ILE A CD1 1 
ATOM   303  N N   . GLY A 1 42  ? 2.519   5.261   8.726   1.00 54.60  ? 42  GLY A N   1 
ATOM   304  C CA  . GLY A 1 42  ? 3.434   6.106   7.977   1.00 56.59  ? 42  GLY A CA  1 
ATOM   305  C C   . GLY A 1 42  ? 4.879   5.956   8.420   1.00 57.79  ? 42  GLY A C   1 
ATOM   306  O O   . GLY A 1 42  ? 5.206   6.191   9.588   1.00 59.00  ? 42  GLY A O   1 
ATOM   307  N N   . PRO A 1 43  ? 5.776   5.566   7.507   1.00 58.28  ? 43  PRO A N   1 
ATOM   308  C CA  . PRO A 1 43  ? 7.186   5.394   7.858   1.00 59.75  ? 43  PRO A CA  1 
ATOM   309  C C   . PRO A 1 43  ? 7.795   6.675   8.394   1.00 62.60  ? 43  PRO A C   1 
ATOM   310  O O   . PRO A 1 43  ? 7.399   7.773   8.012   1.00 59.85  ? 43  PRO A O   1 
ATOM   311  C CB  . PRO A 1 43  ? 7.834   4.972   6.536   1.00 57.84  ? 43  PRO A CB  1 
ATOM   312  C CG  . PRO A 1 43  ? 6.719   4.293   5.807   1.00 57.53  ? 43  PRO A CG  1 
ATOM   313  C CD  . PRO A 1 43  ? 5.532   5.191   6.104   1.00 59.49  ? 43  PRO A CD  1 
ATOM   314  N N   . PRO A 1 44  ? 8.774   6.545   9.294   1.00 67.45  ? 44  PRO A N   1 
ATOM   315  C CA  . PRO A 1 44  ? 9.447   7.708   9.879   1.00 70.05  ? 44  PRO A CA  1 
ATOM   316  C C   . PRO A 1 44  ? 10.370  8.394   8.866   1.00 72.44  ? 44  PRO A C   1 
ATOM   317  O O   . PRO A 1 44  ? 11.026  7.731   8.055   1.00 73.53  ? 44  PRO A O   1 
ATOM   318  C CB  . PRO A 1 44  ? 10.216  7.102   11.050  1.00 70.03  ? 44  PRO A CB  1 
ATOM   319  C CG  . PRO A 1 44  ? 10.566  5.731   10.533  1.00 70.30  ? 44  PRO A CG  1 
ATOM   320  C CD  . PRO A 1 44  ? 9.269   5.290   9.894   1.00 68.53  ? 44  PRO A CD  1 
ATOM   321  N N   . ASP A 1 45  ? 10.409  9.722   8.921   1.00 73.79  ? 45  ASP A N   1 
ATOM   322  C CA  . ASP A 1 45  ? 11.239  10.525  8.028   1.00 74.17  ? 45  ASP A CA  1 
ATOM   323  C C   . ASP A 1 45  ? 10.620  10.621  6.645   1.00 73.15  ? 45  ASP A C   1 
ATOM   324  O O   . ASP A 1 45  ? 11.324  10.696  5.633   1.00 73.22  ? 45  ASP A O   1 
ATOM   325  C CB  . ASP A 1 45  ? 12.661  9.955   7.941   1.00 75.79  ? 45  ASP A CB  1 
ATOM   326  C CG  . ASP A 1 45  ? 13.474  10.201  9.214   1.00 78.58  ? 45  ASP A CG  1 
ATOM   327  O OD1 . ASP A 1 45  ? 14.674  9.853   9.219   1.00 81.12  ? 45  ASP A OD1 1 
ATOM   328  O OD2 . ASP A 1 45  ? 12.925  10.740  10.206  1.00 79.80  ? 45  ASP A OD2 1 
ATOM   329  N N   . THR A 1 46  ? 9.292   10.604  6.624   1.00 71.48  ? 46  THR A N   1 
ATOM   330  C CA  . THR A 1 46  ? 8.515   10.730  5.397   1.00 70.72  ? 46  THR A CA  1 
ATOM   331  C C   . THR A 1 46  ? 7.334   11.593  5.824   1.00 70.67  ? 46  THR A C   1 
ATOM   332  O O   . THR A 1 46  ? 7.040   11.682  7.016   1.00 70.94  ? 46  THR A O   1 
ATOM   333  C CB  . THR A 1 46  ? 7.984   9.356   4.863   1.00 69.00  ? 46  THR A CB  1 
ATOM   334  O OG1 . THR A 1 46  ? 6.839   8.954   5.620   1.00 68.58  ? 46  THR A OG1 1 
ATOM   335  C CG2 . THR A 1 46  ? 9.048   8.275   4.975   1.00 66.77  ? 46  THR A CG2 1 
ATOM   336  N N   . LEU A 1 47  ? 6.668   12.234  4.871   1.00 70.46  ? 47  LEU A N   1 
ATOM   337  C CA  . LEU A 1 47  ? 5.529   13.084  5.197   1.00 70.19  ? 47  LEU A CA  1 
ATOM   338  C C   . LEU A 1 47  ? 4.433   12.279  5.873   1.00 69.94  ? 47  LEU A C   1 
ATOM   339  O O   . LEU A 1 47  ? 3.566   12.819  6.578   1.00 69.83  ? 47  LEU A O   1 
ATOM   340  C CB  . LEU A 1 47  ? 4.988   13.749  3.939   1.00 70.09  ? 47  LEU A CB  1 
ATOM   341  C CG  . LEU A 1 47  ? 5.988   14.706  3.301   1.00 70.55  ? 47  LEU A CG  1 
ATOM   342  C CD1 . LEU A 1 47  ? 5.363   15.313  2.056   1.00 73.33  ? 47  LEU A CD1 1 
ATOM   343  C CD2 . LEU A 1 47  ? 6.386   15.784  4.308   1.00 67.99  ? 47  LEU A CD2 1 
ATOM   344  N N   . TYR A 1 48  ? 4.472   10.977  5.649   1.00 68.30  ? 48  TYR A N   1 
ATOM   345  C CA  . TYR A 1 48  ? 3.504   10.096  6.257   1.00 67.80  ? 48  TYR A CA  1 
ATOM   346  C C   . TYR A 1 48  ? 4.284   9.525   7.433   1.00 69.49  ? 48  TYR A C   1 
ATOM   347  O O   . TYR A 1 48  ? 5.092   8.612   7.258   1.00 73.07  ? 48  TYR A O   1 
ATOM   348  C CB  . TYR A 1 48  ? 3.110   9.014   5.251   1.00 63.45  ? 48  TYR A CB  1 
ATOM   349  C CG  . TYR A 1 48  ? 2.872   9.568   3.858   1.00 60.76  ? 48  TYR A CG  1 
ATOM   350  C CD1 . TYR A 1 48  ? 3.940   9.954   3.042   1.00 58.30  ? 48  TYR A CD1 1 
ATOM   351  C CD2 . TYR A 1 48  ? 1.578   9.722   3.358   1.00 59.32  ? 48  TYR A CD2 1 
ATOM   352  C CE1 . TYR A 1 48  ? 3.721   10.476  1.769   1.00 55.00  ? 48  TYR A CE1 1 
ATOM   353  C CE2 . TYR A 1 48  ? 1.348   10.245  2.086   1.00 55.73  ? 48  TYR A CE2 1 
ATOM   354  C CZ  . TYR A 1 48  ? 2.422   10.620  1.298   1.00 55.72  ? 48  TYR A CZ  1 
ATOM   355  O OH  . TYR A 1 48  ? 2.189   11.153  0.043   1.00 56.44  ? 48  TYR A OH  1 
ATOM   356  N N   . GLU A 1 49  ? 4.085   10.089  8.620   1.00 69.15  ? 49  GLU A N   1 
ATOM   357  C CA  . GLU A 1 49  ? 4.805   9.623   9.796   1.00 69.28  ? 49  GLU A CA  1 
ATOM   358  C C   . GLU A 1 49  ? 3.907   9.040   10.867  1.00 70.68  ? 49  GLU A C   1 
ATOM   359  O O   . GLU A 1 49  ? 4.116   7.897   11.311  1.00 73.78  ? 49  GLU A O   1 
ATOM   360  C CB  . GLU A 1 49  ? 5.621   10.748  10.407  1.00 70.22  ? 49  GLU A CB  1 
ATOM   361  C CG  . GLU A 1 49  ? 7.082   10.736  10.027  1.00 72.72  ? 49  GLU A CG  1 
ATOM   362  C CD  . GLU A 1 49  ? 7.983   10.996  11.228  1.00 74.23  ? 49  GLU A CD  1 
ATOM   363  O OE1 . GLU A 1 49  ? 9.060   11.603  11.048  1.00 76.60  ? 49  GLU A OE1 1 
ATOM   364  O OE2 . GLU A 1 49  ? 7.617   10.584  12.352  1.00 73.46  ? 49  GLU A OE2 1 
ATOM   365  N N   . GLY A 1 50  ? 2.917   9.816   11.295  1.00 67.60  ? 50  GLY A N   1 
ATOM   366  C CA  . GLY A 1 50  ? 2.015   9.326   12.323  1.00 64.51  ? 50  GLY A CA  1 
ATOM   367  C C   . GLY A 1 50  ? 0.731   8.805   11.718  1.00 61.39  ? 50  GLY A C   1 
ATOM   368  O O   . GLY A 1 50  ? -0.289  8.701   12.389  1.00 61.61  ? 50  GLY A O   1 
ATOM   369  N N   . GLY A 1 51  ? 0.785   8.461   10.443  1.00 58.51  ? 51  GLY A N   1 
ATOM   370  C CA  . GLY A 1 51  ? -0.407  7.988   9.785   1.00 57.48  ? 51  GLY A CA  1 
ATOM   371  C C   . GLY A 1 51  ? -0.800  6.546   10.026  1.00 55.32  ? 51  GLY A C   1 
ATOM   372  O O   . GLY A 1 51  ? 0.029   5.645   9.973   1.00 53.20  ? 51  GLY A O   1 
ATOM   373  N N   . PHE A 1 52  ? -2.083  6.342   10.298  1.00 54.41  ? 52  PHE A N   1 
ATOM   374  C CA  . PHE A 1 52  ? -2.620  5.013   10.506  1.00 56.02  ? 52  PHE A CA  1 
ATOM   375  C C   . PHE A 1 52  ? -3.559  4.730   9.329   1.00 55.81  ? 52  PHE A C   1 
ATOM   376  O O   . PHE A 1 52  ? -4.781  4.686   9.492   1.00 55.97  ? 52  PHE A O   1 
ATOM   377  C CB  . PHE A 1 52  ? -3.381  4.936   11.841  1.00 56.30  ? 52  PHE A CB  1 
ATOM   378  C CG  . PHE A 1 52  ? -2.500  5.078   13.045  1.00 55.71  ? 52  PHE A CG  1 
ATOM   379  C CD1 . PHE A 1 52  ? -2.017  6.325   13.428  1.00 58.13  ? 52  PHE A CD1 1 
ATOM   380  C CD2 . PHE A 1 52  ? -2.092  3.960   13.761  1.00 55.12  ? 52  PHE A CD2 1 
ATOM   381  C CE1 . PHE A 1 52  ? -1.123  6.455   14.515  1.00 56.76  ? 52  PHE A CE1 1 
ATOM   382  C CE2 . PHE A 1 52  ? -1.204  4.080   14.839  1.00 54.96  ? 52  PHE A CE2 1 
ATOM   383  C CZ  . PHE A 1 52  ? -0.721  5.329   15.213  1.00 54.93  ? 52  PHE A CZ  1 
ATOM   384  N N   . PHE A 1 53  ? -2.977  4.540   8.146   1.00 55.26  ? 53  PHE A N   1 
ATOM   385  C CA  . PHE A 1 53  ? -3.760  4.286   6.936   1.00 56.60  ? 53  PHE A CA  1 
ATOM   386  C C   . PHE A 1 53  ? -4.202  2.837   6.732   1.00 55.51  ? 53  PHE A C   1 
ATOM   387  O O   . PHE A 1 53  ? -3.376  1.943   6.534   1.00 55.00  ? 53  PHE A O   1 
ATOM   388  C CB  . PHE A 1 53  ? -2.981  4.746   5.704   1.00 56.85  ? 53  PHE A CB  1 
ATOM   389  C CG  . PHE A 1 53  ? -2.350  6.093   5.859   1.00 56.07  ? 53  PHE A CG  1 
ATOM   390  C CD1 . PHE A 1 53  ? -1.049  6.216   6.341   1.00 56.15  ? 53  PHE A CD1 1 
ATOM   391  C CD2 . PHE A 1 53  ? -3.052  7.242   5.521   1.00 55.10  ? 53  PHE A CD2 1 
ATOM   392  C CE1 . PHE A 1 53  ? -0.460  7.472   6.485   1.00 55.81  ? 53  PHE A CE1 1 
ATOM   393  C CE2 . PHE A 1 53  ? -2.475  8.499   5.664   1.00 54.24  ? 53  PHE A CE2 1 
ATOM   394  C CZ  . PHE A 1 53  ? -1.179  8.614   6.144   1.00 54.72  ? 53  PHE A CZ  1 
ATOM   395  N N   . LYS A 1 54  ? -5.516  2.626   6.769   1.00 55.36  ? 54  LYS A N   1 
ATOM   396  C CA  . LYS A 1 54  ? -6.108  1.302   6.599   1.00 55.98  ? 54  LYS A CA  1 
ATOM   397  C C   . LYS A 1 54  ? -6.144  0.943   5.120   1.00 55.74  ? 54  LYS A C   1 
ATOM   398  O O   . LYS A 1 54  ? -6.367  1.807   4.285   1.00 53.97  ? 54  LYS A O   1 
ATOM   399  C CB  . LYS A 1 54  ? -7.528  1.288   7.194   1.00 57.29  ? 54  LYS A CB  1 
ATOM   400  C CG  . LYS A 1 54  ? -7.559  1.609   8.706   1.00 62.83  ? 54  LYS A CG  1 
ATOM   401  C CD  . LYS A 1 54  ? -8.978  1.670   9.319   1.00 65.43  ? 54  LYS A CD  1 
ATOM   402  C CE  . LYS A 1 54  ? -9.725  2.959   8.950   1.00 69.12  ? 54  LYS A CE  1 
ATOM   403  N NZ  . LYS A 1 54  ? -11.111 3.018   9.515   1.00 70.49  ? 54  LYS A NZ  1 
ATOM   404  N N   . ALA A 1 55  ? -5.909  -0.320  4.783   1.00 55.81  ? 55  ALA A N   1 
ATOM   405  C CA  . ALA A 1 55  ? -5.934  -0.715  3.374   1.00 55.87  ? 55  ALA A CA  1 
ATOM   406  C C   . ALA A 1 55  ? -6.419  -2.149  3.186   1.00 55.10  ? 55  ALA A C   1 
ATOM   407  O O   . ALA A 1 55  ? -6.374  -2.973  4.106   1.00 55.95  ? 55  ALA A O   1 
ATOM   408  C CB  . ALA A 1 55  ? -4.544  -0.538  2.745   1.00 54.24  ? 55  ALA A CB  1 
ATOM   409  N N   . ILE A 1 56  ? -6.877  -2.449  1.982   1.00 54.01  ? 56  ILE A N   1 
ATOM   410  C CA  . ILE A 1 56  ? -7.367  -3.779  1.700   1.00 52.87  ? 56  ILE A CA  1 
ATOM   411  C C   . ILE A 1 56  ? -6.699  -4.411  0.504   1.00 54.04  ? 56  ILE A C   1 
ATOM   412  O O   . ILE A 1 56  ? -6.585  -3.795  -0.562  1.00 53.11  ? 56  ILE A O   1 
ATOM   413  C CB  . ILE A 1 56  ? -8.873  -3.764  1.495   1.00 52.63  ? 56  ILE A CB  1 
ATOM   414  C CG1 . ILE A 1 56  ? -9.546  -3.469  2.837   1.00 53.22  ? 56  ILE A CG1 1 
ATOM   415  C CG2 . ILE A 1 56  ? -9.332  -5.089  0.896   1.00 51.32  ? 56  ILE A CG2 1 
ATOM   416  C CD1 . ILE A 1 56  ? -11.045 -3.524  2.811   1.00 55.05  ? 56  ILE A CD1 1 
ATOM   417  N N   . LEU A 1 57  ? -6.241  -5.646  0.711   1.00 55.43  ? 57  LEU A N   1 
ATOM   418  C CA  . LEU A 1 57  ? -5.576  -6.426  -0.327  1.00 55.70  ? 57  LEU A CA  1 
ATOM   419  C C   . LEU A 1 57  ? -6.522  -7.485  -0.866  1.00 56.60  ? 57  LEU A C   1 
ATOM   420  O O   . LEU A 1 57  ? -7.080  -8.277  -0.107  1.00 55.12  ? 57  LEU A O   1 
ATOM   421  C CB  . LEU A 1 57  ? -4.325  -7.111  0.227   1.00 53.57  ? 57  LEU A CB  1 
ATOM   422  C CG  . LEU A 1 57  ? -3.069  -6.278  0.463   1.00 53.19  ? 57  LEU A CG  1 
ATOM   423  C CD1 . LEU A 1 57  ? -2.065  -7.102  1.229   1.00 49.49  ? 57  LEU A CD1 1 
ATOM   424  C CD2 . LEU A 1 57  ? -2.483  -5.830  -0.862  1.00 52.53  ? 57  LEU A CD2 1 
ATOM   425  N N   . ASP A 1 58  ? -6.708  -7.485  -2.177  1.00 59.22  ? 58  ASP A N   1 
ATOM   426  C CA  . ASP A 1 58  ? -7.566  -8.466  -2.827  1.00 62.19  ? 58  ASP A CA  1 
ATOM   427  C C   . ASP A 1 58  ? -6.666  -9.447  -3.558  1.00 63.26  ? 58  ASP A C   1 
ATOM   428  O O   . ASP A 1 58  ? -5.926  -9.050  -4.463  1.00 63.60  ? 58  ASP A O   1 
ATOM   429  C CB  . ASP A 1 58  ? -8.492  -7.773  -3.823  1.00 63.01  ? 58  ASP A CB  1 
ATOM   430  C CG  . ASP A 1 58  ? -9.606  -7.007  -3.142  1.00 64.24  ? 58  ASP A CG  1 
ATOM   431  O OD1 . ASP A 1 58  ? -10.603 -7.640  -2.741  1.00 65.75  ? 58  ASP A OD1 1 
ATOM   432  O OD2 . ASP A 1 58  ? -9.479  -5.776  -2.995  1.00 64.48  ? 58  ASP A OD2 1 
ATOM   433  N N   . PHE A 1 59  ? -6.713  -10.717 -3.164  1.00 62.98  ? 59  PHE A N   1 
ATOM   434  C CA  . PHE A 1 59  ? -5.882  -11.725 -3.817  1.00 64.90  ? 59  PHE A CA  1 
ATOM   435  C C   . PHE A 1 59  ? -6.680  -12.607 -4.768  1.00 66.76  ? 59  PHE A C   1 
ATOM   436  O O   . PHE A 1 59  ? -7.706  -13.184 -4.388  1.00 65.36  ? 59  PHE A O   1 
ATOM   437  C CB  . PHE A 1 59  ? -5.208  -12.647 -2.792  1.00 65.30  ? 59  PHE A CB  1 
ATOM   438  C CG  . PHE A 1 59  ? -4.267  -11.951 -1.859  1.00 64.76  ? 59  PHE A CG  1 
ATOM   439  C CD1 . PHE A 1 59  ? -4.746  -11.292 -0.727  1.00 63.18  ? 59  PHE A CD1 1 
ATOM   440  C CD2 . PHE A 1 59  ? -2.899  -11.950 -2.112  1.00 62.68  ? 59  PHE A CD2 1 
ATOM   441  C CE1 . PHE A 1 59  ? -3.871  -10.650 0.145   1.00 61.68  ? 59  PHE A CE1 1 
ATOM   442  C CE2 . PHE A 1 59  ? -2.016  -11.311 -1.246  1.00 62.31  ? 59  PHE A CE2 1 
ATOM   443  C CZ  . PHE A 1 59  ? -2.502  -10.656 -0.117  1.00 61.73  ? 59  PHE A CZ  1 
ATOM   444  N N   . PRO A 1 60  ? -6.211  -12.737 -6.019  1.00 69.22  ? 60  PRO A N   1 
ATOM   445  C CA  . PRO A 1 60  ? -6.904  -13.574 -7.000  1.00 70.75  ? 60  PRO A CA  1 
ATOM   446  C C   . PRO A 1 60  ? -6.884  -15.030 -6.529  1.00 72.62  ? 60  PRO A C   1 
ATOM   447  O O   . PRO A 1 60  ? -6.202  -15.371 -5.561  1.00 71.86  ? 60  PRO A O   1 
ATOM   448  C CB  . PRO A 1 60  ? -6.083  -13.371 -8.265  1.00 69.19  ? 60  PRO A CB  1 
ATOM   449  C CG  . PRO A 1 60  ? -4.711  -13.159 -7.733  1.00 69.76  ? 60  PRO A CG  1 
ATOM   450  C CD  . PRO A 1 60  ? -4.962  -12.202 -6.589  1.00 70.30  ? 60  PRO A CD  1 
ATOM   451  N N   . ARG A 1 61  ? -7.632  -15.883 -7.218  1.00 74.57  ? 61  ARG A N   1 
ATOM   452  C CA  . ARG A 1 61  ? -7.700  -17.294 -6.865  1.00 75.89  ? 61  ARG A CA  1 
ATOM   453  C C   . ARG A 1 61  ? -6.372  -18.008 -7.147  1.00 75.48  ? 61  ARG A C   1 
ATOM   454  O O   . ARG A 1 61  ? -6.067  -19.034 -6.538  1.00 74.97  ? 61  ARG A O   1 
ATOM   455  C CB  . ARG A 1 61  ? -8.846  -17.965 -7.640  1.00 77.30  ? 61  ARG A CB  1 
ATOM   456  C CG  . ARG A 1 61  ? -10.208 -17.273 -7.490  1.00 78.58  ? 61  ARG A CG  1 
ATOM   457  C CD  . ARG A 1 61  ? -10.615 -17.095 -6.023  1.00 81.61  ? 61  ARG A CD  1 
ATOM   458  N NE  . ARG A 1 61  ? -11.965 -16.546 -5.890  1.00 83.90  ? 61  ARG A NE  1 
ATOM   459  C CZ  . ARG A 1 61  ? -12.495 -16.095 -4.754  1.00 83.65  ? 61  ARG A CZ  1 
ATOM   460  N NH1 . ARG A 1 61  ? -11.789 -16.119 -3.632  1.00 82.67  ? 61  ARG A NH1 1 
ATOM   461  N NH2 . ARG A 1 61  ? -13.738 -15.625 -4.739  1.00 82.88  ? 61  ARG A NH2 1 
ATOM   462  N N   . ASP A 1 62  ? -5.588  -17.435 -8.058  1.00 75.89  ? 62  ASP A N   1 
ATOM   463  C CA  . ASP A 1 62  ? -4.285  -17.963 -8.476  1.00 75.89  ? 62  ASP A CA  1 
ATOM   464  C C   . ASP A 1 62  ? -3.145  -17.038 -8.037  1.00 74.97  ? 62  ASP A C   1 
ATOM   465  O O   . ASP A 1 62  ? -2.223  -16.766 -8.805  1.00 73.88  ? 62  ASP A O   1 
ATOM   466  C CB  . ASP A 1 62  ? -4.271  -18.078 -9.996  1.00 77.19  ? 62  ASP A CB  1 
ATOM   467  C CG  . ASP A 1 62  ? -4.790  -16.817 -10.671 1.00 79.21  ? 62  ASP A CG  1 
ATOM   468  O OD1 . ASP A 1 62  ? -5.968  -16.461 -10.436 1.00 79.93  ? 62  ASP A OD1 1 
ATOM   469  O OD2 . ASP A 1 62  ? -4.026  -16.177 -11.425 1.00 80.34  ? 62  ASP A OD2 1 
ATOM   470  N N   . TYR A 1 63  ? -3.219  -16.580 -6.794  1.00 74.65  ? 63  TYR A N   1 
ATOM   471  C CA  . TYR A 1 63  ? -2.247  -15.658 -6.216  1.00 75.85  ? 63  TYR A CA  1 
ATOM   472  C C   . TYR A 1 63  ? -0.794  -15.664 -6.710  1.00 78.09  ? 63  TYR A C   1 
ATOM   473  O O   . TYR A 1 63  ? -0.344  -14.702 -7.343  1.00 80.72  ? 63  TYR A O   1 
ATOM   474  C CB  . TYR A 1 63  ? -2.240  -15.805 -4.696  1.00 72.40  ? 63  TYR A CB  1 
ATOM   475  C CG  . TYR A 1 63  ? -1.116  -15.055 -4.009  1.00 68.81  ? 63  TYR A CG  1 
ATOM   476  C CD1 . TYR A 1 63  ? -0.526  -15.570 -2.858  1.00 67.33  ? 63  TYR A CD1 1 
ATOM   477  C CD2 . TYR A 1 63  ? -0.646  -13.835 -4.500  1.00 66.25  ? 63  TYR A CD2 1 
ATOM   478  C CE1 . TYR A 1 63  ? 0.500   -14.901 -2.212  1.00 65.01  ? 63  TYR A CE1 1 
ATOM   479  C CE2 . TYR A 1 63  ? 0.386   -13.159 -3.858  1.00 65.48  ? 63  TYR A CE2 1 
ATOM   480  C CZ  . TYR A 1 63  ? 0.953   -13.703 -2.713  1.00 63.96  ? 63  TYR A CZ  1 
ATOM   481  O OH  . TYR A 1 63  ? 1.974   -13.059 -2.055  1.00 64.13  ? 63  TYR A OH  1 
ATOM   482  N N   . PRO A 1 64  ? -0.038  -16.734 -6.419  1.00 77.57  ? 64  PRO A N   1 
ATOM   483  C CA  . PRO A 1 64  ? 1.357   -16.766 -6.862  1.00 77.05  ? 64  PRO A CA  1 
ATOM   484  C C   . PRO A 1 64  ? 1.618   -16.062 -8.196  1.00 77.83  ? 64  PRO A C   1 
ATOM   485  O O   . PRO A 1 64  ? 2.429   -15.143 -8.265  1.00 77.42  ? 64  PRO A O   1 
ATOM   486  C CB  . PRO A 1 64  ? 1.659   -18.256 -6.921  1.00 76.98  ? 64  PRO A CB  1 
ATOM   487  C CG  . PRO A 1 64  ? 0.817   -18.801 -5.836  1.00 77.33  ? 64  PRO A CG  1 
ATOM   488  C CD  . PRO A 1 64  ? -0.492  -18.081 -6.036  1.00 76.95  ? 64  PRO A CD  1 
ATOM   489  N N   . GLN A 1 65  ? 0.923   -16.481 -9.251  1.00 78.86  ? 65  GLN A N   1 
ATOM   490  C CA  . GLN A 1 65  ? 1.130   -15.880 -10.568 1.00 80.37  ? 65  GLN A CA  1 
ATOM   491  C C   . GLN A 1 65  ? 0.038   -14.932 -10.979 1.00 80.50  ? 65  GLN A C   1 
ATOM   492  O O   . GLN A 1 65  ? -0.586  -15.107 -12.018 1.00 81.16  ? 65  GLN A O   1 
ATOM   493  C CB  . GLN A 1 65  ? 1.278   -16.954 -11.652 1.00 81.07  ? 65  GLN A CB  1 
ATOM   494  C CG  . GLN A 1 65  ? 0.229   -18.046 -11.611 1.00 80.31  ? 65  GLN A CG  1 
ATOM   495  C CD  . GLN A 1 65  ? 0.808   -19.359 -11.117 1.00 81.79  ? 65  GLN A CD  1 
ATOM   496  O OE1 . GLN A 1 65  ? 0.079   -20.341 -10.906 1.00 82.60  ? 65  GLN A OE1 1 
ATOM   497  N NE2 . GLN A 1 65  ? 2.135   -19.389 -10.937 1.00 78.82  ? 65  GLN A NE2 1 
ATOM   498  N N   . LYS A 1 66  ? -0.183  -13.919 -10.156 1.00 81.58  ? 66  LYS A N   1 
ATOM   499  C CA  . LYS A 1 66  ? -1.197  -12.910 -10.420 1.00 80.83  ? 66  LYS A CA  1 
ATOM   500  C C   . LYS A 1 66  ? -1.212  -12.010 -9.196  1.00 77.56  ? 66  LYS A C   1 
ATOM   501  O O   . LYS A 1 66  ? -1.597  -12.427 -8.106  1.00 77.06  ? 66  LYS A O   1 
ATOM   502  C CB  . LYS A 1 66  ? -2.564  -13.570 -10.643 1.00 84.14  ? 66  LYS A CB  1 
ATOM   503  C CG  . LYS A 1 66  ? -3.724  -12.596 -10.821 1.00 88.99  ? 66  LYS A CG  1 
ATOM   504  C CD  . LYS A 1 66  ? -3.534  -11.642 -11.994 1.00 91.34  ? 66  LYS A CD  1 
ATOM   505  C CE  . LYS A 1 66  ? -4.671  -10.615 -12.029 1.00 92.87  ? 66  LYS A CE  1 
ATOM   506  N NZ  . LYS A 1 66  ? -4.544  -9.642  -13.149 1.00 93.24  ? 66  LYS A NZ  1 
ATOM   507  N N   . PRO A 1 67  ? -0.766  -10.759 -9.365  1.00 75.36  ? 67  PRO A N   1 
ATOM   508  C CA  . PRO A 1 67  ? -0.704  -9.760  -8.295  1.00 73.21  ? 67  PRO A CA  1 
ATOM   509  C C   . PRO A 1 67  ? -2.051  -9.468  -7.652  1.00 71.28  ? 67  PRO A C   1 
ATOM   510  O O   . PRO A 1 67  ? -3.109  -9.600  -8.275  1.00 69.74  ? 67  PRO A O   1 
ATOM   511  C CB  . PRO A 1 67  ? -0.162  -8.509  -8.995  1.00 72.74  ? 67  PRO A CB  1 
ATOM   512  C CG  . PRO A 1 67  ? 0.460   -9.014  -10.233 1.00 74.15  ? 67  PRO A CG  1 
ATOM   513  C CD  . PRO A 1 67  ? -0.401  -10.161 -10.656 1.00 74.67  ? 67  PRO A CD  1 
ATOM   514  N N   . PRO A 1 68  ? -2.026  -9.094  -6.373  1.00 70.01  ? 68  PRO A N   1 
ATOM   515  C CA  . PRO A 1 68  ? -3.273  -8.776  -5.690  1.00 69.07  ? 68  PRO A CA  1 
ATOM   516  C C   . PRO A 1 68  ? -3.512  -7.295  -5.955  1.00 68.66  ? 68  PRO A C   1 
ATOM   517  O O   . PRO A 1 68  ? -2.599  -6.585  -6.373  1.00 67.34  ? 68  PRO A O   1 
ATOM   518  C CB  . PRO A 1 68  ? -2.936  -9.057  -4.234  1.00 69.51  ? 68  PRO A CB  1 
ATOM   519  C CG  . PRO A 1 68  ? -1.488  -8.658  -4.160  1.00 68.62  ? 68  PRO A CG  1 
ATOM   520  C CD  . PRO A 1 68  ? -0.929  -9.288  -5.408  1.00 68.89  ? 68  PRO A CD  1 
ATOM   521  N N   . LYS A 1 69  ? -4.731  -6.828  -5.734  1.00 69.26  ? 69  LYS A N   1 
ATOM   522  C CA  . LYS A 1 69  ? -5.027  -5.415  -5.935  1.00 69.84  ? 69  LYS A CA  1 
ATOM   523  C C   . LYS A 1 69  ? -4.984  -4.755  -4.567  1.00 69.27  ? 69  LYS A C   1 
ATOM   524  O O   . LYS A 1 69  ? -5.516  -5.302  -3.599  1.00 70.26  ? 69  LYS A O   1 
ATOM   525  C CB  . LYS A 1 69  ? -6.414  -5.230  -6.570  1.00 71.32  ? 69  LYS A CB  1 
ATOM   526  C CG  . LYS A 1 69  ? -6.497  -5.687  -8.028  1.00 73.49  ? 69  LYS A CG  1 
ATOM   527  C CD  . LYS A 1 69  ? -7.814  -5.273  -8.678  1.00 75.43  ? 69  LYS A CD  1 
ATOM   528  C CE  . LYS A 1 69  ? -7.791  -5.512  -10.187 1.00 76.34  ? 69  LYS A CE  1 
ATOM   529  N NZ  . LYS A 1 69  ? -9.025  -5.009  -10.865 1.00 76.92  ? 69  LYS A NZ  1 
ATOM   530  N N   . MET A 1 70  ? -4.332  -3.600  -4.469  1.00 67.93  ? 70  MET A N   1 
ATOM   531  C CA  . MET A 1 70  ? -4.260  -2.912  -3.190  1.00 66.87  ? 70  MET A CA  1 
ATOM   532  C C   . MET A 1 70  ? -4.992  -1.590  -3.220  1.00 65.92  ? 70  MET A C   1 
ATOM   533  O O   . MET A 1 70  ? -4.603  -0.676  -3.942  1.00 63.92  ? 70  MET A O   1 
ATOM   534  C CB  . MET A 1 70  ? -2.813  -2.679  -2.775  1.00 66.95  ? 70  MET A CB  1 
ATOM   535  C CG  . MET A 1 70  ? -2.686  -2.092  -1.378  1.00 66.22  ? 70  MET A CG  1 
ATOM   536  S SD  . MET A 1 70  ? -0.992  -2.151  -0.806  1.00 69.80  ? 70  MET A SD  1 
ATOM   537  C CE  . MET A 1 70  ? -1.166  -1.648  0.891   1.00 69.06  ? 70  MET A CE  1 
ATOM   538  N N   . LYS A 1 71  ? -6.055  -1.498  -2.429  1.00 66.86  ? 71  LYS A N   1 
ATOM   539  C CA  . LYS A 1 71  ? -6.852  -0.284  -2.358  1.00 67.88  ? 71  LYS A CA  1 
ATOM   540  C C   . LYS A 1 71  ? -6.806  0.331   -0.966  1.00 67.00  ? 71  LYS A C   1 
ATOM   541  O O   . LYS A 1 71  ? -7.192  -0.300  0.014   1.00 65.28  ? 71  LYS A O   1 
ATOM   542  C CB  . LYS A 1 71  ? -8.314  -0.580  -2.718  1.00 69.20  ? 71  LYS A CB  1 
ATOM   543  C CG  . LYS A 1 71  ? -9.221  0.622   -2.530  1.00 72.53  ? 71  LYS A CG  1 
ATOM   544  C CD  . LYS A 1 71  ? -10.606 0.402   -3.131  1.00 76.12  ? 71  LYS A CD  1 
ATOM   545  C CE  . LYS A 1 71  ? -11.483 1.643   -2.942  1.00 78.03  ? 71  LYS A CE  1 
ATOM   546  N NZ  . LYS A 1 71  ? -12.738 1.582   -3.746  1.00 79.01  ? 71  LYS A NZ  1 
ATOM   547  N N   . PHE A 1 72  ? -6.336  1.565   -0.887  1.00 67.54  ? 72  PHE A N   1 
ATOM   548  C CA  . PHE A 1 72  ? -6.269  2.265   0.380   1.00 68.14  ? 72  PHE A CA  1 
ATOM   549  C C   . PHE A 1 72  ? -7.611  2.812   0.865   1.00 68.50  ? 72  PHE A C   1 
ATOM   550  O O   . PHE A 1 72  ? -8.299  3.504   0.130   1.00 69.13  ? 72  PHE A O   1 
ATOM   551  C CB  . PHE A 1 72  ? -5.294  3.454   0.277   1.00 65.41  ? 72  PHE A CB  1 
ATOM   552  C CG  . PHE A 1 72  ? -4.013  3.241   0.970   1.00 61.72  ? 72  PHE A CG  1 
ATOM   553  C CD1 . PHE A 1 72  ? -2.857  2.922   0.267   1.00 60.11  ? 72  PHE A CD1 1 
ATOM   554  C CD2 . PHE A 1 72  ? -3.969  3.335   2.339   1.00 61.68  ? 72  PHE A CD2 1 
ATOM   555  C CE1 . PHE A 1 72  ? -1.664  2.693   0.949   1.00 60.50  ? 72  PHE A CE1 1 
ATOM   556  C CE2 . PHE A 1 72  ? -2.802  3.112   3.026   1.00 62.37  ? 72  PHE A CE2 1 
ATOM   557  C CZ  . PHE A 1 72  ? -1.643  2.789   2.335   1.00 63.43  ? 72  PHE A CZ  1 
ATOM   558  N N   . ILE A 1 73  ? -7.961  2.489   2.058   1.00 68.86  ? 73  ILE A N   1 
ATOM   559  C CA  . ILE A 1 73  ? -9.152  3.030   2.642   1.00 70.22  ? 73  ILE A CA  1 
ATOM   560  C C   . ILE A 1 73  ? -8.538  4.067   3.529   1.00 72.43  ? 73  ILE A C   1 
ATOM   561  O O   . ILE A 1 73  ? -7.392  3.886   3.897   1.00 77.34  ? 73  ILE A O   1 
ATOM   562  C CB  . ILE A 1 73  ? -9.970  1.978   3.428   1.00 69.62  ? 73  ILE A CB  1 
ATOM   563  C CG1 . ILE A 1 73  ? -10.647 1.021   2.428   1.00 67.52  ? 73  ILE A CG1 1 
ATOM   564  C CG2 . ILE A 1 73  ? -11.002 2.640   4.331   1.00 69.79  ? 73  ILE A CG2 1 
ATOM   565  C CD1 . ILE A 1 73  ? -11.574 0.016   3.065   1.00 68.66  ? 73  ILE A CD1 1 
ATOM   566  N N   . SER A 1 74  ? -9.186  5.152   3.911   1.00 70.68  ? 74  SER A N   1 
ATOM   567  C CA  . SER A 1 74  ? -8.463  6.114   4.723   1.00 69.17  ? 74  SER A CA  1 
ATOM   568  C C   . SER A 1 74  ? -7.763  7.074   3.795   1.00 69.40  ? 74  SER A C   1 
ATOM   569  O O   . SER A 1 74  ? -6.788  6.738   3.139   1.00 68.74  ? 74  SER A O   1 
ATOM   570  C CB  . SER A 1 74  ? -7.483  5.436   5.673   1.00 66.88  ? 74  SER A CB  1 
ATOM   571  O OG  . SER A 1 74  ? -8.004  5.361   6.991   1.00 66.02  ? 74  SER A OG  1 
ATOM   572  N N   . GLU A 1 75  ? -8.271  8.302   3.764   1.00 70.37  ? 75  GLU A N   1 
ATOM   573  C CA  . GLU A 1 75  ? -7.750  9.405   2.971   1.00 70.40  ? 75  GLU A CA  1 
ATOM   574  C C   . GLU A 1 75  ? -6.229  9.422   2.956   1.00 69.18  ? 75  GLU A C   1 
ATOM   575  O O   . GLU A 1 75  ? -5.592  9.321   4.003   1.00 69.49  ? 75  GLU A O   1 
ATOM   576  C CB  . GLU A 1 75  ? -8.249  10.714  3.590   1.00 73.50  ? 75  GLU A CB  1 
ATOM   577  C CG  . GLU A 1 75  ? -9.357  11.420  2.845   1.00 77.46  ? 75  GLU A CG  1 
ATOM   578  C CD  . GLU A 1 75  ? -8.818  12.206  1.678   1.00 80.32  ? 75  GLU A CD  1 
ATOM   579  O OE1 . GLU A 1 75  ? -8.531  11.585  0.639   1.00 80.23  ? 75  GLU A OE1 1 
ATOM   580  O OE2 . GLU A 1 75  ? -8.679  13.440  1.800   1.00 82.09  ? 75  GLU A OE2 1 
ATOM   581  N N   . ILE A 1 76  ? -5.649  9.555   1.771   1.00 68.02  ? 76  ILE A N   1 
ATOM   582  C CA  . ILE A 1 76  ? -4.200  9.650   1.653   1.00 65.55  ? 76  ILE A CA  1 
ATOM   583  C C   . ILE A 1 76  ? -3.903  10.479  0.409   1.00 65.62  ? 76  ILE A C   1 
ATOM   584  O O   . ILE A 1 76  ? -4.595  10.346  -0.603  1.00 66.04  ? 76  ILE A O   1 
ATOM   585  C CB  . ILE A 1 76  ? -3.533  8.262   1.539   1.00 63.40  ? 76  ILE A CB  1 
ATOM   586  C CG1 . ILE A 1 76  ? -2.015  8.421   1.621   1.00 60.46  ? 76  ILE A CG1 1 
ATOM   587  C CG2 . ILE A 1 76  ? -3.953  7.578   0.241   1.00 60.83  ? 76  ILE A CG2 1 
ATOM   588  C CD1 . ILE A 1 76  ? -1.292  7.137   1.935   1.00 56.39  ? 76  ILE A CD1 1 
ATOM   589  N N   . TRP A 1 77  ? -2.899  11.349  0.490   1.00 65.25  ? 77  TRP A N   1 
ATOM   590  C CA  . TRP A 1 77  ? -2.546  12.199  -0.645  1.00 65.41  ? 77  TRP A CA  1 
ATOM   591  C C   . TRP A 1 77  ? -1.191  11.793  -1.192  1.00 65.14  ? 77  TRP A C   1 
ATOM   592  O O   . TRP A 1 77  ? -0.147  12.199  -0.679  1.00 62.65  ? 77  TRP A O   1 
ATOM   593  C CB  . TRP A 1 77  ? -2.527  13.679  -0.232  1.00 65.85  ? 77  TRP A CB  1 
ATOM   594  C CG  . TRP A 1 77  ? -2.489  14.631  -1.405  1.00 66.10  ? 77  TRP A CG  1 
ATOM   595  C CD1 . TRP A 1 77  ? -1.470  15.480  -1.738  1.00 66.81  ? 77  TRP A CD1 1 
ATOM   596  C CD2 . TRP A 1 77  ? -3.482  14.779  -2.433  1.00 65.84  ? 77  TRP A CD2 1 
ATOM   597  N NE1 . TRP A 1 77  ? -1.757  16.134  -2.912  1.00 66.02  ? 77  TRP A NE1 1 
ATOM   598  C CE2 . TRP A 1 77  ? -2.983  15.720  -3.365  1.00 66.19  ? 77  TRP A CE2 1 
ATOM   599  C CE3 . TRP A 1 77  ? -4.738  14.196  -2.667  1.00 66.82  ? 77  TRP A CE3 1 
ATOM   600  C CZ2 . TRP A 1 77  ? -3.701  16.102  -4.506  1.00 65.86  ? 77  TRP A CZ2 1 
ATOM   601  C CZ3 . TRP A 1 77  ? -5.455  14.577  -3.806  1.00 66.66  ? 77  TRP A CZ3 1 
ATOM   602  C CH2 . TRP A 1 77  ? -4.927  15.516  -4.713  1.00 67.04  ? 77  TRP A CH2 1 
ATOM   603  N N   . HIS A 1 78  ? -1.218  10.981  -2.243  1.00 67.36  ? 78  HIS A N   1 
ATOM   604  C CA  . HIS A 1 78  ? 0.018   10.492  -2.848  1.00 68.23  ? 78  HIS A CA  1 
ATOM   605  C C   . HIS A 1 78  ? -0.038  10.375  -4.378  1.00 67.96  ? 78  HIS A C   1 
ATOM   606  O O   . HIS A 1 78  ? -1.061  9.987   -4.965  1.00 68.69  ? 78  HIS A O   1 
ATOM   607  C CB  . HIS A 1 78  ? 0.388   9.124   -2.250  1.00 66.21  ? 78  HIS A CB  1 
ATOM   608  C CG  . HIS A 1 78  ? 1.793   8.704   -2.536  1.00 66.13  ? 78  HIS A CG  1 
ATOM   609  N ND1 . HIS A 1 78  ? 2.868   9.137   -1.785  1.00 67.44  ? 78  HIS A ND1 1 
ATOM   610  C CD2 . HIS A 1 78  ? 2.311   7.905   -3.498  1.00 65.73  ? 78  HIS A CD2 1 
ATOM   611  C CE1 . HIS A 1 78  ? 3.980   8.620   -2.268  1.00 66.12  ? 78  HIS A CE1 1 
ATOM   612  N NE2 . HIS A 1 78  ? 3.671   7.866   -3.312  1.00 66.11  ? 78  HIS A NE2 1 
ATOM   613  N N   . PRO A 1 79  ? 1.073   10.718  -5.040  1.00 66.73  ? 79  PRO A N   1 
ATOM   614  C CA  . PRO A 1 79  ? 1.201   10.660  -6.497  1.00 67.07  ? 79  PRO A CA  1 
ATOM   615  C C   . PRO A 1 79  ? 0.842   9.289   -7.075  1.00 67.55  ? 79  PRO A C   1 
ATOM   616  O O   . PRO A 1 79  ? 0.271   9.201   -8.168  1.00 68.59  ? 79  PRO A O   1 
ATOM   617  C CB  . PRO A 1 79  ? 2.671   10.998  -6.722  1.00 65.76  ? 79  PRO A CB  1 
ATOM   618  C CG  . PRO A 1 79  ? 2.939   11.991  -5.622  1.00 66.69  ? 79  PRO A CG  1 
ATOM   619  C CD  . PRO A 1 79  ? 2.247   11.370  -4.429  1.00 65.94  ? 79  PRO A CD  1 
ATOM   620  N N   . ASN A 1 80  ? 1.170   8.223   -6.342  1.00 67.29  ? 80  ASN A N   1 
ATOM   621  C CA  . ASN A 1 80  ? 0.908   6.869   -6.819  1.00 66.19  ? 80  ASN A CA  1 
ATOM   622  C C   . ASN A 1 80  ? -0.312  6.168   -6.259  1.00 67.17  ? 80  ASN A C   1 
ATOM   623  O O   . ASN A 1 80  ? -0.465  4.958   -6.390  1.00 66.84  ? 80  ASN A O   1 
ATOM   624  C CB  . ASN A 1 80  ? 2.147   6.019   -6.616  1.00 64.45  ? 80  ASN A CB  1 
ATOM   625  C CG  . ASN A 1 80  ? 3.345   6.589   -7.343  1.00 65.26  ? 80  ASN A CG  1 
ATOM   626  O OD1 . ASN A 1 80  ? 4.318   7.017   -6.712  1.00 64.84  ? 80  ASN A OD1 1 
ATOM   627  N ND2 . ASN A 1 80  ? 3.276   6.620   -8.683  1.00 62.39  ? 80  ASN A ND2 1 
ATOM   628  N N   . ILE A 1 81  ? -1.181  6.938   -5.625  1.00 68.79  ? 81  ILE A N   1 
ATOM   629  C CA  . ILE A 1 81  ? -2.427  6.406   -5.107  1.00 69.94  ? 81  ILE A CA  1 
ATOM   630  C C   . ILE A 1 81  ? -3.444  7.284   -5.832  1.00 71.67  ? 81  ILE A C   1 
ATOM   631  O O   . ILE A 1 81  ? -3.408  8.508   -5.688  1.00 70.91  ? 81  ILE A O   1 
ATOM   632  C CB  . ILE A 1 81  ? -2.582  6.642   -3.601  1.00 69.79  ? 81  ILE A CB  1 
ATOM   633  C CG1 . ILE A 1 81  ? -1.294  6.278   -2.867  1.00 69.89  ? 81  ILE A CG1 1 
ATOM   634  C CG2 . ILE A 1 81  ? -3.745  5.815   -3.075  1.00 69.10  ? 81  ILE A CG2 1 
ATOM   635  C CD1 . ILE A 1 81  ? -0.969  4.810   -2.886  1.00 72.53  ? 81  ILE A CD1 1 
ATOM   636  N N   . ASP A 1 82  ? -4.325  6.688   -6.630  1.00 72.93  ? 82  ASP A N   1 
ATOM   637  C CA  . ASP A 1 82  ? -5.302  7.508   -7.328  1.00 74.46  ? 82  ASP A CA  1 
ATOM   638  C C   . ASP A 1 82  ? -6.324  8.091   -6.352  1.00 75.19  ? 82  ASP A C   1 
ATOM   639  O O   . ASP A 1 82  ? -6.241  7.882   -5.139  1.00 74.71  ? 82  ASP A O   1 
ATOM   640  C CB  . ASP A 1 82  ? -6.013  6.719   -8.450  1.00 73.93  ? 82  ASP A CB  1 
ATOM   641  C CG  . ASP A 1 82  ? -6.873  5.580   -7.932  1.00 74.60  ? 82  ASP A CG  1 
ATOM   642  O OD1 . ASP A 1 82  ? -7.474  5.715   -6.847  1.00 73.84  ? 82  ASP A OD1 1 
ATOM   643  O OD2 . ASP A 1 82  ? -6.968  4.548   -8.630  1.00 75.11  ? 82  ASP A OD2 1 
ATOM   644  N N   . LYS A 1 83  ? -7.277  8.832   -6.902  1.00 76.46  ? 83  LYS A N   1 
ATOM   645  C CA  . LYS A 1 83  ? -8.334  9.477   -6.130  1.00 77.21  ? 83  LYS A CA  1 
ATOM   646  C C   . LYS A 1 83  ? -9.314  8.473   -5.526  1.00 75.73  ? 83  LYS A C   1 
ATOM   647  O O   . LYS A 1 83  ? -10.224 8.842   -4.786  1.00 74.52  ? 83  LYS A O   1 
ATOM   648  C CB  . LYS A 1 83  ? -9.080  10.471  -7.033  1.00 80.41  ? 83  LYS A CB  1 
ATOM   649  C CG  . LYS A 1 83  ? -8.817  10.271  -8.547  1.00 83.33  ? 83  LYS A CG  1 
ATOM   650  C CD  . LYS A 1 83  ? -9.230  8.873   -9.034  1.00 84.19  ? 83  LYS A CD  1 
ATOM   651  C CE  . LYS A 1 83  ? -8.946  8.678   -10.522 1.00 85.46  ? 83  LYS A CE  1 
ATOM   652  N NZ  . LYS A 1 83  ? -9.413  7.345   -11.022 1.00 84.98  ? 83  LYS A NZ  1 
ATOM   653  N N   . GLU A 1 84  ? -9.128  7.200   -5.850  1.00 75.43  ? 84  GLU A N   1 
ATOM   654  C CA  . GLU A 1 84  ? -10.002 6.161   -5.319  1.00 75.16  ? 84  GLU A CA  1 
ATOM   655  C C   . GLU A 1 84  ? -9.253  5.283   -4.316  1.00 72.29  ? 84  GLU A C   1 
ATOM   656  O O   . GLU A 1 84  ? -9.746  4.236   -3.909  1.00 69.95  ? 84  GLU A O   1 
ATOM   657  C CB  . GLU A 1 84  ? -10.563 5.313   -6.463  1.00 77.44  ? 84  GLU A CB  1 
ATOM   658  C CG  . GLU A 1 84  ? -11.265 6.149   -7.527  1.00 81.56  ? 84  GLU A CG  1 
ATOM   659  C CD  . GLU A 1 84  ? -11.910 5.311   -8.622  1.00 84.10  ? 84  GLU A CD  1 
ATOM   660  O OE1 . GLU A 1 84  ? -12.979 4.701   -8.366  1.00 84.26  ? 84  GLU A OE1 1 
ATOM   661  O OE2 . GLU A 1 84  ? -11.341 5.264   -9.738  1.00 84.39  ? 84  GLU A OE2 1 
ATOM   662  N N   . GLY A 1 85  ? -8.063  5.731   -3.922  1.00 70.22  ? 85  GLY A N   1 
ATOM   663  C CA  . GLY A 1 85  ? -7.270  4.991   -2.959  1.00 70.52  ? 85  GLY A CA  1 
ATOM   664  C C   . GLY A 1 85  ? -6.483  3.827   -3.540  1.00 70.53  ? 85  GLY A C   1 
ATOM   665  O O   . GLY A 1 85  ? -5.636  3.242   -2.862  1.00 69.57  ? 85  GLY A O   1 
ATOM   666  N N   . ASN A 1 86  ? -6.767  3.486   -4.793  1.00 69.89  ? 86  ASN A N   1 
ATOM   667  C CA  . ASN A 1 86  ? -6.078  2.394   -5.460  1.00 67.80  ? 86  ASN A CA  1 
ATOM   668  C C   . ASN A 1 86  ? -4.601  2.708   -5.567  1.00 66.78  ? 86  ASN A C   1 
ATOM   669  O O   . ASN A 1 86  ? -4.219  3.778   -6.050  1.00 66.46  ? 86  ASN A O   1 
ATOM   670  C CB  . ASN A 1 86  ? -6.653  2.181   -6.853  1.00 68.18  ? 86  ASN A CB  1 
ATOM   671  C CG  . ASN A 1 86  ? -8.065  1.665   -6.817  1.00 69.39  ? 86  ASN A CG  1 
ATOM   672  O OD1 . ASN A 1 86  ? -8.789  1.728   -7.814  1.00 71.41  ? 86  ASN A OD1 1 
ATOM   673  N ND2 . ASN A 1 86  ? -8.470  1.140   -5.666  1.00 68.89  ? 86  ASN A ND2 1 
ATOM   674  N N   . VAL A 1 87  ? -3.773  1.780   -5.101  1.00 64.72  ? 87  VAL A N   1 
ATOM   675  C CA  . VAL A 1 87  ? -2.342  1.976   -5.170  1.00 63.54  ? 87  VAL A CA  1 
ATOM   676  C C   . VAL A 1 87  ? -1.890  1.468   -6.519  1.00 63.73  ? 87  VAL A C   1 
ATOM   677  O O   . VAL A 1 87  ? -2.265  0.372   -6.930  1.00 64.77  ? 87  VAL A O   1 
ATOM   678  C CB  . VAL A 1 87  ? -1.601  1.194   -4.094  1.00 62.65  ? 87  VAL A CB  1 
ATOM   679  C CG1 . VAL A 1 87  ? -0.122  1.540   -4.149  1.00 61.96  ? 87  VAL A CG1 1 
ATOM   680  C CG2 . VAL A 1 87  ? -2.182  1.508   -2.736  1.00 61.88  ? 87  VAL A CG2 1 
ATOM   681  N N   . CYS A 1 88  ? -1.093  2.267   -7.210  1.00 63.14  ? 88  CYS A N   1 
ATOM   682  C CA  . CYS A 1 88  ? -0.608  1.881   -8.519  1.00 62.13  ? 88  CYS A CA  1 
ATOM   683  C C   . CYS A 1 88  ? 0.901   1.901   -8.587  1.00 60.27  ? 88  CYS A C   1 
ATOM   684  O O   . CYS A 1 88  ? 1.507   2.951   -8.787  1.00 58.47  ? 88  CYS A O   1 
ATOM   685  C CB  . CYS A 1 88  ? -1.192  2.812   -9.577  1.00 63.99  ? 88  CYS A CB  1 
ATOM   686  S SG  . CYS A 1 88  ? -3.016  2.831   -9.587  1.00 71.92  ? 88  CYS A SG  1 
ATOM   687  N N   . ILE A 1 89  ? 1.501   0.727   -8.416  1.00 59.34  ? 89  ILE A N   1 
ATOM   688  C CA  . ILE A 1 89  ? 2.956   0.578   -8.471  1.00 57.98  ? 89  ILE A CA  1 
ATOM   689  C C   . ILE A 1 89  ? 3.336   -0.623  -9.350  1.00 57.35  ? 89  ILE A C   1 
ATOM   690  O O   . ILE A 1 89  ? 2.542   -1.548  -9.513  1.00 55.14  ? 89  ILE A O   1 
ATOM   691  C CB  . ILE A 1 89  ? 3.534   0.424   -7.053  1.00 56.41  ? 89  ILE A CB  1 
ATOM   692  C CG1 . ILE A 1 89  ? 2.869   -0.769  -6.345  1.00 54.94  ? 89  ILE A CG1 1 
ATOM   693  C CG2 . ILE A 1 89  ? 3.338   1.735   -6.288  1.00 52.60  ? 89  ILE A CG2 1 
ATOM   694  C CD1 . ILE A 1 89  ? 3.343   -1.004  -4.935  1.00 53.56  ? 89  ILE A CD1 1 
ATOM   695  N N   . SER A 1 90  ? 4.542   -0.593  -9.916  1.00 57.80  ? 90  SER A N   1 
ATOM   696  C CA  . SER A 1 90  ? 5.019   -1.642  -10.829 1.00 59.77  ? 90  SER A CA  1 
ATOM   697  C C   . SER A 1 90  ? 4.819   -3.085  -10.379 1.00 62.20  ? 90  SER A C   1 
ATOM   698  O O   . SER A 1 90  ? 4.257   -3.908  -11.115 1.00 61.75  ? 90  SER A O   1 
ATOM   699  C CB  . SER A 1 90  ? 6.508   -1.449  -11.131 1.00 58.11  ? 90  SER A CB  1 
ATOM   700  O OG  . SER A 1 90  ? 6.772   -0.155  -11.636 1.00 59.05  ? 90  SER A OG  1 
ATOM   701  N N   . ILE A 1 91  ? 5.291   -3.383  -9.173  1.00 62.71  ? 91  ILE A N   1 
ATOM   702  C CA  . ILE A 1 91  ? 5.214   -4.726  -8.635  1.00 63.19  ? 91  ILE A CA  1 
ATOM   703  C C   . ILE A 1 91  ? 3.802   -5.296  -8.522  1.00 64.15  ? 91  ILE A C   1 
ATOM   704  O O   . ILE A 1 91  ? 3.631   -6.459  -8.179  1.00 64.44  ? 91  ILE A O   1 
ATOM   705  C CB  . ILE A 1 91  ? 5.920   -4.792  -7.272  1.00 63.13  ? 91  ILE A CB  1 
ATOM   706  C CG1 . ILE A 1 91  ? 6.150   -6.247  -6.880  1.00 62.33  ? 91  ILE A CG1 1 
ATOM   707  C CG2 . ILE A 1 91  ? 5.098   -4.064  -6.220  1.00 63.13  ? 91  ILE A CG2 1 
ATOM   708  C CD1 . ILE A 1 91  ? 6.944   -6.406  -5.621  1.00 63.65  ? 91  ILE A CD1 1 
ATOM   709  N N   . LEU A 1 92  ? 2.786   -4.489  -8.794  1.00 65.68  ? 92  LEU A N   1 
ATOM   710  C CA  . LEU A 1 92  ? 1.422   -4.997  -8.739  1.00 68.08  ? 92  LEU A CA  1 
ATOM   711  C C   . LEU A 1 92  ? 0.990   -5.243  -10.164 1.00 71.87  ? 92  LEU A C   1 
ATOM   712  O O   . LEU A 1 92  ? -0.031  -5.890  -10.425 1.00 71.98  ? 92  LEU A O   1 
ATOM   713  C CB  . LEU A 1 92  ? 0.481   -4.006  -8.061  1.00 63.67  ? 92  LEU A CB  1 
ATOM   714  C CG  . LEU A 1 92  ? 0.675   -3.838  -6.552  1.00 63.00  ? 92  LEU A CG  1 
ATOM   715  C CD1 . LEU A 1 92  ? -0.420  -2.934  -5.990  1.00 61.89  ? 92  LEU A CD1 1 
ATOM   716  C CD2 . LEU A 1 92  ? 0.629   -5.199  -5.864  1.00 61.16  ? 92  LEU A CD2 1 
ATOM   717  N N   . HIS A 1 93  ? 1.783   -4.722  -11.094 1.00 76.24  ? 93  HIS A N   1 
ATOM   718  C CA  . HIS A 1 93  ? 1.507   -4.891  -12.518 1.00 81.83  ? 93  HIS A CA  1 
ATOM   719  C C   . HIS A 1 93  ? 1.735   -6.335  -12.909 1.00 84.79  ? 93  HIS A C   1 
ATOM   720  O O   . HIS A 1 93  ? 2.417   -7.067  -12.212 1.00 85.47  ? 93  HIS A O   1 
ATOM   721  C CB  . HIS A 1 93  ? 2.368   -3.955  -13.381 1.00 82.38  ? 93  HIS A CB  1 
ATOM   722  C CG  . HIS A 1 93  ? 2.170   -2.489  -13.008 1.00 82.66  ? 93  HIS A CG  1 
ATOM   723  N ND1 . HIS A 1 93  ? 2.935   -1.479  -13.516 1.00 82.10  ? 93  HIS A ND1 1 
ATOM   724  C CD2 . HIS A 1 93  ? 1.282   -1.916  -12.149 1.00 82.38  ? 93  HIS A CD2 1 
ATOM   725  C CE1 . HIS A 1 93  ? 2.543   -0.318  -12.984 1.00 81.24  ? 93  HIS A CE1 1 
ATOM   726  N NE2 . HIS A 1 93  ? 1.551   -0.569  -12.160 1.00 82.08  ? 93  HIS A NE2 1 
ATOM   727  N N   . ASP A 1 94  ? 1.199   -6.744  -14.043 1.00 89.29  ? 94  ASP A N   1 
ATOM   728  C CA  . ASP A 1 94  ? 1.271   -8.150  -14.342 1.00 93.99  ? 94  ASP A CA  1 
ATOM   729  C C   . ASP A 1 94  ? 0.928   -8.510  -15.768 1.00 96.68  ? 94  ASP A C   1 
ATOM   730  O O   . ASP A 1 94  ? -0.206  -8.329  -16.174 1.00 98.15  ? 94  ASP A O   1 
ATOM   731  C CB  . ASP A 1 94  ? 0.224   -8.856  -13.485 1.00 95.53  ? 94  ASP A CB  1 
ATOM   732  C CG  . ASP A 1 94  ? -1.209  -8.451  -13.820 1.00 96.47  ? 94  ASP A CG  1 
ATOM   733  O OD1 . ASP A 1 94  ? -1.868  -9.141  -14.625 1.00 96.86  ? 94  ASP A OD1 1 
ATOM   734  O OD2 . ASP A 1 94  ? -1.681  -7.426  -13.282 1.00 97.24  ? 94  ASP A OD2 1 
ATOM   735  N N   . PRO A 1 95  ? 1.860   -8.996  -16.564 1.00 98.61  ? 95  PRO A N   1 
ATOM   736  C CA  . PRO A 1 95  ? 1.353   -9.355  -17.903 1.00 99.66  ? 95  PRO A CA  1 
ATOM   737  C C   . PRO A 1 95  ? 0.154   -10.294 -17.827 1.00 100.12 ? 95  PRO A C   1 
ATOM   738  O O   . PRO A 1 95  ? 0.305   -11.512 -17.800 1.00 100.43 ? 95  PRO A O   1 
ATOM   739  C CB  . PRO A 1 95  ? 2.562   -9.976  -18.579 1.00 99.69  ? 95  PRO A CB  1 
ATOM   740  C CG  . PRO A 1 95  ? 3.571   -8.956  -18.235 1.00 99.29  ? 95  PRO A CG  1 
ATOM   741  C CD  . PRO A 1 95  ? 3.001   -8.194  -17.058 1.00 98.74  ? 95  PRO A CD  1 
ATOM   742  N N   . PRO A 1 105 ? 10.416  -6.660  -15.755 1.00 93.88  ? 105 PRO A N   1 
ATOM   743  C CA  . PRO A 1 105 ? 11.299  -7.679  -15.171 1.00 93.76  ? 105 PRO A CA  1 
ATOM   744  C C   . PRO A 1 105 ? 11.081  -7.859  -13.663 1.00 92.46  ? 105 PRO A C   1 
ATOM   745  O O   . PRO A 1 105 ? 9.970   -8.174  -13.228 1.00 92.18  ? 105 PRO A O   1 
ATOM   746  C CB  . PRO A 1 105 ? 12.696  -7.155  -15.510 1.00 94.54  ? 105 PRO A CB  1 
ATOM   747  C CG  . PRO A 1 105 ? 12.501  -5.657  -15.485 1.00 95.33  ? 105 PRO A CG  1 
ATOM   748  C CD  . PRO A 1 105 ? 11.185  -5.492  -16.220 1.00 94.15  ? 105 PRO A CD  1 
ATOM   749  N N   . GLU A 1 106 ? 12.136  -7.665  -12.874 1.00 90.83  ? 106 GLU A N   1 
ATOM   750  C CA  . GLU A 1 106 ? 12.029  -7.799  -11.424 1.00 89.51  ? 106 GLU A CA  1 
ATOM   751  C C   . GLU A 1 106 ? 11.145  -6.661  -10.924 1.00 88.99  ? 106 GLU A C   1 
ATOM   752  O O   . GLU A 1 106 ? 10.642  -6.690  -9.794  1.00 88.26  ? 106 GLU A O   1 
ATOM   753  C CB  . GLU A 1 106 ? 13.410  -7.708  -10.769 1.00 89.67  ? 106 GLU A CB  1 
ATOM   754  C CG  . GLU A 1 106 ? 13.530  -8.480  -9.455  1.00 90.33  ? 106 GLU A CG  1 
ATOM   755  C CD  . GLU A 1 106 ? 13.654  -9.989  -9.666  1.00 90.26  ? 106 GLU A CD  1 
ATOM   756  O OE1 . GLU A 1 106 ? 13.270  -10.758 -8.754  1.00 89.09  ? 106 GLU A OE1 1 
ATOM   757  O OE2 . GLU A 1 106 ? 14.147  -10.403 -10.739 1.00 89.44  ? 106 GLU A OE2 1 
ATOM   758  N N   . GLU A 1 107 ? 10.967  -5.667  -11.795 1.00 88.21  ? 107 GLU A N   1 
ATOM   759  C CA  . GLU A 1 107 ? 10.149  -4.481  -11.527 1.00 86.93  ? 107 GLU A CA  1 
ATOM   760  C C   . GLU A 1 107 ? 8.671   -4.854  -11.363 1.00 84.20  ? 107 GLU A C   1 
ATOM   761  O O   . GLU A 1 107 ? 8.023   -4.468  -10.385 1.00 83.25  ? 107 GLU A O   1 
ATOM   762  C CB  . GLU A 1 107 ? 10.288  -3.470  -12.684 1.00 88.79  ? 107 GLU A CB  1 
ATOM   763  C CG  . GLU A 1 107 ? 11.648  -2.767  -12.801 1.00 89.91  ? 107 GLU A CG  1 
ATOM   764  C CD  . GLU A 1 107 ? 11.874  -1.725  -11.710 1.00 90.38  ? 107 GLU A CD  1 
ATOM   765  O OE1 . GLU A 1 107 ? 12.916  -1.036  -11.739 1.00 90.81  ? 107 GLU A OE1 1 
ATOM   766  O OE2 . GLU A 1 107 ? 11.007  -1.597  -10.820 1.00 91.40  ? 107 GLU A OE2 1 
ATOM   767  N N   . ARG A 1 108 ? 8.150   -5.588  -12.345 1.00 81.53  ? 108 ARG A N   1 
ATOM   768  C CA  . ARG A 1 108 ? 6.760   -6.038  -12.351 1.00 79.12  ? 108 ARG A CA  1 
ATOM   769  C C   . ARG A 1 108 ? 6.565   -7.162  -11.336 1.00 75.00  ? 108 ARG A C   1 
ATOM   770  O O   . ARG A 1 108 ? 7.475   -7.494  -10.581 1.00 74.19  ? 108 ARG A O   1 
ATOM   771  C CB  . ARG A 1 108 ? 6.367   -6.548  -13.748 1.00 82.36  ? 108 ARG A CB  1 
ATOM   772  C CG  . ARG A 1 108 ? 5.851   -5.490  -14.723 1.00 85.91  ? 108 ARG A CG  1 
ATOM   773  C CD  . ARG A 1 108 ? 6.861   -4.366  -14.974 1.00 90.28  ? 108 ARG A CD  1 
ATOM   774  N NE  . ARG A 1 108 ? 6.243   -3.255  -15.702 1.00 93.67  ? 108 ARG A NE  1 
ATOM   775  C CZ  . ARG A 1 108 ? 6.709   -2.007  -15.729 1.00 93.83  ? 108 ARG A CZ  1 
ATOM   776  N NH1 . ARG A 1 108 ? 6.059   -1.081  -16.423 1.00 94.66  ? 108 ARG A NH1 1 
ATOM   777  N NH2 . ARG A 1 108 ? 7.814   -1.679  -15.065 1.00 94.46  ? 108 ARG A NH2 1 
ATOM   778  N N   . TRP A 1 109 ? 5.377   -7.754  -11.333 1.00 69.69  ? 109 TRP A N   1 
ATOM   779  C CA  . TRP A 1 109 ? 5.086   -8.836  -10.411 1.00 67.12  ? 109 TRP A CA  1 
ATOM   780  C C   . TRP A 1 109 ? 5.608   -10.213 -10.831 1.00 66.10  ? 109 TRP A C   1 
ATOM   781  O O   . TRP A 1 109 ? 5.344   -10.684 -11.938 1.00 66.61  ? 109 TRP A O   1 
ATOM   782  C CB  . TRP A 1 109 ? 3.588   -8.935  -10.179 1.00 65.07  ? 109 TRP A CB  1 
ATOM   783  C CG  . TRP A 1 109 ? 3.199   -10.167 -9.411  1.00 64.56  ? 109 TRP A CG  1 
ATOM   784  C CD1 . TRP A 1 109 ? 2.825   -11.379 -9.932  1.00 63.05  ? 109 TRP A CD1 1 
ATOM   785  C CD2 . TRP A 1 109 ? 3.168   -10.317 -7.987  1.00 63.54  ? 109 TRP A CD2 1 
ATOM   786  N NE1 . TRP A 1 109 ? 2.568   -12.272 -8.921  1.00 61.85  ? 109 TRP A NE1 1 
ATOM   787  C CE2 . TRP A 1 109 ? 2.776   -11.653 -7.716  1.00 63.85  ? 109 TRP A CE2 1 
ATOM   788  C CE3 . TRP A 1 109 ? 3.446   -9.459  -6.913  1.00 60.78  ? 109 TRP A CE3 1 
ATOM   789  C CZ2 . TRP A 1 109 ? 2.641   -12.147 -6.409  1.00 61.61  ? 109 TRP A CZ2 1 
ATOM   790  C CZ3 . TRP A 1 109 ? 3.313   -9.953  -5.614  1.00 62.80  ? 109 TRP A CZ3 1 
ATOM   791  C CH2 . TRP A 1 109 ? 2.920   -11.289 -5.376  1.00 62.31  ? 109 TRP A CH2 1 
ATOM   792  N N   . LEU A 1 110 ? 6.332   -10.860 -9.924  1.00 63.19  ? 110 LEU A N   1 
ATOM   793  C CA  . LEU A 1 110 ? 6.877   -12.187 -10.169 1.00 59.45  ? 110 LEU A CA  1 
ATOM   794  C C   . LEU A 1 110 ? 6.148   -13.202 -9.295  1.00 59.82  ? 110 LEU A C   1 
ATOM   795  O O   . LEU A 1 110 ? 5.600   -12.845 -8.247  1.00 60.27  ? 110 LEU A O   1 
ATOM   796  C CB  . LEU A 1 110 ? 8.367   -12.194 -9.865  1.00 55.31  ? 110 LEU A CB  1 
ATOM   797  C CG  . LEU A 1 110 ? 9.208   -11.463 -10.909 1.00 52.57  ? 110 LEU A CG  1 
ATOM   798  C CD1 . LEU A 1 110 ? 10.646  -11.346 -10.423 1.00 50.84  ? 110 LEU A CD1 1 
ATOM   799  C CD2 . LEU A 1 110 ? 9.125   -12.216 -12.234 1.00 48.19  ? 110 LEU A CD2 1 
ATOM   800  N N   . PRO A 1 111 ? 6.121   -14.482 -9.713  1.00 59.53  ? 111 PRO A N   1 
ATOM   801  C CA  . PRO A 1 111 ? 5.433   -15.514 -8.927  1.00 59.53  ? 111 PRO A CA  1 
ATOM   802  C C   . PRO A 1 111 ? 6.171   -15.869 -7.640  1.00 58.95  ? 111 PRO A C   1 
ATOM   803  O O   . PRO A 1 111 ? 5.587   -16.472 -6.742  1.00 57.85  ? 111 PRO A O   1 
ATOM   804  C CB  . PRO A 1 111 ? 5.348   -16.697 -9.894  1.00 60.95  ? 111 PRO A CB  1 
ATOM   805  C CG  . PRO A 1 111 ? 5.452   -16.057 -11.252 1.00 60.33  ? 111 PRO A CG  1 
ATOM   806  C CD  . PRO A 1 111 ? 6.520   -15.019 -11.020 1.00 59.85  ? 111 PRO A CD  1 
ATOM   807  N N   . VAL A 1 112 ? 7.452   -15.501 -7.570  1.00 58.17  ? 112 VAL A N   1 
ATOM   808  C CA  . VAL A 1 112 ? 8.270   -15.757 -6.383  1.00 56.79  ? 112 VAL A CA  1 
ATOM   809  C C   . VAL A 1 112 ? 8.095   -14.637 -5.355  1.00 55.76  ? 112 VAL A C   1 
ATOM   810  O O   . VAL A 1 112 ? 8.681   -14.688 -4.269  1.00 55.43  ? 112 VAL A O   1 
ATOM   811  C CB  . VAL A 1 112 ? 9.799   -15.876 -6.720  1.00 57.32  ? 112 VAL A CB  1 
ATOM   812  C CG1 . VAL A 1 112 ? 10.047  -17.064 -7.640  1.00 57.48  ? 112 VAL A CG1 1 
ATOM   813  C CG2 . VAL A 1 112 ? 10.314  -14.585 -7.351  1.00 54.64  ? 112 VAL A CG2 1 
ATOM   814  N N   . HIS A 1 113 ? 7.294   -13.625 -5.694  1.00 54.62  ? 113 HIS A N   1 
ATOM   815  C CA  . HIS A 1 113 ? 7.065   -12.511 -4.768  1.00 54.23  ? 113 HIS A CA  1 
ATOM   816  C C   . HIS A 1 113 ? 6.051   -12.859 -3.671  1.00 52.18  ? 113 HIS A C   1 
ATOM   817  O O   . HIS A 1 113 ? 5.195   -13.730 -3.847  1.00 51.97  ? 113 HIS A O   1 
ATOM   818  C CB  . HIS A 1 113 ? 6.596   -11.248 -5.515  1.00 52.38  ? 113 HIS A CB  1 
ATOM   819  C CG  . HIS A 1 113 ? 7.680   -10.555 -6.288  1.00 51.48  ? 113 HIS A CG  1 
ATOM   820  N ND1 . HIS A 1 113 ? 9.000   -10.564 -5.891  1.00 51.04  ? 113 HIS A ND1 1 
ATOM   821  C CD2 . HIS A 1 113 ? 7.629   -9.790  -7.406  1.00 49.73  ? 113 HIS A CD2 1 
ATOM   822  C CE1 . HIS A 1 113 ? 9.716   -9.836  -6.731  1.00 51.64  ? 113 HIS A CE1 1 
ATOM   823  N NE2 . HIS A 1 113 ? 8.907   -9.354  -7.660  1.00 51.95  ? 113 HIS A NE2 1 
ATOM   824  N N   . THR A 1 114 ? 6.157   -12.165 -2.541  1.00 51.02  ? 114 THR A N   1 
ATOM   825  C CA  . THR A 1 114 ? 5.261   -12.393 -1.411  1.00 48.58  ? 114 THR A CA  1 
ATOM   826  C C   . THR A 1 114 ? 4.611   -11.095 -0.922  1.00 49.58  ? 114 THR A C   1 
ATOM   827  O O   . THR A 1 114 ? 4.967   -9.987  -1.363  1.00 46.90  ? 114 THR A O   1 
ATOM   828  C CB  . THR A 1 114 ? 6.011   -13.021 -0.219  1.00 46.86  ? 114 THR A CB  1 
ATOM   829  O OG1 . THR A 1 114 ? 6.932   -12.067 0.322   1.00 43.57  ? 114 THR A OG1 1 
ATOM   830  C CG2 . THR A 1 114 ? 6.768   -14.256 -0.660  1.00 42.14  ? 114 THR A CG2 1 
ATOM   831  N N   . VAL A 1 115 ? 3.648   -11.251 -0.016  1.00 48.17  ? 115 VAL A N   1 
ATOM   832  C CA  . VAL A 1 115 ? 2.947   -10.112 0.549   1.00 47.14  ? 115 VAL A CA  1 
ATOM   833  C C   . VAL A 1 115 ? 4.027   -9.209  1.117   1.00 48.04  ? 115 VAL A C   1 
ATOM   834  O O   . VAL A 1 115 ? 3.942   -7.978  1.041   1.00 46.77  ? 115 VAL A O   1 
ATOM   835  C CB  . VAL A 1 115 ? 1.984   -10.561 1.671   1.00 44.73  ? 115 VAL A CB  1 
ATOM   836  C CG1 . VAL A 1 115 ? 1.310   -9.357  2.297   1.00 43.11  ? 115 VAL A CG1 1 
ATOM   837  C CG2 . VAL A 1 115 ? 0.940   -11.512 1.104   1.00 43.07  ? 115 VAL A CG2 1 
ATOM   838  N N   . GLU A 1 116 ? 5.051   -9.850  1.671   1.00 48.66  ? 116 GLU A N   1 
ATOM   839  C CA  . GLU A 1 116 ? 6.174   -9.145  2.248   1.00 50.00  ? 116 GLU A CA  1 
ATOM   840  C C   . GLU A 1 116 ? 6.809   -8.231  1.209   1.00 48.73  ? 116 GLU A C   1 
ATOM   841  O O   . GLU A 1 116 ? 7.093   -7.072  1.492   1.00 49.31  ? 116 GLU A O   1 
ATOM   842  C CB  . GLU A 1 116 ? 7.213   -10.140 2.763   1.00 52.12  ? 116 GLU A CB  1 
ATOM   843  C CG  . GLU A 1 116 ? 8.480   -9.477  3.309   1.00 54.97  ? 116 GLU A CG  1 
ATOM   844  C CD  . GLU A 1 116 ? 9.536   -10.476 3.754   1.00 58.66  ? 116 GLU A CD  1 
ATOM   845  O OE1 . GLU A 1 116 ? 10.614  -10.022 4.205   1.00 59.67  ? 116 GLU A OE1 1 
ATOM   846  O OE2 . GLU A 1 116 ? 9.296   -11.708 3.654   1.00 60.03  ? 116 GLU A OE2 1 
ATOM   847  N N   . THR A 1 117 ? 7.030   -8.759  0.010   1.00 47.63  ? 117 THR A N   1 
ATOM   848  C CA  . THR A 1 117 ? 7.622   -7.990  -1.080  1.00 47.60  ? 117 THR A CA  1 
ATOM   849  C C   . THR A 1 117 ? 6.763   -6.754  -1.378  1.00 46.54  ? 117 THR A C   1 
ATOM   850  O O   . THR A 1 117 ? 7.265   -5.633  -1.491  1.00 46.86  ? 117 THR A O   1 
ATOM   851  C CB  . THR A 1 117 ? 7.738   -8.850  -2.375  1.00 49.87  ? 117 THR A CB  1 
ATOM   852  O OG1 . THR A 1 117 ? 8.472   -10.052 -2.098  1.00 49.15  ? 117 THR A OG1 1 
ATOM   853  C CG2 . THR A 1 117 ? 8.469   -8.070  -3.473  1.00 47.84  ? 117 THR A CG2 1 
ATOM   854  N N   . ILE A 1 118 ? 5.462   -6.974  -1.510  1.00 46.23  ? 118 ILE A N   1 
ATOM   855  C CA  . ILE A 1 118 ? 4.522   -5.899  -1.766  1.00 45.80  ? 118 ILE A CA  1 
ATOM   856  C C   . ILE A 1 118 ? 4.637   -4.863  -0.659  1.00 46.46  ? 118 ILE A C   1 
ATOM   857  O O   . ILE A 1 118 ? 4.892   -3.685  -0.929  1.00 47.73  ? 118 ILE A O   1 
ATOM   858  C CB  . ILE A 1 118 ? 3.063   -6.422  -1.790  1.00 46.35  ? 118 ILE A CB  1 
ATOM   859  C CG1 . ILE A 1 118 ? 2.867   -7.331  -2.996  1.00 47.72  ? 118 ILE A CG1 1 
ATOM   860  C CG2 . ILE A 1 118 ? 2.075   -5.264  -1.849  1.00 42.91  ? 118 ILE A CG2 1 
ATOM   861  C CD1 . ILE A 1 118 ? 1.563   -8.078  -2.983  1.00 50.69  ? 118 ILE A CD1 1 
ATOM   862  N N   . LEU A 1 119 ? 4.455   -5.298  0.586   1.00 45.32  ? 119 LEU A N   1 
ATOM   863  C CA  . LEU A 1 119 ? 4.516   -4.365  1.697   1.00 45.81  ? 119 LEU A CA  1 
ATOM   864  C C   . LEU A 1 119 ? 5.821   -3.571  1.725   1.00 47.07  ? 119 LEU A C   1 
ATOM   865  O O   . LEU A 1 119 ? 5.831   -2.372  2.046   1.00 47.43  ? 119 LEU A O   1 
ATOM   866  C CB  . LEU A 1 119 ? 4.291   -5.090  3.025   1.00 44.65  ? 119 LEU A CB  1 
ATOM   867  C CG  . LEU A 1 119 ? 2.883   -5.680  3.202   1.00 44.49  ? 119 LEU A CG  1 
ATOM   868  C CD1 . LEU A 1 119 ? 2.700   -6.142  4.643   1.00 40.81  ? 119 LEU A CD1 1 
ATOM   869  C CD2 . LEU A 1 119 ? 1.842   -4.645  2.852   1.00 42.94  ? 119 LEU A CD2 1 
ATOM   870  N N   . LEU A 1 120 ? 6.917   -4.225  1.368   1.00 45.93  ? 120 LEU A N   1 
ATOM   871  C CA  . LEU A 1 120 ? 8.200   -3.546  1.351   1.00 47.73  ? 120 LEU A CA  1 
ATOM   872  C C   . LEU A 1 120 ? 8.226   -2.492  0.263   1.00 49.49  ? 120 LEU A C   1 
ATOM   873  O O   . LEU A 1 120 ? 8.644   -1.357  0.503   1.00 50.42  ? 120 LEU A O   1 
ATOM   874  C CB  . LEU A 1 120 ? 9.342   -4.544  1.129   1.00 47.93  ? 120 LEU A CB  1 
ATOM   875  C CG  . LEU A 1 120 ? 9.721   -5.375  2.358   1.00 47.42  ? 120 LEU A CG  1 
ATOM   876  C CD1 . LEU A 1 120 ? 10.752  -6.424  1.999   1.00 44.61  ? 120 LEU A CD1 1 
ATOM   877  C CD2 . LEU A 1 120 ? 10.244  -4.436  3.438   1.00 46.75  ? 120 LEU A CD2 1 
ATOM   878  N N   . SER A 1 121 ? 7.785   -2.851  -0.939  1.00 50.73  ? 121 SER A N   1 
ATOM   879  C CA  . SER A 1 121 ? 7.798   -1.870  -2.018  1.00 51.55  ? 121 SER A CA  1 
ATOM   880  C C   . SER A 1 121 ? 6.832   -0.721  -1.690  1.00 49.96  ? 121 SER A C   1 
ATOM   881  O O   . SER A 1 121 ? 6.921   0.360   -2.276  1.00 49.91  ? 121 SER A O   1 
ATOM   882  C CB  . SER A 1 121 ? 7.458   -2.526  -3.369  1.00 52.27  ? 121 SER A CB  1 
ATOM   883  O OG  . SER A 1 121 ? 6.082   -2.812  -3.484  1.00 55.38  ? 121 SER A OG  1 
ATOM   884  N N   . VAL A 1 122 ? 5.926   -0.948  -0.739  1.00 47.70  ? 122 VAL A N   1 
ATOM   885  C CA  . VAL A 1 122 ? 4.988   0.100   -0.330  1.00 45.96  ? 122 VAL A CA  1 
ATOM   886  C C   . VAL A 1 122 ? 5.674   1.138   0.575   1.00 44.33  ? 122 VAL A C   1 
ATOM   887  O O   . VAL A 1 122 ? 5.359   2.333   0.522   1.00 42.40  ? 122 VAL A O   1 
ATOM   888  C CB  . VAL A 1 122 ? 3.770   -0.485  0.389   1.00 44.75  ? 122 VAL A CB  1 
ATOM   889  C CG1 . VAL A 1 122 ? 2.895   0.639   0.947   1.00 42.53  ? 122 VAL A CG1 1 
ATOM   890  C CG2 . VAL A 1 122 ? 2.994   -1.346  -0.573  1.00 41.69  ? 122 VAL A CG2 1 
ATOM   891  N N   . ILE A 1 123 ? 6.602   0.691   1.409   1.00 42.05  ? 123 ILE A N   1 
ATOM   892  C CA  . ILE A 1 123 ? 7.317   1.645   2.225   1.00 45.13  ? 123 ILE A CA  1 
ATOM   893  C C   . ILE A 1 123 ? 8.080   2.546   1.245   1.00 47.78  ? 123 ILE A C   1 
ATOM   894  O O   . ILE A 1 123 ? 8.192   3.757   1.453   1.00 49.73  ? 123 ILE A O   1 
ATOM   895  C CB  . ILE A 1 123 ? 8.327   0.959   3.160   1.00 45.14  ? 123 ILE A CB  1 
ATOM   896  C CG1 . ILE A 1 123 ? 7.584   0.241   4.284   1.00 45.07  ? 123 ILE A CG1 1 
ATOM   897  C CG2 . ILE A 1 123 ? 9.308   1.998   3.731   1.00 42.52  ? 123 ILE A CG2 1 
ATOM   898  C CD1 . ILE A 1 123 ? 8.501   -0.467  5.249   1.00 44.98  ? 123 ILE A CD1 1 
ATOM   899  N N   . SER A 1 124 ? 8.601   1.945   0.177   1.00 47.60  ? 124 SER A N   1 
ATOM   900  C CA  . SER A 1 124 ? 9.326   2.687   -0.840  1.00 49.45  ? 124 SER A CA  1 
ATOM   901  C C   . SER A 1 124 ? 8.419   3.731   -1.487  1.00 51.52  ? 124 SER A C   1 
ATOM   902  O O   . SER A 1 124 ? 8.793   4.888   -1.621  1.00 50.85  ? 124 SER A O   1 
ATOM   903  C CB  . SER A 1 124 ? 9.837   1.745   -1.930  1.00 51.57  ? 124 SER A CB  1 
ATOM   904  O OG  . SER A 1 124 ? 10.929  0.966   -1.494  1.00 54.28  ? 124 SER A OG  1 
ATOM   905  N N   . MET A 1 125 ? 7.232   3.315   -1.904  1.00 53.72  ? 125 MET A N   1 
ATOM   906  C CA  . MET A 1 125 ? 6.306   4.242   -2.523  1.00 57.52  ? 125 MET A CA  1 
ATOM   907  C C   . MET A 1 125 ? 6.062   5.484   -1.667  1.00 58.92  ? 125 MET A C   1 
ATOM   908  O O   . MET A 1 125 ? 6.058   6.611   -2.180  1.00 57.77  ? 125 MET A O   1 
ATOM   909  C CB  . MET A 1 125 ? 4.971   3.566   -2.789  1.00 61.21  ? 125 MET A CB  1 
ATOM   910  C CG  . MET A 1 125 ? 3.884   4.562   -3.120  1.00 65.39  ? 125 MET A CG  1 
ATOM   911  S SD  . MET A 1 125 ? 2.336   3.771   -3.443  1.00 74.95  ? 125 MET A SD  1 
ATOM   912  C CE  . MET A 1 125 ? 1.827   3.341   -1.749  1.00 71.40  ? 125 MET A CE  1 
ATOM   913  N N   . LEU A 1 126 ? 5.840   5.277   -0.371  1.00 58.54  ? 126 LEU A N   1 
ATOM   914  C CA  . LEU A 1 126 ? 5.593   6.393   0.532   1.00 59.06  ? 126 LEU A CA  1 
ATOM   915  C C   . LEU A 1 126 ? 6.872   7.218   0.768   1.00 61.44  ? 126 LEU A C   1 
ATOM   916  O O   . LEU A 1 126 ? 6.827   8.444   0.882   1.00 62.05  ? 126 LEU A O   1 
ATOM   917  C CB  . LEU A 1 126 ? 5.048   5.868   1.859   1.00 54.41  ? 126 LEU A CB  1 
ATOM   918  C CG  . LEU A 1 126 ? 3.743   5.063   1.799   1.00 53.01  ? 126 LEU A CG  1 
ATOM   919  C CD1 . LEU A 1 126 ? 3.462   4.466   3.166   1.00 49.71  ? 126 LEU A CD1 1 
ATOM   920  C CD2 . LEU A 1 126 ? 2.580   5.938   1.342   1.00 50.07  ? 126 LEU A CD2 1 
ATOM   921  N N   . THR A 1 127 ? 8.011   6.542   0.822   1.00 63.30  ? 127 THR A N   1 
ATOM   922  C CA  . THR A 1 127 ? 9.287   7.207   1.055   1.00 66.02  ? 127 THR A CA  1 
ATOM   923  C C   . THR A 1 127 ? 9.848   7.884   -0.197  1.00 68.99  ? 127 THR A C   1 
ATOM   924  O O   . THR A 1 127 ? 10.512  8.926   -0.113  1.00 69.16  ? 127 THR A O   1 
ATOM   925  C CB  . THR A 1 127 ? 10.347  6.202   1.549   1.00 64.14  ? 127 THR A CB  1 
ATOM   926  O OG1 . THR A 1 127 ? 9.785   5.396   2.587   1.00 62.16  ? 127 THR A OG1 1 
ATOM   927  C CG2 . THR A 1 127 ? 11.579  6.933   2.074   1.00 61.13  ? 127 THR A CG2 1 
ATOM   928  N N   . ASP A 1 128 ? 9.579   7.288   -1.354  1.00 72.06  ? 128 ASP A N   1 
ATOM   929  C CA  . ASP A 1 128 ? 10.097  7.806   -2.617  1.00 74.08  ? 128 ASP A CA  1 
ATOM   930  C C   . ASP A 1 128 ? 9.131   7.551   -3.774  1.00 72.89  ? 128 ASP A C   1 
ATOM   931  O O   . ASP A 1 128 ? 9.260   6.564   -4.496  1.00 70.44  ? 128 ASP A O   1 
ATOM   932  C CB  . ASP A 1 128 ? 11.431  7.130   -2.912  1.00 77.37  ? 128 ASP A CB  1 
ATOM   933  C CG  . ASP A 1 128 ? 12.339  7.990   -3.735  1.00 82.42  ? 128 ASP A CG  1 
ATOM   934  O OD1 . ASP A 1 128 ? 11.938  8.386   -4.861  1.00 85.12  ? 128 ASP A OD1 1 
ATOM   935  O OD2 . ASP A 1 128 ? 13.454  8.271   -3.240  1.00 84.55  ? 128 ASP A OD2 1 
ATOM   936  N N   . PRO A 1 129 ? 8.162   8.452   -3.973  1.00 73.73  ? 129 PRO A N   1 
ATOM   937  C CA  . PRO A 1 129 ? 7.192   8.271   -5.057  1.00 74.46  ? 129 PRO A CA  1 
ATOM   938  C C   . PRO A 1 129 ? 7.819   8.215   -6.451  1.00 76.40  ? 129 PRO A C   1 
ATOM   939  O O   . PRO A 1 129 ? 8.831   8.871   -6.724  1.00 76.36  ? 129 PRO A O   1 
ATOM   940  C CB  . PRO A 1 129 ? 6.259   9.467   -4.880  1.00 74.18  ? 129 PRO A CB  1 
ATOM   941  C CG  . PRO A 1 129 ? 7.185   10.533  -4.347  1.00 73.05  ? 129 PRO A CG  1 
ATOM   942  C CD  . PRO A 1 129 ? 8.010   9.774   -3.333  1.00 72.88  ? 129 PRO A CD  1 
ATOM   943  N N   . ASN A 1 130 ? 7.227   7.405   -7.323  1.00 78.43  ? 130 ASN A N   1 
ATOM   944  C CA  . ASN A 1 130 ? 7.703   7.281   -8.696  1.00 81.36  ? 130 ASN A CA  1 
ATOM   945  C C   . ASN A 1 130 ? 6.699   7.983   -9.586  1.00 83.34  ? 130 ASN A C   1 
ATOM   946  O O   . ASN A 1 130 ? 5.556   7.536   -9.724  1.00 83.90  ? 130 ASN A O   1 
ATOM   947  C CB  . ASN A 1 130 ? 7.825   5.810   -9.120  1.00 80.07  ? 130 ASN A CB  1 
ATOM   948  C CG  . ASN A 1 130 ? 8.059   5.648   -10.626 1.00 80.26  ? 130 ASN A CG  1 
ATOM   949  O OD1 . ASN A 1 130 ? 7.111   5.631   -11.419 1.00 78.75  ? 130 ASN A OD1 1 
ATOM   950  N ND2 . ASN A 1 130 ? 9.326   5.544   -11.021 1.00 79.02  ? 130 ASN A ND2 1 
ATOM   951  N N   . PHE A 1 131 ? 7.111   9.091   -10.180 1.00 85.33  ? 131 PHE A N   1 
ATOM   952  C CA  . PHE A 1 131 ? 6.201   9.813   -11.044 1.00 88.29  ? 131 PHE A CA  1 
ATOM   953  C C   . PHE A 1 131 ? 6.008   8.991   -12.310 1.00 90.18  ? 131 PHE A C   1 
ATOM   954  O O   . PHE A 1 131 ? 5.221   8.039   -12.292 1.00 91.54  ? 131 PHE A O   1 
ATOM   955  C CB  . PHE A 1 131 ? 6.734   11.225  -11.299 1.00 88.53  ? 131 PHE A CB  1 
ATOM   956  C CG  . PHE A 1 131 ? 6.884   12.035  -10.027 1.00 89.36  ? 131 PHE A CG  1 
ATOM   957  C CD1 . PHE A 1 131 ? 7.977   11.834  -9.174  1.00 88.80  ? 131 PHE A CD1 1 
ATOM   958  C CD2 . PHE A 1 131 ? 5.891   12.934  -9.633  1.00 89.23  ? 131 PHE A CD2 1 
ATOM   959  C CE1 . PHE A 1 131 ? 8.074   12.505  -7.948  1.00 87.60  ? 131 PHE A CE1 1 
ATOM   960  C CE2 . PHE A 1 131 ? 5.980   13.611  -8.406  1.00 88.69  ? 131 PHE A CE2 1 
ATOM   961  C CZ  . PHE A 1 131 ? 7.074   13.395  -7.566  1.00 87.82  ? 131 PHE A CZ  1 
ATOM   962  N N   . GLU A 1 132 ? 6.713   9.306   -13.391 1.00 90.77  ? 132 GLU A N   1 
ATOM   963  C CA  . GLU A 1 132 ? 6.551   8.518   -14.613 1.00 91.31  ? 132 GLU A CA  1 
ATOM   964  C C   . GLU A 1 132 ? 5.131   7.967   -14.734 1.00 89.75  ? 132 GLU A C   1 
ATOM   965  O O   . GLU A 1 132 ? 4.893   6.796   -14.446 1.00 88.24  ? 132 GLU A O   1 
ATOM   966  C CB  . GLU A 1 132 ? 7.501   7.322   -14.617 1.00 94.34  ? 132 GLU A CB  1 
ATOM   967  C CG  . GLU A 1 132 ? 8.960   7.628   -14.841 1.00 98.00  ? 132 GLU A CG  1 
ATOM   968  C CD  . GLU A 1 132 ? 9.719   6.379   -15.263 1.00 100.22 ? 132 GLU A CD  1 
ATOM   969  O OE1 . GLU A 1 132 ? 9.600   5.353   -14.557 1.00 100.38 ? 132 GLU A OE1 1 
ATOM   970  O OE2 . GLU A 1 132 ? 10.425  6.420   -16.298 1.00 101.34 ? 132 GLU A OE2 1 
ATOM   971  N N   . SER A 1 133 ? 4.191   8.805   -15.144 1.00 89.63  ? 133 SER A N   1 
ATOM   972  C CA  . SER A 1 133 ? 2.802   8.380   -15.294 1.00 89.58  ? 133 SER A CA  1 
ATOM   973  C C   . SER A 1 133 ? 2.121   8.106   -13.949 1.00 88.57  ? 133 SER A C   1 
ATOM   974  O O   . SER A 1 133 ? 1.622   7.005   -13.714 1.00 87.79  ? 133 SER A O   1 
ATOM   975  C CB  . SER A 1 133 ? 2.718   7.118   -16.165 1.00 90.11  ? 133 SER A CB  1 
ATOM   976  O OG  . SER A 1 133 ? 3.452   7.268   -17.368 1.00 91.24  ? 133 SER A OG  1 
ATOM   977  N N   . PRO A 1 134 ? 2.102   9.102   -13.047 1.00 87.71  ? 134 PRO A N   1 
ATOM   978  C CA  . PRO A 1 134 ? 1.467   8.935   -11.736 1.00 86.55  ? 134 PRO A CA  1 
ATOM   979  C C   . PRO A 1 134 ? -0.021  8.639   -11.908 1.00 86.41  ? 134 PRO A C   1 
ATOM   980  O O   . PRO A 1 134 ? -0.620  9.015   -12.919 1.00 86.32  ? 134 PRO A O   1 
ATOM   981  C CB  . PRO A 1 134 ? 1.703   10.281  -11.070 1.00 86.74  ? 134 PRO A CB  1 
ATOM   982  C CG  . PRO A 1 134 ? 3.017   10.716  -11.659 1.00 86.97  ? 134 PRO A CG  1 
ATOM   983  C CD  . PRO A 1 134 ? 2.829   10.382  -13.112 1.00 87.70  ? 134 PRO A CD  1 
ATOM   984  N N   . ALA A 1 135 ? -0.610  7.963   -10.924 1.00 85.79  ? 135 ALA A N   1 
ATOM   985  C CA  . ALA A 1 135 ? -2.029  7.616   -10.973 1.00 83.71  ? 135 ALA A CA  1 
ATOM   986  C C   . ALA A 1 135 ? -2.826  8.781   -10.430 1.00 83.08  ? 135 ALA A C   1 
ATOM   987  O O   . ALA A 1 135 ? -4.056  8.789   -10.466 1.00 82.58  ? 135 ALA A O   1 
ATOM   988  C CB  . ALA A 1 135 ? -2.296  6.376   -10.139 1.00 83.54  ? 135 ALA A CB  1 
ATOM   989  N N   . ASN A 1 136 ? -2.104  9.769   -9.925  1.00 83.25  ? 136 ASN A N   1 
ATOM   990  C CA  . ASN A 1 136 ? -2.724  10.954  -9.363  1.00 84.22  ? 136 ASN A CA  1 
ATOM   991  C C   . ASN A 1 136 ? -1.852  12.148  -9.707  1.00 85.65  ? 136 ASN A C   1 
ATOM   992  O O   . ASN A 1 136 ? -0.887  12.464  -8.998  1.00 85.66  ? 136 ASN A O   1 
ATOM   993  C CB  . ASN A 1 136 ? -2.842  10.817  -7.849  1.00 83.90  ? 136 ASN A CB  1 
ATOM   994  C CG  . ASN A 1 136 ? -3.702  11.887  -7.242  1.00 82.31  ? 136 ASN A CG  1 
ATOM   995  O OD1 . ASN A 1 136 ? -3.478  13.073  -7.461  1.00 82.59  ? 136 ASN A OD1 1 
ATOM   996  N ND2 . ASN A 1 136 ? -4.697  11.479  -6.473  1.00 82.78  ? 136 ASN A ND2 1 
ATOM   997  N N   . VAL A 1 137 ? -2.196  12.810  -10.805 1.00 86.81  ? 137 VAL A N   1 
ATOM   998  C CA  . VAL A 1 137 ? -1.434  13.960  -11.253 1.00 87.32  ? 137 VAL A CA  1 
ATOM   999  C C   . VAL A 1 137 ? -1.563  15.121  -10.264 1.00 87.14  ? 137 VAL A C   1 
ATOM   1000 O O   . VAL A 1 137 ? -0.561  15.720  -9.867  1.00 86.65  ? 137 VAL A O   1 
ATOM   1001 C CB  . VAL A 1 137 ? -1.890  14.401  -12.662 1.00 87.68  ? 137 VAL A CB  1 
ATOM   1002 C CG1 . VAL A 1 137 ? -0.746  15.136  -13.375 1.00 87.48  ? 137 VAL A CG1 1 
ATOM   1003 C CG2 . VAL A 1 137 ? -2.333  13.181  -13.470 1.00 86.76  ? 137 VAL A CG2 1 
ATOM   1004 N N   . ASP A 1 138 ? -2.791  15.433  -9.859  1.00 87.09  ? 138 ASP A N   1 
ATOM   1005 C CA  . ASP A 1 138 ? -3.018  16.512  -8.896  1.00 87.84  ? 138 ASP A CA  1 
ATOM   1006 C C   . ASP A 1 138 ? -1.905  16.487  -7.849  1.00 87.89  ? 138 ASP A C   1 
ATOM   1007 O O   . ASP A 1 138 ? -1.337  17.522  -7.485  1.00 87.25  ? 138 ASP A O   1 
ATOM   1008 C CB  . ASP A 1 138 ? -4.362  16.313  -8.189  1.00 88.34  ? 138 ASP A CB  1 
ATOM   1009 C CG  . ASP A 1 138 ? -5.544  16.496  -9.113  1.00 89.54  ? 138 ASP A CG  1 
ATOM   1010 O OD1 . ASP A 1 138 ? -5.886  17.661  -9.393  1.00 90.57  ? 138 ASP A OD1 1 
ATOM   1011 O OD2 . ASP A 1 138 ? -6.127  15.482  -9.561  1.00 90.48  ? 138 ASP A OD2 1 
ATOM   1012 N N   . ALA A 1 139 ? -1.607  15.279  -7.379  1.00 87.28  ? 139 ALA A N   1 
ATOM   1013 C CA  . ALA A 1 139 ? -0.591  15.065  -6.368  1.00 86.49  ? 139 ALA A CA  1 
ATOM   1014 C C   . ALA A 1 139 ? 0.794   15.139  -6.970  1.00 85.81  ? 139 ALA A C   1 
ATOM   1015 O O   . ALA A 1 139 ? 1.690   15.782  -6.414  1.00 85.49  ? 139 ALA A O   1 
ATOM   1016 C CB  . ALA A 1 139 ? -0.800  13.712  -5.710  1.00 88.11  ? 139 ALA A CB  1 
ATOM   1017 N N   . ALA A 1 140 ? 0.976   14.471  -8.100  1.00 85.05  ? 140 ALA A N   1 
ATOM   1018 C CA  . ALA A 1 140 ? 2.272   14.476  -8.764  1.00 86.22  ? 140 ALA A CA  1 
ATOM   1019 C C   . ALA A 1 140 ? 2.699   15.917  -9.043  1.00 86.30  ? 140 ALA A C   1 
ATOM   1020 O O   . ALA A 1 140 ? 3.829   16.315  -8.754  1.00 85.05  ? 140 ALA A O   1 
ATOM   1021 C CB  . ALA A 1 140 ? 2.192   13.689  -10.065 1.00 86.83  ? 140 ALA A CB  1 
ATOM   1022 N N   . LYS A 1 141 ? 1.776   16.693  -9.603  1.00 87.13  ? 141 LYS A N   1 
ATOM   1023 C CA  . LYS A 1 141 ? 2.034   18.089  -9.926  1.00 88.12  ? 141 LYS A CA  1 
ATOM   1024 C C   . LYS A 1 141 ? 2.317   18.885  -8.658  1.00 88.05  ? 141 LYS A C   1 
ATOM   1025 O O   . LYS A 1 141 ? 3.262   19.678  -8.594  1.00 86.95  ? 141 LYS A O   1 
ATOM   1026 C CB  . LYS A 1 141 ? 0.826   18.692  -10.656 1.00 88.91  ? 141 LYS A CB  1 
ATOM   1027 C CG  . LYS A 1 141 ? 1.035   20.131  -11.109 1.00 90.35  ? 141 LYS A CG  1 
ATOM   1028 C CD  . LYS A 1 141 ? -0.003  20.574  -12.132 1.00 91.61  ? 141 LYS A CD  1 
ATOM   1029 C CE  . LYS A 1 141 ? 0.354   21.948  -12.707 1.00 91.84  ? 141 LYS A CE  1 
ATOM   1030 N NZ  . LYS A 1 141 ? -0.607  22.406  -13.751 1.00 91.38  ? 141 LYS A NZ  1 
ATOM   1031 N N   . MET A 1 142 ? 1.503   18.653  -7.639  1.00 88.04  ? 142 MET A N   1 
ATOM   1032 C CA  . MET A 1 142 ? 1.662   19.375  -6.397  1.00 88.31  ? 142 MET A CA  1 
ATOM   1033 C C   . MET A 1 142 ? 3.011   19.222  -5.716  1.00 89.69  ? 142 MET A C   1 
ATOM   1034 O O   . MET A 1 142 ? 3.689   20.211  -5.465  1.00 91.21  ? 142 MET A O   1 
ATOM   1035 C CB  . MET A 1 142 ? 0.560   18.997  -5.420  1.00 86.42  ? 142 MET A CB  1 
ATOM   1036 C CG  . MET A 1 142 ? 0.456   19.984  -4.286  1.00 85.21  ? 142 MET A CG  1 
ATOM   1037 S SD  . MET A 1 142 ? -1.012  19.725  -3.319  1.00 86.10  ? 142 MET A SD  1 
ATOM   1038 C CE  . MET A 1 142 ? -2.291  20.023  -4.561  1.00 83.60  ? 142 MET A CE  1 
ATOM   1039 N N   . GLN A 1 143 ? 3.415   17.997  -5.413  1.00 90.75  ? 143 GLN A N   1 
ATOM   1040 C CA  . GLN A 1 143 ? 4.685   17.808  -4.729  1.00 92.32  ? 143 GLN A CA  1 
ATOM   1041 C C   . GLN A 1 143 ? 5.884   18.388  -5.475  1.00 93.88  ? 143 GLN A C   1 
ATOM   1042 O O   . GLN A 1 143 ? 6.853   18.833  -4.857  1.00 94.29  ? 143 GLN A O   1 
ATOM   1043 C CB  . GLN A 1 143 ? 4.928   16.330  -4.472  1.00 92.40  ? 143 GLN A CB  1 
ATOM   1044 C CG  . GLN A 1 143 ? 6.036   16.089  -3.475  1.00 91.90  ? 143 GLN A CG  1 
ATOM   1045 C CD  . GLN A 1 143 ? 6.483   14.658  -3.466  1.00 92.36  ? 143 GLN A CD  1 
ATOM   1046 O OE1 . GLN A 1 143 ? 5.658   13.741  -3.543  1.00 93.69  ? 143 GLN A OE1 1 
ATOM   1047 N NE2 . GLN A 1 143 ? 7.794   14.445  -3.364  1.00 91.47  ? 143 GLN A NE2 1 
ATOM   1048 N N   . ARG A 1 144 ? 5.810   18.382  -6.805  1.00 95.83  ? 144 ARG A N   1 
ATOM   1049 C CA  . ARG A 1 144 ? 6.886   18.885  -7.660  1.00 96.92  ? 144 ARG A CA  1 
ATOM   1050 C C   . ARG A 1 144 ? 7.086   20.406  -7.626  1.00 96.92  ? 144 ARG A C   1 
ATOM   1051 O O   . ARG A 1 144 ? 8.208   20.887  -7.461  1.00 96.60  ? 144 ARG A O   1 
ATOM   1052 C CB  . ARG A 1 144 ? 6.646   18.422  -9.102  1.00 98.67  ? 144 ARG A CB  1 
ATOM   1053 C CG  . ARG A 1 144 ? 6.814   16.916  -9.310  1.00 100.84 ? 144 ARG A CG  1 
ATOM   1054 C CD  . ARG A 1 144 ? 8.184   16.582  -9.888  1.00 103.11 ? 144 ARG A CD  1 
ATOM   1055 N NE  . ARG A 1 144 ? 8.266   16.937  -11.303 1.00 106.67 ? 144 ARG A NE  1 
ATOM   1056 C CZ  . ARG A 1 144 ? 9.377   16.888  -12.036 1.00 107.40 ? 144 ARG A CZ  1 
ATOM   1057 N NH1 . ARG A 1 144 ? 10.519  16.498  -11.487 1.00 107.55 ? 144 ARG A NH1 1 
ATOM   1058 N NH2 . ARG A 1 144 ? 9.343   17.219  -13.323 1.00 107.52 ? 144 ARG A NH2 1 
ATOM   1059 N N   . GLU A 1 145 ? 6.008   21.165  -7.787  1.00 97.17  ? 145 GLU A N   1 
ATOM   1060 C CA  . GLU A 1 145 ? 6.107   22.622  -7.770  1.00 97.91  ? 145 GLU A CA  1 
ATOM   1061 C C   . GLU A 1 145 ? 5.594   23.245  -6.468  1.00 97.07  ? 145 GLU A C   1 
ATOM   1062 O O   . GLU A 1 145 ? 6.357   23.877  -5.732  1.00 97.33  ? 145 GLU A O   1 
ATOM   1063 C CB  . GLU A 1 145 ? 5.359   23.207  -8.971  1.00 99.46  ? 145 GLU A CB  1 
ATOM   1064 C CG  . GLU A 1 145 ? 3.929   22.718  -9.112  1.00 102.06 ? 145 GLU A CG  1 
ATOM   1065 C CD  . GLU A 1 145 ? 3.388   22.894  -10.521 1.00 104.20 ? 145 GLU A CD  1 
ATOM   1066 O OE1 . GLU A 1 145 ? 3.946   22.265  -11.454 1.00 103.88 ? 145 GLU A OE1 1 
ATOM   1067 O OE2 . GLU A 1 145 ? 2.409   23.658  -10.695 1.00 105.45 ? 145 GLU A OE2 1 
ATOM   1068 N N   . ASN A 1 146 ? 4.305   23.062  -6.186  1.00 95.17  ? 146 ASN A N   1 
ATOM   1069 C CA  . ASN A 1 146 ? 3.704   23.608  -4.975  1.00 92.95  ? 146 ASN A CA  1 
ATOM   1070 C C   . ASN A 1 146 ? 3.912   22.659  -3.793  1.00 91.53  ? 146 ASN A C   1 
ATOM   1071 O O   . ASN A 1 146 ? 2.959   22.079  -3.260  1.00 91.45  ? 146 ASN A O   1 
ATOM   1072 C CB  . ASN A 1 146 ? 2.210   23.850  -5.195  1.00 93.12  ? 146 ASN A CB  1 
ATOM   1073 C CG  . ASN A 1 146 ? 1.606   24.762  -4.139  1.00 94.36  ? 146 ASN A CG  1 
ATOM   1074 O OD1 . ASN A 1 146 ? 1.598   24.441  -2.947  1.00 95.45  ? 146 ASN A OD1 1 
ATOM   1075 N ND2 . ASN A 1 146 ? 1.097   25.911  -4.575  1.00 94.69  ? 146 ASN A ND2 1 
ATOM   1076 N N   . TYR A 1 147 ? 5.168   22.509  -3.388  1.00 89.09  ? 147 TYR A N   1 
ATOM   1077 C CA  . TYR A 1 147 ? 5.510   21.636  -2.278  1.00 88.17  ? 147 TYR A CA  1 
ATOM   1078 C C   . TYR A 1 147 ? 4.882   22.133  -0.984  1.00 88.41  ? 147 TYR A C   1 
ATOM   1079 O O   . TYR A 1 147 ? 4.591   21.357  -0.074  1.00 87.60  ? 147 TYR A O   1 
ATOM   1080 C CB  . TYR A 1 147 ? 7.024   21.585  -2.125  1.00 87.54  ? 147 TYR A CB  1 
ATOM   1081 C CG  . TYR A 1 147 ? 7.509   20.514  -1.184  1.00 87.35  ? 147 TYR A CG  1 
ATOM   1082 C CD1 . TYR A 1 147 ? 7.147   19.179  -1.373  1.00 87.27  ? 147 TYR A CD1 1 
ATOM   1083 C CD2 . TYR A 1 147 ? 8.364   20.823  -0.129  1.00 87.06  ? 147 TYR A CD2 1 
ATOM   1084 C CE1 . TYR A 1 147 ? 7.628   18.180  -0.536  1.00 86.30  ? 147 TYR A CE1 1 
ATOM   1085 C CE2 . TYR A 1 147 ? 8.852   19.832  0.712   1.00 86.53  ? 147 TYR A CE2 1 
ATOM   1086 C CZ  . TYR A 1 147 ? 8.482   18.514  0.501   1.00 86.04  ? 147 TYR A CZ  1 
ATOM   1087 O OH  . TYR A 1 147 ? 8.990   17.533  1.312   1.00 86.26  ? 147 TYR A OH  1 
ATOM   1088 N N   . ALA A 1 148 ? 4.676   23.443  -0.922  1.00 89.34  ? 148 ALA A N   1 
ATOM   1089 C CA  . ALA A 1 148 ? 4.097   24.100  0.242   1.00 88.47  ? 148 ALA A CA  1 
ATOM   1090 C C   . ALA A 1 148 ? 2.767   23.500  0.681   1.00 87.85  ? 148 ALA A C   1 
ATOM   1091 O O   . ALA A 1 148 ? 2.644   22.970  1.785   1.00 87.03  ? 148 ALA A O   1 
ATOM   1092 C CB  . ALA A 1 148 ? 3.916   25.585  -0.051  1.00 88.60  ? 148 ALA A CB  1 
ATOM   1093 N N   . GLU A 1 149 ? 1.771   23.588  -0.192  1.00 87.75  ? 149 GLU A N   1 
ATOM   1094 C CA  . GLU A 1 149 ? 0.448   23.084  0.129   1.00 88.50  ? 149 GLU A CA  1 
ATOM   1095 C C   . GLU A 1 149 ? 0.382   21.565  0.213   1.00 87.82  ? 149 GLU A C   1 
ATOM   1096 O O   . GLU A 1 149 ? -0.483  21.018  0.904   1.00 87.01  ? 149 GLU A O   1 
ATOM   1097 C CB  . GLU A 1 149 ? -0.561  23.575  -0.902  1.00 89.45  ? 149 GLU A CB  1 
ATOM   1098 C CG  . GLU A 1 149 ? -1.981  23.561  -0.391  1.00 92.02  ? 149 GLU A CG  1 
ATOM   1099 C CD  . GLU A 1 149 ? -2.983  23.347  -1.502  1.00 94.04  ? 149 GLU A CD  1 
ATOM   1100 O OE1 . GLU A 1 149 ? -2.894  24.070  -2.518  1.00 94.51  ? 149 GLU A OE1 1 
ATOM   1101 O OE2 . GLU A 1 149 ? -3.857  22.458  -1.355  1.00 94.10  ? 149 GLU A OE2 1 
ATOM   1102 N N   . PHE A 1 150 ? 1.291   20.893  -0.493  1.00 87.14  ? 150 PHE A N   1 
ATOM   1103 C CA  . PHE A 1 150 ? 1.330   19.433  -0.505  1.00 86.36  ? 150 PHE A CA  1 
ATOM   1104 C C   . PHE A 1 150 ? 1.574   18.844  0.887   1.00 85.58  ? 150 PHE A C   1 
ATOM   1105 O O   . PHE A 1 150 ? 0.801   18.003  1.354   1.00 85.14  ? 150 PHE A O   1 
ATOM   1106 C CB  . PHE A 1 150 ? 2.414   18.929  -1.463  1.00 86.30  ? 150 PHE A CB  1 
ATOM   1107 C CG  . PHE A 1 150 ? 2.455   17.428  -1.593  1.00 86.14  ? 150 PHE A CG  1 
ATOM   1108 C CD1 . PHE A 1 150 ? 1.510   16.755  -2.361  1.00 85.97  ? 150 PHE A CD1 1 
ATOM   1109 C CD2 . PHE A 1 150 ? 3.429   16.684  -0.932  1.00 86.20  ? 150 PHE A CD2 1 
ATOM   1110 C CE1 . PHE A 1 150 ? 1.537   15.358  -2.468  1.00 84.83  ? 150 PHE A CE1 1 
ATOM   1111 C CE2 . PHE A 1 150 ? 3.458   15.289  -1.032  1.00 84.41  ? 150 PHE A CE2 1 
ATOM   1112 C CZ  . PHE A 1 150 ? 2.512   14.629  -1.802  1.00 83.50  ? 150 PHE A CZ  1 
ATOM   1113 N N   . LYS A 1 151 ? 2.651   19.267  1.543   1.00 83.83  ? 151 LYS A N   1 
ATOM   1114 C CA  . LYS A 1 151 ? 2.944   18.766  2.881   1.00 83.02  ? 151 LYS A CA  1 
ATOM   1115 C C   . LYS A 1 151 ? 1.767   19.071  3.784   1.00 81.87  ? 151 LYS A C   1 
ATOM   1116 O O   . LYS A 1 151 ? 1.443   18.300  4.686   1.00 81.22  ? 151 LYS A O   1 
ATOM   1117 C CB  . LYS A 1 151 ? 4.202   19.430  3.456   1.00 83.40  ? 151 LYS A CB  1 
ATOM   1118 C CG  . LYS A 1 151 ? 5.504   18.921  2.854   1.00 84.04  ? 151 LYS A CG  1 
ATOM   1119 C CD  . LYS A 1 151 ? 6.729   19.359  3.661   1.00 83.49  ? 151 LYS A CD  1 
ATOM   1120 C CE  . LYS A 1 151 ? 6.994   20.853  3.547   1.00 84.40  ? 151 LYS A CE  1 
ATOM   1121 N NZ  . LYS A 1 151 ? 8.269   21.246  4.225   1.00 83.99  ? 151 LYS A NZ  1 
ATOM   1122 N N   . LYS A 1 152 ? 1.127   20.205  3.520   1.00 80.72  ? 152 LYS A N   1 
ATOM   1123 C CA  . LYS A 1 152 ? -0.012  20.658  4.303   1.00 79.91  ? 152 LYS A CA  1 
ATOM   1124 C C   . LYS A 1 152 ? -1.211  19.726  4.136   1.00 78.79  ? 152 LYS A C   1 
ATOM   1125 O O   . LYS A 1 152 ? -2.013  19.570  5.053   1.00 77.87  ? 152 LYS A O   1 
ATOM   1126 C CB  . LYS A 1 152 ? -0.380  22.087  3.886   1.00 79.95  ? 152 LYS A CB  1 
ATOM   1127 C CG  . LYS A 1 152 ? -1.372  22.786  4.802   1.00 79.29  ? 152 LYS A CG  1 
ATOM   1128 C CD  . LYS A 1 152 ? -1.852  24.095  4.183   1.00 79.14  ? 152 LYS A CD  1 
ATOM   1129 C CE  . LYS A 1 152 ? -3.130  24.598  4.849   1.00 78.68  ? 152 LYS A CE  1 
ATOM   1130 N NZ  . LYS A 1 152 ? -3.703  25.776  4.139   1.00 77.94  ? 152 LYS A NZ  1 
ATOM   1131 N N   . LYS A 1 153 ? -1.329  19.105  2.966   1.00 78.61  ? 153 LYS A N   1 
ATOM   1132 C CA  . LYS A 1 153 ? -2.433  18.186  2.705   1.00 79.22  ? 153 LYS A CA  1 
ATOM   1133 C C   . LYS A 1 153 ? -2.133  16.777  3.212   1.00 78.13  ? 153 LYS A C   1 
ATOM   1134 O O   . LYS A 1 153 ? -3.048  16.047  3.603   1.00 77.44  ? 153 LYS A O   1 
ATOM   1135 C CB  . LYS A 1 153 ? -2.754  18.161  1.211   1.00 81.19  ? 153 LYS A CB  1 
ATOM   1136 C CG  . LYS A 1 153 ? -3.297  19.488  0.723   1.00 86.53  ? 153 LYS A CG  1 
ATOM   1137 C CD  . LYS A 1 153 ? -4.621  19.802  1.417   1.00 90.30  ? 153 LYS A CD  1 
ATOM   1138 C CE  . LYS A 1 153 ? -4.975  21.286  1.355   1.00 91.54  ? 153 LYS A CE  1 
ATOM   1139 N NZ  . LYS A 1 153 ? -4.029  22.109  2.170   1.00 92.13  ? 153 LYS A NZ  1 
ATOM   1140 N N   . VAL A 1 154 ? -0.856  16.395  3.201   1.00 75.89  ? 154 VAL A N   1 
ATOM   1141 C CA  . VAL A 1 154 ? -0.465  15.085  3.702   1.00 74.08  ? 154 VAL A CA  1 
ATOM   1142 C C   . VAL A 1 154 ? -0.778  15.124  5.198   1.00 73.91  ? 154 VAL A C   1 
ATOM   1143 O O   . VAL A 1 154 ? -1.288  14.160  5.762   1.00 74.62  ? 154 VAL A O   1 
ATOM   1144 C CB  . VAL A 1 154 ? 1.060   14.802  3.506   1.00 72.56  ? 154 VAL A CB  1 
ATOM   1145 C CG1 . VAL A 1 154 ? 1.413   13.422  4.045   1.00 70.00  ? 154 VAL A CG1 1 
ATOM   1146 C CG2 . VAL A 1 154 ? 1.424   14.880  2.046   1.00 71.95  ? 154 VAL A CG2 1 
ATOM   1147 N N   . ALA A 1 155 ? -0.489  16.260  5.828   1.00 73.23  ? 155 ALA A N   1 
ATOM   1148 C CA  . ALA A 1 155 ? -0.738  16.434  7.254   1.00 72.45  ? 155 ALA A CA  1 
ATOM   1149 C C   . ALA A 1 155 ? -2.227  16.308  7.554   1.00 71.90  ? 155 ALA A C   1 
ATOM   1150 O O   . ALA A 1 155 ? -2.624  15.804  8.609   1.00 70.00  ? 155 ALA A O   1 
ATOM   1151 C CB  . ALA A 1 155 ? -0.222  17.787  7.709   1.00 71.44  ? 155 ALA A CB  1 
ATOM   1152 N N   . GLN A 1 156 ? -3.049  16.770  6.624   1.00 72.67  ? 156 GLN A N   1 
ATOM   1153 C CA  . GLN A 1 156 ? -4.489  16.681  6.802   1.00 74.34  ? 156 GLN A CA  1 
ATOM   1154 C C   . GLN A 1 156 ? -4.908  15.213  6.811   1.00 72.93  ? 156 GLN A C   1 
ATOM   1155 O O   . GLN A 1 156 ? -5.816  14.827  7.547   1.00 71.99  ? 156 GLN A O   1 
ATOM   1156 C CB  . GLN A 1 156 ? -5.210  17.430  5.680   1.00 77.60  ? 156 GLN A CB  1 
ATOM   1157 C CG  . GLN A 1 156 ? -4.962  18.934  5.690   1.00 83.38  ? 156 GLN A CG  1 
ATOM   1158 C CD  . GLN A 1 156 ? -5.607  19.642  4.507   1.00 86.89  ? 156 GLN A CD  1 
ATOM   1159 O OE1 . GLN A 1 156 ? -5.456  20.858  4.332   1.00 87.63  ? 156 GLN A OE1 1 
ATOM   1160 N NE2 . GLN A 1 156 ? -6.335  18.881  3.688   1.00 88.43  ? 156 GLN A NE2 1 
ATOM   1161 N N   . CYS A 1 157 ? -4.237  14.402  5.993   1.00 71.91  ? 157 CYS A N   1 
ATOM   1162 C CA  . CYS A 1 157 ? -4.528  12.971  5.912   1.00 71.00  ? 157 CYS A CA  1 
ATOM   1163 C C   . CYS A 1 157 ? -3.994  12.228  7.147   1.00 69.25  ? 157 CYS A C   1 
ATOM   1164 O O   . CYS A 1 157 ? -4.602  11.259  7.611   1.00 69.78  ? 157 CYS A O   1 
ATOM   1165 C CB  . CYS A 1 157 ? -3.926  12.377  4.627   1.00 73.42  ? 157 CYS A CB  1 
ATOM   1166 S SG  . CYS A 1 157 ? -4.758  12.863  3.070   1.00 79.10  ? 157 CYS A SG  1 
ATOM   1167 N N   . VAL A 1 158 ? -2.870  12.697  7.683   1.00 66.16  ? 158 VAL A N   1 
ATOM   1168 C CA  . VAL A 1 158 ? -2.268  12.094  8.861   1.00 64.45  ? 158 VAL A CA  1 
ATOM   1169 C C   . VAL A 1 158 ? -3.048  12.440  10.128  1.00 67.99  ? 158 VAL A C   1 
ATOM   1170 O O   . VAL A 1 158 ? -3.146  11.619  11.045  1.00 69.20  ? 158 VAL A O   1 
ATOM   1171 C CB  . VAL A 1 158 ? -0.824  12.555  9.029   1.00 60.39  ? 158 VAL A CB  1 
ATOM   1172 C CG1 . VAL A 1 158 ? -0.260  12.034  10.326  1.00 58.03  ? 158 VAL A CG1 1 
ATOM   1173 C CG2 . VAL A 1 158 ? 0.005   12.050  7.870   1.00 61.34  ? 158 VAL A CG2 1 
ATOM   1174 N N   . ARG A 1 159 ? -3.587  13.659  10.182  1.00 70.36  ? 159 ARG A N   1 
ATOM   1175 C CA  . ARG A 1 159 ? -4.369  14.117  11.330  1.00 71.11  ? 159 ARG A CA  1 
ATOM   1176 C C   . ARG A 1 159 ? -5.700  13.393  11.327  1.00 70.69  ? 159 ARG A C   1 
ATOM   1177 O O   . ARG A 1 159 ? -6.263  13.100  12.379  1.00 71.05  ? 159 ARG A O   1 
ATOM   1178 C CB  . ARG A 1 159 ? -4.631  15.625  11.238  1.00 74.92  ? 159 ARG A CB  1 
ATOM   1179 C CG  . ARG A 1 159 ? -3.720  16.518  12.081  1.00 79.51  ? 159 ARG A CG  1 
ATOM   1180 C CD  . ARG A 1 159 ? -3.941  18.000  11.734  1.00 84.91  ? 159 ARG A CD  1 
ATOM   1181 N NE  . ARG A 1 159 ? -3.311  18.920  12.687  1.00 90.12  ? 159 ARG A NE  1 
ATOM   1182 C CZ  . ARG A 1 159 ? -3.314  20.250  12.573  1.00 91.65  ? 159 ARG A CZ  1 
ATOM   1183 N NH1 . ARG A 1 159 ? -2.719  21.004  13.494  1.00 90.71  ? 159 ARG A NH1 1 
ATOM   1184 N NH2 . ARG A 1 159 ? -3.906  20.832  11.535  1.00 92.03  ? 159 ARG A NH2 1 
ATOM   1185 N N   . ARG A 1 160 ? -6.208  13.110  10.134  1.00 69.87  ? 160 ARG A N   1 
ATOM   1186 C CA  . ARG A 1 160 ? -7.480  12.426  10.021  1.00 70.34  ? 160 ARG A CA  1 
ATOM   1187 C C   . ARG A 1 160 ? -7.338  10.937  10.318  1.00 70.11  ? 160 ARG A C   1 
ATOM   1188 O O   . ARG A 1 160 ? -8.255  10.326  10.862  1.00 70.87  ? 160 ARG A O   1 
ATOM   1189 C CB  . ARG A 1 160 ? -8.077  12.626  8.628   1.00 72.05  ? 160 ARG A CB  1 
ATOM   1190 C CG  . ARG A 1 160 ? -9.537  12.209  8.532   1.00 76.88  ? 160 ARG A CG  1 
ATOM   1191 C CD  . ARG A 1 160 ? -10.096 12.321  7.110   1.00 83.69  ? 160 ARG A CD  1 
ATOM   1192 N NE  . ARG A 1 160 ? -10.066 13.691  6.590   1.00 89.78  ? 160 ARG A NE  1 
ATOM   1193 C CZ  . ARG A 1 160 ? -10.523 14.051  5.390   1.00 91.77  ? 160 ARG A CZ  1 
ATOM   1194 N NH1 . ARG A 1 160 ? -10.453 15.323  5.002   1.00 91.37  ? 160 ARG A NH1 1 
ATOM   1195 N NH2 . ARG A 1 160 ? -11.049 13.141  4.578   1.00 92.66  ? 160 ARG A NH2 1 
ATOM   1196 N N   . SER A 1 161 ? -6.196  10.347  9.976   1.00 69.26  ? 161 SER A N   1 
ATOM   1197 C CA  . SER A 1 161 ? -5.996  8.918   10.232  1.00 68.48  ? 161 SER A CA  1 
ATOM   1198 C C   . SER A 1 161 ? -5.811  8.623   11.728  1.00 68.66  ? 161 SER A C   1 
ATOM   1199 O O   . SER A 1 161 ? -6.016  7.490   12.180  1.00 68.80  ? 161 SER A O   1 
ATOM   1200 C CB  . SER A 1 161 ? -4.787  8.389   9.449   1.00 66.42  ? 161 SER A CB  1 
ATOM   1201 O OG  . SER A 1 161 ? -3.567  8.872   9.985   1.00 67.04  ? 161 SER A OG  1 
ATOM   1202 N N   . GLN A 1 162 ? -5.423  9.643   12.490  1.00 67.84  ? 162 GLN A N   1 
ATOM   1203 C CA  . GLN A 1 162 ? -5.215  9.496   13.928  1.00 67.99  ? 162 GLN A CA  1 
ATOM   1204 C C   . GLN A 1 162 ? -6.515  9.656   14.723  1.00 70.07  ? 162 GLN A C   1 
ATOM   1205 O O   . GLN A 1 162 ? -6.564  9.350   15.909  1.00 68.72  ? 162 GLN A O   1 
ATOM   1206 C CB  . GLN A 1 162 ? -4.189  10.519  14.416  1.00 65.47  ? 162 GLN A CB  1 
ATOM   1207 C CG  . GLN A 1 162 ? -2.768  10.196  14.033  1.00 62.49  ? 162 GLN A CG  1 
ATOM   1208 C CD  . GLN A 1 162 ? -1.787  11.306  14.381  1.00 61.46  ? 162 GLN A CD  1 
ATOM   1209 O OE1 . GLN A 1 162 ? -0.574  11.095  14.381  1.00 61.64  ? 162 GLN A OE1 1 
ATOM   1210 N NE2 . GLN A 1 162 ? -2.304  12.493  14.665  1.00 60.96  ? 162 GLN A NE2 1 
ATOM   1211 N N   . GLU A 1 163 ? -7.565  10.140  14.068  1.00 73.33  ? 163 GLU A N   1 
ATOM   1212 C CA  . GLU A 1 163 ? -8.849  10.322  14.729  1.00 77.22  ? 163 GLU A CA  1 
ATOM   1213 C C   . GLU A 1 163 ? -9.943  9.417   14.184  1.00 78.75  ? 163 GLU A C   1 
ATOM   1214 O O   . GLU A 1 163 ? -11.128 9.713   14.341  1.00 79.72  ? 163 GLU A O   1 
ATOM   1215 C CB  . GLU A 1 163 ? -9.291  11.784  14.616  1.00 80.01  ? 163 GLU A CB  1 
ATOM   1216 C CG  . GLU A 1 163 ? -8.823  12.661  15.778  1.00 84.47  ? 163 GLU A CG  1 
ATOM   1217 C CD  . GLU A 1 163 ? -8.348  14.031  15.331  1.00 87.83  ? 163 GLU A CD  1 
ATOM   1218 O OE1 . GLU A 1 163 ? -7.912  14.819  16.205  1.00 88.87  ? 163 GLU A OE1 1 
ATOM   1219 O OE2 . GLU A 1 163 ? -8.404  14.315  14.108  1.00 89.73  ? 163 GLU A OE2 1 
ATOM   1220 N N   . GLU A 1 164 ? -9.554  8.310   13.559  1.00 80.33  ? 164 GLU A N   1 
ATOM   1221 C CA  . GLU A 1 164 ? -10.524 7.384   12.986  1.00 81.51  ? 164 GLU A CA  1 
ATOM   1222 C C   . GLU A 1 164 ? -10.179 5.924   13.239  1.00 82.55  ? 164 GLU A C   1 
ATOM   1223 O O   . GLU A 1 164 ? -9.095  5.671   13.807  1.00 83.18  ? 164 GLU A O   1 
ATOM   1224 C CB  . GLU A 1 164 ? -10.645 7.642   11.488  1.00 81.66  ? 164 GLU A CB  1 
ATOM   1225 C CG  . GLU A 1 164 ? -11.589 8.782   11.173  1.00 85.49  ? 164 GLU A CG  1 
ATOM   1226 C CD  . GLU A 1 164 ? -11.404 9.361   9.782   1.00 86.79  ? 164 GLU A CD  1 
ATOM   1227 O OE1 . GLU A 1 164 ? -11.187 8.580   8.829   1.00 87.24  ? 164 GLU A OE1 1 
ATOM   1228 O OE2 . GLU A 1 164 ? -11.492 10.603  9.648   1.00 86.31  ? 164 GLU A OE2 1 
ATOM   1229 O OXT . GLU A 1 164 ? -10.999 5.052   12.868  1.00 82.75  ? 164 GLU A OXT 1 
HETATM 1230 O O   . HOH B 2 .   ? 10.663  -1.411  -3.310  1.00 49.62  ? 165 HOH A O   1 
HETATM 1231 O O   . HOH B 2 .   ? 6.456   -18.843 3.044   1.00 54.49  ? 166 HOH A O   1 
HETATM 1232 O O   . HOH B 2 .   ? 11.188  -10.011 -0.393  1.00 48.62  ? 167 HOH A O   1 
HETATM 1233 O O   . HOH B 2 .   ? 7.988   -11.570 7.480   1.00 60.63  ? 168 HOH A O   1 
HETATM 1234 O O   . HOH B 2 .   ? 11.195  -11.443 -4.247  1.00 36.30  ? 169 HOH A O   1 
HETATM 1235 O O   . HOH B 2 .   ? -11.200 -10.988 -2.440  1.00 43.37  ? 170 HOH A O   1 
HETATM 1236 O O   . HOH B 2 .   ? -3.204  9.809   18.058  1.00 66.12  ? 171 HOH A O   1 
HETATM 1237 O O   . HOH B 2 .   ? 8.245   -15.594 10.674  1.00 62.55  ? 172 HOH A O   1 
HETATM 1238 O O   . HOH B 2 .   ? -5.411  -5.488  11.437  1.00 64.10  ? 173 HOH A O   1 
HETATM 1239 O O   . HOH B 2 .   ? -5.530  -7.989  -10.217 1.00 59.31  ? 174 HOH A O   1 
HETATM 1240 O O   . HOH B 2 .   ? -13.504 -6.181  11.051  1.00 47.56  ? 175 HOH A O   1 
HETATM 1241 O O   . HOH B 2 .   ? -3.293  11.735  19.304  1.00 54.10  ? 176 HOH A O   1 
HETATM 1242 O O   . HOH B 2 .   ? -3.984  -1.992  -6.703  1.00 53.71  ? 177 HOH A O   1 
HETATM 1243 O O   . HOH B 2 .   ? -13.825 4.635   13.905  1.00 70.46  ? 178 HOH A O   1 
HETATM 1244 O O   . HOH B 2 .   ? -14.051 -8.967  -3.123  1.00 68.01  ? 179 HOH A O   1 
HETATM 1245 O O   . HOH B 2 .   ? 9.278   23.933  -4.525  1.00 80.37  ? 180 HOH A O   1 
HETATM 1246 O O   . HOH B 2 .   ? 9.214   14.331  -15.925 1.00 59.94  ? 181 HOH A O   1 
HETATM 1247 O O   . HOH B 2 .   ? 6.262   -17.404 11.378  1.00 53.55  ? 182 HOH A O   1 
HETATM 1248 O O   . HOH B 2 .   ? -4.969  12.776  -10.893 1.00 60.65  ? 183 HOH A O   1 
HETATM 1249 O O   . HOH B 2 .   ? 3.336   -6.662  -21.786 1.00 57.16  ? 184 HOH A O   1 
HETATM 1250 O O   . HOH B 2 .   ? 6.331   15.384  -12.607 1.00 71.46  ? 185 HOH A O   1 
HETATM 1251 O O   . HOH B 2 .   ? -9.877  5.318   -12.695 1.00 64.69  ? 186 HOH A O   1 
HETATM 1252 O O   . HOH B 2 .   ? -8.749  -3.582  -3.414  1.00 51.86  ? 187 HOH A O   1 
HETATM 1253 O O   . HOH B 2 .   ? 10.325  -3.962  -4.145  1.00 77.52  ? 188 HOH A O   1 
HETATM 1254 O O   . HOH B 2 .   ? -0.690  -8.149  -19.312 1.00 57.69  ? 189 HOH A O   1 
HETATM 1255 O O   . HOH B 2 .   ? -2.346  15.050  16.299  1.00 54.58  ? 190 HOH A O   1 
HETATM 1256 O O   . HOH B 2 .   ? 12.083  -2.850  -1.911  1.00 53.58  ? 191 HOH A O   1 
HETATM 1257 O O   . HOH B 2 .   ? -9.177  15.906  11.129  1.00 56.16  ? 192 HOH A O   1 
HETATM 1258 O O   . HOH B 2 .   ? 7.067   8.714   14.526  1.00 63.00  ? 193 HOH A O   1 
HETATM 1259 O O   . HOH B 2 .   ? -11.880 2.033   -6.258  1.00 65.14  ? 194 HOH A O   1 
HETATM 1260 O O   . HOH B 2 .   ? 4.496   -3.107  12.871  1.00 63.76  ? 195 HOH A O   1 
HETATM 1261 O O   . HOH B 2 .   ? -10.213 -26.151 4.180   1.00 60.55  ? 196 HOH A O   1 
HETATM 1262 O O   . HOH B 2 .   ? -5.060  -24.222 -3.295  1.00 66.23  ? 197 HOH A O   1 
HETATM 1263 O O   . HOH B 2 .   ? -8.598  2.413   -13.714 1.00 48.34  ? 198 HOH A O   1 
HETATM 1264 O O   . HOH B 2 .   ? 11.861  -6.033  -5.276  1.00 52.27  ? 199 HOH A O   1 
HETATM 1265 O O   . HOH B 2 .   ? 8.252   -17.355 13.445  1.00 59.77  ? 200 HOH A O   1 
HETATM 1266 O O   . HOH B 2 .   ? -12.382 -10.592 10.810  1.00 69.79  ? 201 HOH A O   1 
HETATM 1267 O O   . HOH B 2 .   ? 3.841   -4.682  -19.256 1.00 49.65  ? 202 HOH A O   1 
HETATM 1268 O O   . HOH B 2 .   ? 5.857   -17.568 0.804   1.00 58.75  ? 203 HOH A O   1 
HETATM 1269 O O   . HOH B 2 .   ? 4.847   -13.052 2.914   1.00 56.55  ? 204 HOH A O   1 
HETATM 1270 O O   . HOH B 2 .   ? 7.618   11.868  -15.645 1.00 55.07  ? 205 HOH A O   1 
# 
loop_
_pdbx_poly_seq_scheme.asym_id 
_pdbx_poly_seq_scheme.entity_id 
_pdbx_poly_seq_scheme.seq_id 
_pdbx_poly_seq_scheme.mon_id 
_pdbx_poly_seq_scheme.ndb_seq_num 
_pdbx_poly_seq_scheme.pdb_seq_num 
_pdbx_poly_seq_scheme.auth_seq_num 
_pdbx_poly_seq_scheme.pdb_mon_id 
_pdbx_poly_seq_scheme.auth_mon_id 
_pdbx_poly_seq_scheme.pdb_strand_id 
_pdbx_poly_seq_scheme.pdb_ins_code 
_pdbx_poly_seq_scheme.hetero 
A 1 1   MET 1   1   ?   ?   ?   A . n 
A 1 2   GLU 2   2   ?   ?   ?   A . n 
A 1 3   GLN 3   3   ?   ?   ?   A . n 
A 1 4   SER 4   4   4   SER SER A . n 
A 1 5   SER 5   5   5   SER SER A . n 
A 1 6   LEU 6   6   6   LEU LEU A . n 
A 1 7   LEU 7   7   7   LEU LEU A . n 
A 1 8   LEU 8   8   8   LEU LEU A . n 
A 1 9   LYS 9   9   9   LYS LYS A . n 
A 1 10  LYS 10  10  10  LYS LYS A . n 
A 1 11  GLN 11  11  11  GLN GLN A . n 
A 1 12  LEU 12  12  12  LEU LEU A . n 
A 1 13  ALA 13  13  13  ALA ALA A . n 
A 1 14  ASP 14  14  14  ASP ASP A . n 
A 1 15  MET 15  15  15  MET MET A . n 
A 1 16  ARG 16  16  16  ARG ARG A . n 
A 1 17  ARG 17  17  17  ARG ARG A . n 
A 1 18  VAL 18  18  18  VAL VAL A . n 
A 1 19  PRO 19  19  19  PRO PRO A . n 
A 1 20  VAL 20  20  20  VAL VAL A . n 
A 1 21  ASP 21  21  21  ASP ASP A . n 
A 1 22  GLY 22  22  22  GLY GLY A . n 
A 1 23  PHE 23  23  23  PHE PHE A . n 
A 1 24  SER 24  24  24  SER SER A . n 
A 1 25  ALA 25  25  25  ALA ALA A . n 
A 1 26  GLY 26  26  26  GLY GLY A . n 
A 1 27  LEU 27  27  27  LEU LEU A . n 
A 1 28  VAL 28  28  28  VAL VAL A . n 
A 1 29  ASP 29  29  29  ASP ASP A . n 
A 1 30  ASP 30  30  30  ASP ASP A . n 
A 1 31  ASN 31  31  31  ASN ASN A . n 
A 1 32  ASP 32  32  32  ASP ASP A . n 
A 1 33  ILE 33  33  33  ILE ILE A . n 
A 1 34  TYR 34  34  34  TYR TYR A . n 
A 1 35  LYS 35  35  35  LYS LYS A . n 
A 1 36  TRP 36  36  36  TRP TRP A . n 
A 1 37  GLU 37  37  37  GLU GLU A . n 
A 1 38  VAL 38  38  38  VAL VAL A . n 
A 1 39  LEU 39  39  39  LEU LEU A . n 
A 1 40  VAL 40  40  40  VAL VAL A . n 
A 1 41  ILE 41  41  41  ILE ILE A . n 
A 1 42  GLY 42  42  42  GLY GLY A . n 
A 1 43  PRO 43  43  43  PRO PRO A . n 
A 1 44  PRO 44  44  44  PRO PRO A . n 
A 1 45  ASP 45  45  45  ASP ASP A . n 
A 1 46  THR 46  46  46  THR THR A . n 
A 1 47  LEU 47  47  47  LEU LEU A . n 
A 1 48  TYR 48  48  48  TYR TYR A . n 
A 1 49  GLU 49  49  49  GLU GLU A . n 
A 1 50  GLY 50  50  50  GLY GLY A . n 
A 1 51  GLY 51  51  51  GLY GLY A . n 
A 1 52  PHE 52  52  52  PHE PHE A . n 
A 1 53  PHE 53  53  53  PHE PHE A . n 
A 1 54  LYS 54  54  54  LYS LYS A . n 
A 1 55  ALA 55  55  55  ALA ALA A . n 
A 1 56  ILE 56  56  56  ILE ILE A . n 
A 1 57  LEU 57  57  57  LEU LEU A . n 
A 1 58  ASP 58  58  58  ASP ASP A . n 
A 1 59  PHE 59  59  59  PHE PHE A . n 
A 1 60  PRO 60  60  60  PRO PRO A . n 
A 1 61  ARG 61  61  61  ARG ARG A . n 
A 1 62  ASP 62  62  62  ASP ASP A . n 
A 1 63  TYR 63  63  63  TYR TYR A . n 
A 1 64  PRO 64  64  64  PRO PRO A . n 
A 1 65  GLN 65  65  65  GLN GLN A . n 
A 1 66  LYS 66  66  66  LYS LYS A . n 
A 1 67  PRO 67  67  67  PRO PRO A . n 
A 1 68  PRO 68  68  68  PRO PRO A . n 
A 1 69  LYS 69  69  69  LYS LYS A . n 
A 1 70  MET 70  70  70  MET MET A . n 
A 1 71  LYS 71  71  71  LYS LYS A . n 
A 1 72  PHE 72  72  72  PHE PHE A . n 
A 1 73  ILE 73  73  73  ILE ILE A . n 
A 1 74  SER 74  74  74  SER SER A . n 
A 1 75  GLU 75  75  75  GLU GLU A . n 
A 1 76  ILE 76  76  76  ILE ILE A . n 
A 1 77  TRP 77  77  77  TRP TRP A . n 
A 1 78  HIS 78  78  78  HIS HIS A . n 
A 1 79  PRO 79  79  79  PRO PRO A . n 
A 1 80  ASN 80  80  80  ASN ASN A . n 
A 1 81  ILE 81  81  81  ILE ILE A . n 
A 1 82  ASP 82  82  82  ASP ASP A . n 
A 1 83  LYS 83  83  83  LYS LYS A . n 
A 1 84  GLU 84  84  84  GLU GLU A . n 
A 1 85  GLY 85  85  85  GLY GLY A . n 
A 1 86  ASN 86  86  86  ASN ASN A . n 
A 1 87  VAL 87  87  87  VAL VAL A . n 
A 1 88  CYS 88  88  88  CYS CYS A . n 
A 1 89  ILE 89  89  89  ILE ILE A . n 
A 1 90  SER 90  90  90  SER SER A . n 
A 1 91  ILE 91  91  91  ILE ILE A . n 
A 1 92  LEU 92  92  92  LEU LEU A . n 
A 1 93  HIS 93  93  93  HIS HIS A . n 
A 1 94  ASP 94  94  94  ASP ASP A . n 
A 1 95  PRO 95  95  95  PRO PRO A . n 
A 1 96  GLY 96  96  ?   ?   ?   A . n 
A 1 97  ASP 97  97  ?   ?   ?   A . n 
A 1 98  ASP 98  98  ?   ?   ?   A . n 
A 1 99  LYS 99  99  ?   ?   ?   A . n 
A 1 100 TRP 100 100 ?   ?   ?   A . n 
A 1 101 GLY 101 101 ?   ?   ?   A . n 
A 1 102 TYR 102 102 ?   ?   ?   A . n 
A 1 103 GLU 103 103 ?   ?   ?   A . n 
A 1 104 ARG 104 104 ?   ?   ?   A . n 
A 1 105 PRO 105 105 105 PRO PRO A . n 
A 1 106 GLU 106 106 106 GLU GLU A . n 
A 1 107 GLU 107 107 107 GLU GLU A . n 
A 1 108 ARG 108 108 108 ARG ARG A . n 
A 1 109 TRP 109 109 109 TRP TRP A . n 
A 1 110 LEU 110 110 110 LEU LEU A . n 
A 1 111 PRO 111 111 111 PRO PRO A . n 
A 1 112 VAL 112 112 112 VAL VAL A . n 
A 1 113 HIS 113 113 113 HIS HIS A . n 
A 1 114 THR 114 114 114 THR THR A . n 
A 1 115 VAL 115 115 115 VAL VAL A . n 
A 1 116 GLU 116 116 116 GLU GLU A . n 
A 1 117 THR 117 117 117 THR THR A . n 
A 1 118 ILE 118 118 118 ILE ILE A . n 
A 1 119 LEU 119 119 119 LEU LEU A . n 
A 1 120 LEU 120 120 120 LEU LEU A . n 
A 1 121 SER 121 121 121 SER SER A . n 
A 1 122 VAL 122 122 122 VAL VAL A . n 
A 1 123 ILE 123 123 123 ILE ILE A . n 
A 1 124 SER 124 124 124 SER SER A . n 
A 1 125 MET 125 125 125 MET MET A . n 
A 1 126 LEU 126 126 126 LEU LEU A . n 
A 1 127 THR 127 127 127 THR THR A . n 
A 1 128 ASP 128 128 128 ASP ASP A . n 
A 1 129 PRO 129 129 129 PRO PRO A . n 
A 1 130 ASN 130 130 130 ASN ASN A . n 
A 1 131 PHE 131 131 131 PHE PHE A . n 
A 1 132 GLU 132 132 132 GLU GLU A . n 
A 1 133 SER 133 133 133 SER SER A . n 
A 1 134 PRO 134 134 134 PRO PRO A . n 
A 1 135 ALA 135 135 135 ALA ALA A . n 
A 1 136 ASN 136 136 136 ASN ASN A . n 
A 1 137 VAL 137 137 137 VAL VAL A . n 
A 1 138 ASP 138 138 138 ASP ASP A . n 
A 1 139 ALA 139 139 139 ALA ALA A . n 
A 1 140 ALA 140 140 140 ALA ALA A . n 
A 1 141 LYS 141 141 141 LYS LYS A . n 
A 1 142 MET 142 142 142 MET MET A . n 
A 1 143 GLN 143 143 143 GLN GLN A . n 
A 1 144 ARG 144 144 144 ARG ARG A . n 
A 1 145 GLU 145 145 145 GLU GLU A . n 
A 1 146 ASN 146 146 146 ASN ASN A . n 
A 1 147 TYR 147 147 147 TYR TYR A . n 
A 1 148 ALA 148 148 148 ALA ALA A . n 
A 1 149 GLU 149 149 149 GLU GLU A . n 
A 1 150 PHE 150 150 150 PHE PHE A . n 
A 1 151 LYS 151 151 151 LYS LYS A . n 
A 1 152 LYS 152 152 152 LYS LYS A . n 
A 1 153 LYS 153 153 153 LYS LYS A . n 
A 1 154 VAL 154 154 154 VAL VAL A . n 
A 1 155 ALA 155 155 155 ALA ALA A . n 
A 1 156 GLN 156 156 156 GLN GLN A . n 
A 1 157 CYS 157 157 157 CYS CYS A . n 
A 1 158 VAL 158 158 158 VAL VAL A . n 
A 1 159 ARG 159 159 159 ARG ARG A . n 
A 1 160 ARG 160 160 160 ARG ARG A . n 
A 1 161 SER 161 161 161 SER SER A . n 
A 1 162 GLN 162 162 162 GLN GLN A . n 
A 1 163 GLU 163 163 163 GLU GLU A . n 
A 1 164 GLU 164 164 164 GLU GLU A . n 
# 
_pdbx_SG_project.id                    1 
_pdbx_SG_project.project_name          'PSI, Protein Structure Initiative' 
_pdbx_SG_project.full_name_of_center   'Southeast Collaboratory for Structural Genomics' 
_pdbx_SG_project.initial_of_center     SECSG 
# 
loop_
_pdbx_nonpoly_scheme.asym_id 
_pdbx_nonpoly_scheme.entity_id 
_pdbx_nonpoly_scheme.mon_id 
_pdbx_nonpoly_scheme.ndb_seq_num 
_pdbx_nonpoly_scheme.pdb_seq_num 
_pdbx_nonpoly_scheme.auth_seq_num 
_pdbx_nonpoly_scheme.pdb_mon_id 
_pdbx_nonpoly_scheme.auth_mon_id 
_pdbx_nonpoly_scheme.pdb_strand_id 
_pdbx_nonpoly_scheme.pdb_ins_code 
B 2 HOH 1  165 1  HOH HOH A . 
B 2 HOH 2  166 2  HOH HOH A . 
B 2 HOH 3  167 3  HOH HOH A . 
B 2 HOH 4  168 4  HOH HOH A . 
B 2 HOH 5  169 5  HOH HOH A . 
B 2 HOH 6  170 6  HOH HOH A . 
B 2 HOH 7  171 7  HOH HOH A . 
B 2 HOH 8  172 8  HOH HOH A . 
B 2 HOH 9  173 9  HOH HOH A . 
B 2 HOH 10 174 10 HOH HOH A . 
B 2 HOH 11 175 11 HOH HOH A . 
B 2 HOH 12 176 12 HOH HOH A . 
B 2 HOH 13 177 13 HOH HOH A . 
B 2 HOH 14 178 14 HOH HOH A . 
B 2 HOH 15 179 15 HOH HOH A . 
B 2 HOH 16 180 16 HOH HOH A . 
B 2 HOH 17 181 17 HOH HOH A . 
B 2 HOH 18 182 18 HOH HOH A . 
B 2 HOH 19 183 19 HOH HOH A . 
B 2 HOH 20 184 20 HOH HOH A . 
B 2 HOH 21 185 21 HOH HOH A . 
B 2 HOH 22 186 22 HOH HOH A . 
B 2 HOH 23 187 23 HOH HOH A . 
B 2 HOH 24 188 24 HOH HOH A . 
B 2 HOH 25 189 25 HOH HOH A . 
B 2 HOH 26 190 26 HOH HOH A . 
B 2 HOH 27 191 27 HOH HOH A . 
B 2 HOH 28 192 28 HOH HOH A . 
B 2 HOH 29 193 29 HOH HOH A . 
B 2 HOH 30 194 30 HOH HOH A . 
B 2 HOH 31 195 31 HOH HOH A . 
B 2 HOH 32 196 32 HOH HOH A . 
B 2 HOH 33 197 33 HOH HOH A . 
B 2 HOH 34 198 34 HOH HOH A . 
B 2 HOH 35 199 35 HOH HOH A . 
B 2 HOH 36 200 36 HOH HOH A . 
B 2 HOH 37 201 37 HOH HOH A . 
B 2 HOH 38 202 38 HOH HOH A . 
B 2 HOH 39 203 39 HOH HOH A . 
B 2 HOH 40 204 40 HOH HOH A . 
B 2 HOH 41 205 41 HOH HOH A . 
# 
_pdbx_struct_assembly.id                   1 
_pdbx_struct_assembly.details              author_defined_assembly 
_pdbx_struct_assembly.method_details       ? 
_pdbx_struct_assembly.oligomeric_details   monomeric 
_pdbx_struct_assembly.oligomeric_count     1 
# 
_pdbx_struct_assembly_gen.assembly_id       1 
_pdbx_struct_assembly_gen.oper_expression   1 
_pdbx_struct_assembly_gen.asym_id_list      A,B 
# 
_pdbx_struct_oper_list.id                   1 
_pdbx_struct_oper_list.type                 'identity operation' 
_pdbx_struct_oper_list.name                 1_555 
_pdbx_struct_oper_list.symmetry_operation   x,y,z 
_pdbx_struct_oper_list.matrix[1][1]         1.0000000000 
_pdbx_struct_oper_list.matrix[1][2]         0.0000000000 
_pdbx_struct_oper_list.matrix[1][3]         0.0000000000 
_pdbx_struct_oper_list.vector[1]            0.0000000000 
_pdbx_struct_oper_list.matrix[2][1]         0.0000000000 
_pdbx_struct_oper_list.matrix[2][2]         1.0000000000 
_pdbx_struct_oper_list.matrix[2][3]         0.0000000000 
_pdbx_struct_oper_list.vector[2]            0.0000000000 
_pdbx_struct_oper_list.matrix[3][1]         0.0000000000 
_pdbx_struct_oper_list.matrix[3][2]         0.0000000000 
_pdbx_struct_oper_list.matrix[3][3]         1.0000000000 
_pdbx_struct_oper_list.vector[3]            0.0000000000 
# 
loop_
_pdbx_audit_revision_history.ordinal 
_pdbx_audit_revision_history.data_content_type 
_pdbx_audit_revision_history.major_revision 
_pdbx_audit_revision_history.minor_revision 
_pdbx_audit_revision_history.revision_date 
1 'Structure model' 1 0 2003-07-22 
2 'Structure model' 1 1 2008-04-29 
3 'Structure model' 1 2 2011-07-13 
4 'Structure model' 1 3 2023-08-16 
# 
_pdbx_audit_revision_details.ordinal             1 
_pdbx_audit_revision_details.revision_ordinal    1 
_pdbx_audit_revision_details.data_content_type   'Structure model' 
_pdbx_audit_revision_details.provider            repository 
_pdbx_audit_revision_details.type                'Initial release' 
_pdbx_audit_revision_details.description         ? 
_pdbx_audit_revision_details.details             ? 
# 
loop_
_pdbx_audit_revision_group.ordinal 
_pdbx_audit_revision_group.revision_ordinal 
_pdbx_audit_revision_group.data_content_type 
_pdbx_audit_revision_group.group 
1 2 'Structure model' 'Version format compliance' 
2 3 'Structure model' 'Version format compliance' 
3 4 'Structure model' 'Data collection'           
4 4 'Structure model' 'Database references'       
5 4 'Structure model' 'Refinement description'    
# 
loop_
_pdbx_audit_revision_category.ordinal 
_pdbx_audit_revision_category.revision_ordinal 
_pdbx_audit_revision_category.data_content_type 
_pdbx_audit_revision_category.category 
1 4 'Structure model' chem_comp_atom                
2 4 'Structure model' chem_comp_bond                
3 4 'Structure model' database_2                    
4 4 'Structure model' pdbx_initial_refinement_model 
# 
loop_
_pdbx_audit_revision_item.ordinal 
_pdbx_audit_revision_item.revision_ordinal 
_pdbx_audit_revision_item.data_content_type 
_pdbx_audit_revision_item.item 
1 4 'Structure model' '_database_2.pdbx_DOI'                
2 4 'Structure model' '_database_2.pdbx_database_accession' 
# 
loop_
_software.name 
_software.classification 
_software.version 
_software.citation_id 
_software.pdbx_ordinal 
CNS       refinement       1.1 ? 1 
HKL-2000  'data reduction' .   ? 2 
SCALEPACK 'data scaling'   .   ? 3 
MOLREP    phasing          .   ? 4 
# 
_pdbx_validate_rmsd_angle.id                         1 
_pdbx_validate_rmsd_angle.PDB_model_num              1 
_pdbx_validate_rmsd_angle.auth_atom_id_1             CA 
_pdbx_validate_rmsd_angle.auth_asym_id_1             A 
_pdbx_validate_rmsd_angle.auth_comp_id_1             PRO 
_pdbx_validate_rmsd_angle.auth_seq_id_1              95 
_pdbx_validate_rmsd_angle.PDB_ins_code_1             ? 
_pdbx_validate_rmsd_angle.label_alt_id_1             ? 
_pdbx_validate_rmsd_angle.auth_atom_id_2             N 
_pdbx_validate_rmsd_angle.auth_asym_id_2             A 
_pdbx_validate_rmsd_angle.auth_comp_id_2             PRO 
_pdbx_validate_rmsd_angle.auth_seq_id_2              95 
_pdbx_validate_rmsd_angle.PDB_ins_code_2             ? 
_pdbx_validate_rmsd_angle.label_alt_id_2             ? 
_pdbx_validate_rmsd_angle.auth_atom_id_3             CD 
_pdbx_validate_rmsd_angle.auth_asym_id_3             A 
_pdbx_validate_rmsd_angle.auth_comp_id_3             PRO 
_pdbx_validate_rmsd_angle.auth_seq_id_3              95 
_pdbx_validate_rmsd_angle.PDB_ins_code_3             ? 
_pdbx_validate_rmsd_angle.label_alt_id_3             ? 
_pdbx_validate_rmsd_angle.angle_value                95.34 
_pdbx_validate_rmsd_angle.angle_target_value         111.70 
_pdbx_validate_rmsd_angle.angle_deviation            -16.36 
_pdbx_validate_rmsd_angle.angle_standard_deviation   1.40 
_pdbx_validate_rmsd_angle.linker_flag                N 
# 
loop_
_pdbx_validate_torsion.id 
_pdbx_validate_torsion.PDB_model_num 
_pdbx_validate_torsion.auth_comp_id 
_pdbx_validate_torsion.auth_asym_id 
_pdbx_validate_torsion.auth_seq_id 
_pdbx_validate_torsion.PDB_ins_code 
_pdbx_validate_torsion.label_alt_id 
_pdbx_validate_torsion.phi 
_pdbx_validate_torsion.psi 
1  1 ASP A 21  ? ? -26.58  116.28  
2  1 ILE A 33  ? ? -64.13  3.79    
3  1 ASP A 45  ? ? 76.66   31.97   
4  1 PHE A 52  ? ? -112.57 70.65   
5  1 TYR A 63  ? ? -28.84  -68.82  
6  1 GLN A 65  ? ? -104.11 57.49   
7  1 LYS A 66  ? ? 175.25  111.64  
8  1 SER A 74  ? ? 88.27   108.79  
9  1 GLU A 75  ? ? -39.46  131.81  
10 1 ASP A 82  ? ? -69.76  -178.54 
11 1 ILE A 91  ? ? -58.72  -6.35   
12 1 ASP A 94  ? ? -166.88 113.41  
13 1 PHE A 131 ? ? -71.16  -98.38  
14 1 GLU A 132 ? ? 31.16   78.25   
15 1 GLU A 145 ? ? -104.65 -62.76  
# 
loop_
_pdbx_unobs_or_zero_occ_residues.id 
_pdbx_unobs_or_zero_occ_residues.PDB_model_num 
_pdbx_unobs_or_zero_occ_residues.polymer_flag 
_pdbx_unobs_or_zero_occ_residues.occupancy_flag 
_pdbx_unobs_or_zero_occ_residues.auth_asym_id 
_pdbx_unobs_or_zero_occ_residues.auth_comp_id 
_pdbx_unobs_or_zero_occ_residues.auth_seq_id 
_pdbx_unobs_or_zero_occ_residues.PDB_ins_code 
_pdbx_unobs_or_zero_occ_residues.label_asym_id 
_pdbx_unobs_or_zero_occ_residues.label_comp_id 
_pdbx_unobs_or_zero_occ_residues.label_seq_id 
1  1 Y 1 A MET 1   ? A MET 1   
2  1 Y 1 A GLU 2   ? A GLU 2   
3  1 Y 1 A GLN 3   ? A GLN 3   
4  1 Y 1 A GLY 96  ? A GLY 96  
5  1 Y 1 A ASP 97  ? A ASP 97  
6  1 Y 1 A ASP 98  ? A ASP 98  
7  1 Y 1 A LYS 99  ? A LYS 99  
8  1 Y 1 A TRP 100 ? A TRP 100 
9  1 Y 1 A GLY 101 ? A GLY 101 
10 1 Y 1 A TYR 102 ? A TYR 102 
11 1 Y 1 A GLU 103 ? A GLU 103 
12 1 Y 1 A ARG 104 ? A ARG 104 
# 
loop_
_chem_comp_atom.comp_id 
_chem_comp_atom.atom_id 
_chem_comp_atom.type_symbol 
_chem_comp_atom.pdbx_aromatic_flag 
_chem_comp_atom.pdbx_stereo_config 
_chem_comp_atom.pdbx_ordinal 
ALA N    N N N 1   
ALA CA   C N S 2   
ALA C    C N N 3   
ALA O    O N N 4   
ALA CB   C N N 5   
ALA OXT  O N N 6   
ALA H    H N N 7   
ALA H2   H N N 8   
ALA HA   H N N 9   
ALA HB1  H N N 10  
ALA HB2  H N N 11  
ALA HB3  H N N 12  
ALA HXT  H N N 13  
ARG N    N N N 14  
ARG CA   C N S 15  
ARG C    C N N 16  
ARG O    O N N 17  
ARG CB   C N N 18  
ARG CG   C N N 19  
ARG CD   C N N 20  
ARG NE   N N N 21  
ARG CZ   C N N 22  
ARG NH1  N N N 23  
ARG NH2  N N N 24  
ARG OXT  O N N 25  
ARG H    H N N 26  
ARG H2   H N N 27  
ARG HA   H N N 28  
ARG HB2  H N N 29  
ARG HB3  H N N 30  
ARG HG2  H N N 31  
ARG HG3  H N N 32  
ARG HD2  H N N 33  
ARG HD3  H N N 34  
ARG HE   H N N 35  
ARG HH11 H N N 36  
ARG HH12 H N N 37  
ARG HH21 H N N 38  
ARG HH22 H N N 39  
ARG HXT  H N N 40  
ASN N    N N N 41  
ASN CA   C N S 42  
ASN C    C N N 43  
ASN O    O N N 44  
ASN CB   C N N 45  
ASN CG   C N N 46  
ASN OD1  O N N 47  
ASN ND2  N N N 48  
ASN OXT  O N N 49  
ASN H    H N N 50  
ASN H2   H N N 51  
ASN HA   H N N 52  
ASN HB2  H N N 53  
ASN HB3  H N N 54  
ASN HD21 H N N 55  
ASN HD22 H N N 56  
ASN HXT  H N N 57  
ASP N    N N N 58  
ASP CA   C N S 59  
ASP C    C N N 60  
ASP O    O N N 61  
ASP CB   C N N 62  
ASP CG   C N N 63  
ASP OD1  O N N 64  
ASP OD2  O N N 65  
ASP OXT  O N N 66  
ASP H    H N N 67  
ASP H2   H N N 68  
ASP HA   H N N 69  
ASP HB2  H N N 70  
ASP HB3  H N N 71  
ASP HD2  H N N 72  
ASP HXT  H N N 73  
CYS N    N N N 74  
CYS CA   C N R 75  
CYS C    C N N 76  
CYS O    O N N 77  
CYS CB   C N N 78  
CYS SG   S N N 79  
CYS OXT  O N N 80  
CYS H    H N N 81  
CYS H2   H N N 82  
CYS HA   H N N 83  
CYS HB2  H N N 84  
CYS HB3  H N N 85  
CYS HG   H N N 86  
CYS HXT  H N N 87  
GLN N    N N N 88  
GLN CA   C N S 89  
GLN C    C N N 90  
GLN O    O N N 91  
GLN CB   C N N 92  
GLN CG   C N N 93  
GLN CD   C N N 94  
GLN OE1  O N N 95  
GLN NE2  N N N 96  
GLN OXT  O N N 97  
GLN H    H N N 98  
GLN H2   H N N 99  
GLN HA   H N N 100 
GLN HB2  H N N 101 
GLN HB3  H N N 102 
GLN HG2  H N N 103 
GLN HG3  H N N 104 
GLN HE21 H N N 105 
GLN HE22 H N N 106 
GLN HXT  H N N 107 
GLU N    N N N 108 
GLU CA   C N S 109 
GLU C    C N N 110 
GLU O    O N N 111 
GLU CB   C N N 112 
GLU CG   C N N 113 
GLU CD   C N N 114 
GLU OE1  O N N 115 
GLU OE2  O N N 116 
GLU OXT  O N N 117 
GLU H    H N N 118 
GLU H2   H N N 119 
GLU HA   H N N 120 
GLU HB2  H N N 121 
GLU HB3  H N N 122 
GLU HG2  H N N 123 
GLU HG3  H N N 124 
GLU HE2  H N N 125 
GLU HXT  H N N 126 
GLY N    N N N 127 
GLY CA   C N N 128 
GLY C    C N N 129 
GLY O    O N N 130 
GLY OXT  O N N 131 
GLY H    H N N 132 
GLY H2   H N N 133 
GLY HA2  H N N 134 
GLY HA3  H N N 135 
GLY HXT  H N N 136 
HIS N    N N N 137 
HIS CA   C N S 138 
HIS C    C N N 139 
HIS O    O N N 140 
HIS CB   C N N 141 
HIS CG   C Y N 142 
HIS ND1  N Y N 143 
HIS CD2  C Y N 144 
HIS CE1  C Y N 145 
HIS NE2  N Y N 146 
HIS OXT  O N N 147 
HIS H    H N N 148 
HIS H2   H N N 149 
HIS HA   H N N 150 
HIS HB2  H N N 151 
HIS HB3  H N N 152 
HIS HD1  H N N 153 
HIS HD2  H N N 154 
HIS HE1  H N N 155 
HIS HE2  H N N 156 
HIS HXT  H N N 157 
HOH O    O N N 158 
HOH H1   H N N 159 
HOH H2   H N N 160 
ILE N    N N N 161 
ILE CA   C N S 162 
ILE C    C N N 163 
ILE O    O N N 164 
ILE CB   C N S 165 
ILE CG1  C N N 166 
ILE CG2  C N N 167 
ILE CD1  C N N 168 
ILE OXT  O N N 169 
ILE H    H N N 170 
ILE H2   H N N 171 
ILE HA   H N N 172 
ILE HB   H N N 173 
ILE HG12 H N N 174 
ILE HG13 H N N 175 
ILE HG21 H N N 176 
ILE HG22 H N N 177 
ILE HG23 H N N 178 
ILE HD11 H N N 179 
ILE HD12 H N N 180 
ILE HD13 H N N 181 
ILE HXT  H N N 182 
LEU N    N N N 183 
LEU CA   C N S 184 
LEU C    C N N 185 
LEU O    O N N 186 
LEU CB   C N N 187 
LEU CG   C N N 188 
LEU CD1  C N N 189 
LEU CD2  C N N 190 
LEU OXT  O N N 191 
LEU H    H N N 192 
LEU H2   H N N 193 
LEU HA   H N N 194 
LEU HB2  H N N 195 
LEU HB3  H N N 196 
LEU HG   H N N 197 
LEU HD11 H N N 198 
LEU HD12 H N N 199 
LEU HD13 H N N 200 
LEU HD21 H N N 201 
LEU HD22 H N N 202 
LEU HD23 H N N 203 
LEU HXT  H N N 204 
LYS N    N N N 205 
LYS CA   C N S 206 
LYS C    C N N 207 
LYS O    O N N 208 
LYS CB   C N N 209 
LYS CG   C N N 210 
LYS CD   C N N 211 
LYS CE   C N N 212 
LYS NZ   N N N 213 
LYS OXT  O N N 214 
LYS H    H N N 215 
LYS H2   H N N 216 
LYS HA   H N N 217 
LYS HB2  H N N 218 
LYS HB3  H N N 219 
LYS HG2  H N N 220 
LYS HG3  H N N 221 
LYS HD2  H N N 222 
LYS HD3  H N N 223 
LYS HE2  H N N 224 
LYS HE3  H N N 225 
LYS HZ1  H N N 226 
LYS HZ2  H N N 227 
LYS HZ3  H N N 228 
LYS HXT  H N N 229 
MET N    N N N 230 
MET CA   C N S 231 
MET C    C N N 232 
MET O    O N N 233 
MET CB   C N N 234 
MET CG   C N N 235 
MET SD   S N N 236 
MET CE   C N N 237 
MET OXT  O N N 238 
MET H    H N N 239 
MET H2   H N N 240 
MET HA   H N N 241 
MET HB2  H N N 242 
MET HB3  H N N 243 
MET HG2  H N N 244 
MET HG3  H N N 245 
MET HE1  H N N 246 
MET HE2  H N N 247 
MET HE3  H N N 248 
MET HXT  H N N 249 
PHE N    N N N 250 
PHE CA   C N S 251 
PHE C    C N N 252 
PHE O    O N N 253 
PHE CB   C N N 254 
PHE CG   C Y N 255 
PHE CD1  C Y N 256 
PHE CD2  C Y N 257 
PHE CE1  C Y N 258 
PHE CE2  C Y N 259 
PHE CZ   C Y N 260 
PHE OXT  O N N 261 
PHE H    H N N 262 
PHE H2   H N N 263 
PHE HA   H N N 264 
PHE HB2  H N N 265 
PHE HB3  H N N 266 
PHE HD1  H N N 267 
PHE HD2  H N N 268 
PHE HE1  H N N 269 
PHE HE2  H N N 270 
PHE HZ   H N N 271 
PHE HXT  H N N 272 
PRO N    N N N 273 
PRO CA   C N S 274 
PRO C    C N N 275 
PRO O    O N N 276 
PRO CB   C N N 277 
PRO CG   C N N 278 
PRO CD   C N N 279 
PRO OXT  O N N 280 
PRO H    H N N 281 
PRO HA   H N N 282 
PRO HB2  H N N 283 
PRO HB3  H N N 284 
PRO HG2  H N N 285 
PRO HG3  H N N 286 
PRO HD2  H N N 287 
PRO HD3  H N N 288 
PRO HXT  H N N 289 
SER N    N N N 290 
SER CA   C N S 291 
SER C    C N N 292 
SER O    O N N 293 
SER CB   C N N 294 
SER OG   O N N 295 
SER OXT  O N N 296 
SER H    H N N 297 
SER H2   H N N 298 
SER HA   H N N 299 
SER HB2  H N N 300 
SER HB3  H N N 301 
SER HG   H N N 302 
SER HXT  H N N 303 
THR N    N N N 304 
THR CA   C N S 305 
THR C    C N N 306 
THR O    O N N 307 
THR CB   C N R 308 
THR OG1  O N N 309 
THR CG2  C N N 310 
THR OXT  O N N 311 
THR H    H N N 312 
THR H2   H N N 313 
THR HA   H N N 314 
THR HB   H N N 315 
THR HG1  H N N 316 
THR HG21 H N N 317 
THR HG22 H N N 318 
THR HG23 H N N 319 
THR HXT  H N N 320 
TRP N    N N N 321 
TRP CA   C N S 322 
TRP C    C N N 323 
TRP O    O N N 324 
TRP CB   C N N 325 
TRP CG   C Y N 326 
TRP CD1  C Y N 327 
TRP CD2  C Y N 328 
TRP NE1  N Y N 329 
TRP CE2  C Y N 330 
TRP CE3  C Y N 331 
TRP CZ2  C Y N 332 
TRP CZ3  C Y N 333 
TRP CH2  C Y N 334 
TRP OXT  O N N 335 
TRP H    H N N 336 
TRP H2   H N N 337 
TRP HA   H N N 338 
TRP HB2  H N N 339 
TRP HB3  H N N 340 
TRP HD1  H N N 341 
TRP HE1  H N N 342 
TRP HE3  H N N 343 
TRP HZ2  H N N 344 
TRP HZ3  H N N 345 
TRP HH2  H N N 346 
TRP HXT  H N N 347 
TYR N    N N N 348 
TYR CA   C N S 349 
TYR C    C N N 350 
TYR O    O N N 351 
TYR CB   C N N 352 
TYR CG   C Y N 353 
TYR CD1  C Y N 354 
TYR CD2  C Y N 355 
TYR CE1  C Y N 356 
TYR CE2  C Y N 357 
TYR CZ   C Y N 358 
TYR OH   O N N 359 
TYR OXT  O N N 360 
TYR H    H N N 361 
TYR H2   H N N 362 
TYR HA   H N N 363 
TYR HB2  H N N 364 
TYR HB3  H N N 365 
TYR HD1  H N N 366 
TYR HD2  H N N 367 
TYR HE1  H N N 368 
TYR HE2  H N N 369 
TYR HH   H N N 370 
TYR HXT  H N N 371 
VAL N    N N N 372 
VAL CA   C N S 373 
VAL C    C N N 374 
VAL O    O N N 375 
VAL CB   C N N 376 
VAL CG1  C N N 377 
VAL CG2  C N N 378 
VAL OXT  O N N 379 
VAL H    H N N 380 
VAL H2   H N N 381 
VAL HA   H N N 382 
VAL HB   H N N 383 
VAL HG11 H N N 384 
VAL HG12 H N N 385 
VAL HG13 H N N 386 
VAL HG21 H N N 387 
VAL HG22 H N N 388 
VAL HG23 H N N 389 
VAL HXT  H N N 390 
# 
loop_
_chem_comp_bond.comp_id 
_chem_comp_bond.atom_id_1 
_chem_comp_bond.atom_id_2 
_chem_comp_bond.value_order 
_chem_comp_bond.pdbx_aromatic_flag 
_chem_comp_bond.pdbx_stereo_config 
_chem_comp_bond.pdbx_ordinal 
ALA N   CA   sing N N 1   
ALA N   H    sing N N 2   
ALA N   H2   sing N N 3   
ALA CA  C    sing N N 4   
ALA CA  CB   sing N N 5   
ALA CA  HA   sing N N 6   
ALA C   O    doub N N 7   
ALA C   OXT  sing N N 8   
ALA CB  HB1  sing N N 9   
ALA CB  HB2  sing N N 10  
ALA CB  HB3  sing N N 11  
ALA OXT HXT  sing N N 12  
ARG N   CA   sing N N 13  
ARG N   H    sing N N 14  
ARG N   H2   sing N N 15  
ARG CA  C    sing N N 16  
ARG CA  CB   sing N N 17  
ARG CA  HA   sing N N 18  
ARG C   O    doub N N 19  
ARG C   OXT  sing N N 20  
ARG CB  CG   sing N N 21  
ARG CB  HB2  sing N N 22  
ARG CB  HB3  sing N N 23  
ARG CG  CD   sing N N 24  
ARG CG  HG2  sing N N 25  
ARG CG  HG3  sing N N 26  
ARG CD  NE   sing N N 27  
ARG CD  HD2  sing N N 28  
ARG CD  HD3  sing N N 29  
ARG NE  CZ   sing N N 30  
ARG NE  HE   sing N N 31  
ARG CZ  NH1  sing N N 32  
ARG CZ  NH2  doub N N 33  
ARG NH1 HH11 sing N N 34  
ARG NH1 HH12 sing N N 35  
ARG NH2 HH21 sing N N 36  
ARG NH2 HH22 sing N N 37  
ARG OXT HXT  sing N N 38  
ASN N   CA   sing N N 39  
ASN N   H    sing N N 40  
ASN N   H2   sing N N 41  
ASN CA  C    sing N N 42  
ASN CA  CB   sing N N 43  
ASN CA  HA   sing N N 44  
ASN C   O    doub N N 45  
ASN C   OXT  sing N N 46  
ASN CB  CG   sing N N 47  
ASN CB  HB2  sing N N 48  
ASN CB  HB3  sing N N 49  
ASN CG  OD1  doub N N 50  
ASN CG  ND2  sing N N 51  
ASN ND2 HD21 sing N N 52  
ASN ND2 HD22 sing N N 53  
ASN OXT HXT  sing N N 54  
ASP N   CA   sing N N 55  
ASP N   H    sing N N 56  
ASP N   H2   sing N N 57  
ASP CA  C    sing N N 58  
ASP CA  CB   sing N N 59  
ASP CA  HA   sing N N 60  
ASP C   O    doub N N 61  
ASP C   OXT  sing N N 62  
ASP CB  CG   sing N N 63  
ASP CB  HB2  sing N N 64  
ASP CB  HB3  sing N N 65  
ASP CG  OD1  doub N N 66  
ASP CG  OD2  sing N N 67  
ASP OD2 HD2  sing N N 68  
ASP OXT HXT  sing N N 69  
CYS N   CA   sing N N 70  
CYS N   H    sing N N 71  
CYS N   H2   sing N N 72  
CYS CA  C    sing N N 73  
CYS CA  CB   sing N N 74  
CYS CA  HA   sing N N 75  
CYS C   O    doub N N 76  
CYS C   OXT  sing N N 77  
CYS CB  SG   sing N N 78  
CYS CB  HB2  sing N N 79  
CYS CB  HB3  sing N N 80  
CYS SG  HG   sing N N 81  
CYS OXT HXT  sing N N 82  
GLN N   CA   sing N N 83  
GLN N   H    sing N N 84  
GLN N   H2   sing N N 85  
GLN CA  C    sing N N 86  
GLN CA  CB   sing N N 87  
GLN CA  HA   sing N N 88  
GLN C   O    doub N N 89  
GLN C   OXT  sing N N 90  
GLN CB  CG   sing N N 91  
GLN CB  HB2  sing N N 92  
GLN CB  HB3  sing N N 93  
GLN CG  CD   sing N N 94  
GLN CG  HG2  sing N N 95  
GLN CG  HG3  sing N N 96  
GLN CD  OE1  doub N N 97  
GLN CD  NE2  sing N N 98  
GLN NE2 HE21 sing N N 99  
GLN NE2 HE22 sing N N 100 
GLN OXT HXT  sing N N 101 
GLU N   CA   sing N N 102 
GLU N   H    sing N N 103 
GLU N   H2   sing N N 104 
GLU CA  C    sing N N 105 
GLU CA  CB   sing N N 106 
GLU CA  HA   sing N N 107 
GLU C   O    doub N N 108 
GLU C   OXT  sing N N 109 
GLU CB  CG   sing N N 110 
GLU CB  HB2  sing N N 111 
GLU CB  HB3  sing N N 112 
GLU CG  CD   sing N N 113 
GLU CG  HG2  sing N N 114 
GLU CG  HG3  sing N N 115 
GLU CD  OE1  doub N N 116 
GLU CD  OE2  sing N N 117 
GLU OE2 HE2  sing N N 118 
GLU OXT HXT  sing N N 119 
GLY N   CA   sing N N 120 
GLY N   H    sing N N 121 
GLY N   H2   sing N N 122 
GLY CA  C    sing N N 123 
GLY CA  HA2  sing N N 124 
GLY CA  HA3  sing N N 125 
GLY C   O    doub N N 126 
GLY C   OXT  sing N N 127 
GLY OXT HXT  sing N N 128 
HIS N   CA   sing N N 129 
HIS N   H    sing N N 130 
HIS N   H2   sing N N 131 
HIS CA  C    sing N N 132 
HIS CA  CB   sing N N 133 
HIS CA  HA   sing N N 134 
HIS C   O    doub N N 135 
HIS C   OXT  sing N N 136 
HIS CB  CG   sing N N 137 
HIS CB  HB2  sing N N 138 
HIS CB  HB3  sing N N 139 
HIS CG  ND1  sing Y N 140 
HIS CG  CD2  doub Y N 141 
HIS ND1 CE1  doub Y N 142 
HIS ND1 HD1  sing N N 143 
HIS CD2 NE2  sing Y N 144 
HIS CD2 HD2  sing N N 145 
HIS CE1 NE2  sing Y N 146 
HIS CE1 HE1  sing N N 147 
HIS NE2 HE2  sing N N 148 
HIS OXT HXT  sing N N 149 
HOH O   H1   sing N N 150 
HOH O   H2   sing N N 151 
ILE N   CA   sing N N 152 
ILE N   H    sing N N 153 
ILE N   H2   sing N N 154 
ILE CA  C    sing N N 155 
ILE CA  CB   sing N N 156 
ILE CA  HA   sing N N 157 
ILE C   O    doub N N 158 
ILE C   OXT  sing N N 159 
ILE CB  CG1  sing N N 160 
ILE CB  CG2  sing N N 161 
ILE CB  HB   sing N N 162 
ILE CG1 CD1  sing N N 163 
ILE CG1 HG12 sing N N 164 
ILE CG1 HG13 sing N N 165 
ILE CG2 HG21 sing N N 166 
ILE CG2 HG22 sing N N 167 
ILE CG2 HG23 sing N N 168 
ILE CD1 HD11 sing N N 169 
ILE CD1 HD12 sing N N 170 
ILE CD1 HD13 sing N N 171 
ILE OXT HXT  sing N N 172 
LEU N   CA   sing N N 173 
LEU N   H    sing N N 174 
LEU N   H2   sing N N 175 
LEU CA  C    sing N N 176 
LEU CA  CB   sing N N 177 
LEU CA  HA   sing N N 178 
LEU C   O    doub N N 179 
LEU C   OXT  sing N N 180 
LEU CB  CG   sing N N 181 
LEU CB  HB2  sing N N 182 
LEU CB  HB3  sing N N 183 
LEU CG  CD1  sing N N 184 
LEU CG  CD2  sing N N 185 
LEU CG  HG   sing N N 186 
LEU CD1 HD11 sing N N 187 
LEU CD1 HD12 sing N N 188 
LEU CD1 HD13 sing N N 189 
LEU CD2 HD21 sing N N 190 
LEU CD2 HD22 sing N N 191 
LEU CD2 HD23 sing N N 192 
LEU OXT HXT  sing N N 193 
LYS N   CA   sing N N 194 
LYS N   H    sing N N 195 
LYS N   H2   sing N N 196 
LYS CA  C    sing N N 197 
LYS CA  CB   sing N N 198 
LYS CA  HA   sing N N 199 
LYS C   O    doub N N 200 
LYS C   OXT  sing N N 201 
LYS CB  CG   sing N N 202 
LYS CB  HB2  sing N N 203 
LYS CB  HB3  sing N N 204 
LYS CG  CD   sing N N 205 
LYS CG  HG2  sing N N 206 
LYS CG  HG3  sing N N 207 
LYS CD  CE   sing N N 208 
LYS CD  HD2  sing N N 209 
LYS CD  HD3  sing N N 210 
LYS CE  NZ   sing N N 211 
LYS CE  HE2  sing N N 212 
LYS CE  HE3  sing N N 213 
LYS NZ  HZ1  sing N N 214 
LYS NZ  HZ2  sing N N 215 
LYS NZ  HZ3  sing N N 216 
LYS OXT HXT  sing N N 217 
MET N   CA   sing N N 218 
MET N   H    sing N N 219 
MET N   H2   sing N N 220 
MET CA  C    sing N N 221 
MET CA  CB   sing N N 222 
MET CA  HA   sing N N 223 
MET C   O    doub N N 224 
MET C   OXT  sing N N 225 
MET CB  CG   sing N N 226 
MET CB  HB2  sing N N 227 
MET CB  HB3  sing N N 228 
MET CG  SD   sing N N 229 
MET CG  HG2  sing N N 230 
MET CG  HG3  sing N N 231 
MET SD  CE   sing N N 232 
MET CE  HE1  sing N N 233 
MET CE  HE2  sing N N 234 
MET CE  HE3  sing N N 235 
MET OXT HXT  sing N N 236 
PHE N   CA   sing N N 237 
PHE N   H    sing N N 238 
PHE N   H2   sing N N 239 
PHE CA  C    sing N N 240 
PHE CA  CB   sing N N 241 
PHE CA  HA   sing N N 242 
PHE C   O    doub N N 243 
PHE C   OXT  sing N N 244 
PHE CB  CG   sing N N 245 
PHE CB  HB2  sing N N 246 
PHE CB  HB3  sing N N 247 
PHE CG  CD1  doub Y N 248 
PHE CG  CD2  sing Y N 249 
PHE CD1 CE1  sing Y N 250 
PHE CD1 HD1  sing N N 251 
PHE CD2 CE2  doub Y N 252 
PHE CD2 HD2  sing N N 253 
PHE CE1 CZ   doub Y N 254 
PHE CE1 HE1  sing N N 255 
PHE CE2 CZ   sing Y N 256 
PHE CE2 HE2  sing N N 257 
PHE CZ  HZ   sing N N 258 
PHE OXT HXT  sing N N 259 
PRO N   CA   sing N N 260 
PRO N   CD   sing N N 261 
PRO N   H    sing N N 262 
PRO CA  C    sing N N 263 
PRO CA  CB   sing N N 264 
PRO CA  HA   sing N N 265 
PRO C   O    doub N N 266 
PRO C   OXT  sing N N 267 
PRO CB  CG   sing N N 268 
PRO CB  HB2  sing N N 269 
PRO CB  HB3  sing N N 270 
PRO CG  CD   sing N N 271 
PRO CG  HG2  sing N N 272 
PRO CG  HG3  sing N N 273 
PRO CD  HD2  sing N N 274 
PRO CD  HD3  sing N N 275 
PRO OXT HXT  sing N N 276 
SER N   CA   sing N N 277 
SER N   H    sing N N 278 
SER N   H2   sing N N 279 
SER CA  C    sing N N 280 
SER CA  CB   sing N N 281 
SER CA  HA   sing N N 282 
SER C   O    doub N N 283 
SER C   OXT  sing N N 284 
SER CB  OG   sing N N 285 
SER CB  HB2  sing N N 286 
SER CB  HB3  sing N N 287 
SER OG  HG   sing N N 288 
SER OXT HXT  sing N N 289 
THR N   CA   sing N N 290 
THR N   H    sing N N 291 
THR N   H2   sing N N 292 
THR CA  C    sing N N 293 
THR CA  CB   sing N N 294 
THR CA  HA   sing N N 295 
THR C   O    doub N N 296 
THR C   OXT  sing N N 297 
THR CB  OG1  sing N N 298 
THR CB  CG2  sing N N 299 
THR CB  HB   sing N N 300 
THR OG1 HG1  sing N N 301 
THR CG2 HG21 sing N N 302 
THR CG2 HG22 sing N N 303 
THR CG2 HG23 sing N N 304 
THR OXT HXT  sing N N 305 
TRP N   CA   sing N N 306 
TRP N   H    sing N N 307 
TRP N   H2   sing N N 308 
TRP CA  C    sing N N 309 
TRP CA  CB   sing N N 310 
TRP CA  HA   sing N N 311 
TRP C   O    doub N N 312 
TRP C   OXT  sing N N 313 
TRP CB  CG   sing N N 314 
TRP CB  HB2  sing N N 315 
TRP CB  HB3  sing N N 316 
TRP CG  CD1  doub Y N 317 
TRP CG  CD2  sing Y N 318 
TRP CD1 NE1  sing Y N 319 
TRP CD1 HD1  sing N N 320 
TRP CD2 CE2  doub Y N 321 
TRP CD2 CE3  sing Y N 322 
TRP NE1 CE2  sing Y N 323 
TRP NE1 HE1  sing N N 324 
TRP CE2 CZ2  sing Y N 325 
TRP CE3 CZ3  doub Y N 326 
TRP CE3 HE3  sing N N 327 
TRP CZ2 CH2  doub Y N 328 
TRP CZ2 HZ2  sing N N 329 
TRP CZ3 CH2  sing Y N 330 
TRP CZ3 HZ3  sing N N 331 
TRP CH2 HH2  sing N N 332 
TRP OXT HXT  sing N N 333 
TYR N   CA   sing N N 334 
TYR N   H    sing N N 335 
TYR N   H2   sing N N 336 
TYR CA  C    sing N N 337 
TYR CA  CB   sing N N 338 
TYR CA  HA   sing N N 339 
TYR C   O    doub N N 340 
TYR C   OXT  sing N N 341 
TYR CB  CG   sing N N 342 
TYR CB  HB2  sing N N 343 
TYR CB  HB3  sing N N 344 
TYR CG  CD1  doub Y N 345 
TYR CG  CD2  sing Y N 346 
TYR CD1 CE1  sing Y N 347 
TYR CD1 HD1  sing N N 348 
TYR CD2 CE2  doub Y N 349 
TYR CD2 HD2  sing N N 350 
TYR CE1 CZ   doub Y N 351 
TYR CE1 HE1  sing N N 352 
TYR CE2 CZ   sing Y N 353 
TYR CE2 HE2  sing N N 354 
TYR CZ  OH   sing N N 355 
TYR OH  HH   sing N N 356 
TYR OXT HXT  sing N N 357 
VAL N   CA   sing N N 358 
VAL N   H    sing N N 359 
VAL N   H2   sing N N 360 
VAL CA  C    sing N N 361 
VAL CA  CB   sing N N 362 
VAL CA  HA   sing N N 363 
VAL C   O    doub N N 364 
VAL C   OXT  sing N N 365 
VAL CB  CG1  sing N N 366 
VAL CB  CG2  sing N N 367 
VAL CB  HB   sing N N 368 
VAL CG1 HG11 sing N N 369 
VAL CG1 HG12 sing N N 370 
VAL CG1 HG13 sing N N 371 
VAL CG2 HG21 sing N N 372 
VAL CG2 HG22 sing N N 373 
VAL CG2 HG23 sing N N 374 
VAL OXT HXT  sing N N 375 
# 
_pdbx_entity_nonpoly.entity_id   2 
_pdbx_entity_nonpoly.name        water 
_pdbx_entity_nonpoly.comp_id     HOH 
# 
_pdbx_initial_refinement_model.id               1 
_pdbx_initial_refinement_model.entity_id_list   ? 
_pdbx_initial_refinement_model.type             'experimental model' 
_pdbx_initial_refinement_model.source_name      PDB 
_pdbx_initial_refinement_model.accession_code   2UCZ 
_pdbx_initial_refinement_model.details          'PDB ENTRY 2UCZ' 
# 
